data_2BTE
#
_entry.id   2BTE
#
_cell.length_a   204.121
_cell.length_b   125.705
_cell.length_c   175.432
_cell.angle_alpha   90.00
_cell.angle_beta   120.86
_cell.angle_gamma   90.00
#
_symmetry.space_group_name_H-M   'C 1 2 1'
#
loop_
_entity.id
_entity.type
_entity.pdbx_description
1 polymer 'AMINOACYL-TRNA SYNTHETASE'
2 polymer 'TRNALEU TRANSCRIPT WITH ANTICODON CAG'
3 non-polymer 'ZINC ION'
4 non-polymer 'MERCURY (II) ION'
5 non-polymer 'SULFATE ION'
6 non-polymer NORVALINE
7 non-polymer "2'-AMINO-2'-DEOXYADENOSINE"
8 non-polymer LEUCINE
9 water water
#
loop_
_entity_poly.entity_id
_entity_poly.type
_entity_poly.pdbx_seq_one_letter_code
_entity_poly.pdbx_strand_id
1 'polypeptide(L)'
;MEKYNPHAIEAKWQRFWEEKGFMKAKDLPGGRGKQYVLVMFPYPSGDLHMGHLKNYTMGDVLARFRRMQGYEVLHPMGWD
AFGLPAENAALKFGVHPKDWTYANIRQAKESLRLMGILYDWDREVTTCEPEYYRWNQWIFLKMWEKGLAYRAKGLVNWCP
KCQTVLANEQVVEGRCWRHEDTPVEKRELEQWYLRITAYAERLLKDLEGLNWPEKVKAMQRAWIGRSEGAEILFPVEGKE
VRIPVFTTRPDTLFGATFLVLAPEHPLTLELAAPEKREEVLAYVEAAKRKTEIERQAEGREKTGVFLGAYALNPATGERI
PIWTADYVLFGYGTGAIMAVPAHDQRDYEFARKFGLPIKKVIERPGEPLPEPLERAYEEPGIMVNSGPFDGTESEEGKRK
VIAWLEEKGLGKGRVTYRLRDWLISRQRYWGTPIPMVHCEACGVVPVPEEELPVLLPDLKDVEDIRPKGKSPLEAHPEFY
ETTCPKCGGPAKRDTDTMDTFFDSSWYYLRYTDPHNDRLPFDPEKANAWMPVDQYIGGVEHAVLHLLYSRFFTKFLHDLG
MVKVEEPFQGLFTQGMVLAWTDFGPVEVEGSVVRLPEPTRIRLEIPESALSLEDVRKMGAELRPHEDGTLHLWKPAVMSK
SKGNGVMVGPFVKEQGADIARITILFAAPPENEMVWTEEGVQGAWRFLNRIYRRVAEDREALLETSGVFQAEALEGKDRE
LYGKLHETLKKVTEDLEALRFNTAIAALMEFLNALYEYRKDRPVTPVYRTAIRYYLQMLFPFAPHLAEELWHWFWPDSLF
EAGWPELDEKALEKDVVEVAVQVNGRVRGTIHIPKDAPLEVARAEALKVRNVRAHLEGKEVVKEIYVPGKILNLVVRG
;
A,D
2 'polyribonucleotide'
;GCCGGGGUGGCGGAAUGGGUAGACGCGCAUGACUCAGGAUCAUGUGCGCAAGCGUGCGGGUUCAAGUCCCGCCCCCGGCA
CCA
;
B,E
#
# COMPACT_ATOMS: atom_id res chain seq x y z
N MET A 1 -44.15 10.20 19.48
CA MET A 1 -42.92 10.54 20.23
C MET A 1 -42.30 11.85 19.73
N GLU A 2 -42.16 12.80 20.65
CA GLU A 2 -41.59 14.11 20.36
C GLU A 2 -40.12 13.99 20.01
N LYS A 3 -39.49 15.08 19.59
CA LYS A 3 -38.09 15.01 19.25
C LYS A 3 -37.23 15.99 20.04
N TYR A 4 -35.91 15.87 19.89
CA TYR A 4 -34.99 16.75 20.58
C TYR A 4 -34.95 18.05 19.82
N ASN A 5 -35.15 19.13 20.55
CA ASN A 5 -35.11 20.45 19.97
C ASN A 5 -34.43 21.43 20.91
N PRO A 6 -33.20 21.85 20.56
CA PRO A 6 -32.35 22.78 21.29
C PRO A 6 -33.00 24.11 21.63
N HIS A 7 -33.23 24.92 20.59
CA HIS A 7 -33.83 26.25 20.71
C HIS A 7 -34.94 26.29 21.71
N ALA A 8 -35.80 25.30 21.64
CA ALA A 8 -36.93 25.23 22.55
C ALA A 8 -36.55 25.13 24.02
N ILE A 9 -35.38 24.59 24.35
CA ILE A 9 -35.01 24.47 25.76
C ILE A 9 -33.80 25.20 26.25
N GLU A 10 -32.86 25.43 25.34
CA GLU A 10 -31.61 26.08 25.68
C GLU A 10 -31.73 27.45 26.39
N ALA A 11 -32.02 28.52 25.65
CA ALA A 11 -32.14 29.84 26.26
C ALA A 11 -33.05 29.78 27.49
N LYS A 12 -34.07 28.94 27.41
CA LYS A 12 -35.00 28.79 28.51
C LYS A 12 -34.25 28.57 29.82
N TRP A 13 -33.56 27.43 29.86
CA TRP A 13 -32.79 26.97 31.03
C TRP A 13 -31.68 27.92 31.44
N GLN A 14 -30.98 28.48 30.45
CA GLN A 14 -29.93 29.44 30.72
C GLN A 14 -30.47 30.49 31.68
N ARG A 15 -31.55 31.17 31.28
CA ARG A 15 -32.17 32.17 32.14
C ARG A 15 -32.42 31.59 33.52
N PHE A 16 -33.07 30.44 33.55
CA PHE A 16 -33.37 29.78 34.83
C PHE A 16 -32.20 29.77 35.82
N TRP A 17 -31.00 29.36 35.35
CA TRP A 17 -29.83 29.29 36.23
C TRP A 17 -29.41 30.69 36.65
N GLU A 18 -29.24 31.55 35.66
CA GLU A 18 -28.86 32.94 35.90
C GLU A 18 -29.74 33.54 36.99
N GLU A 19 -31.04 33.41 36.81
CA GLU A 19 -31.99 33.95 37.76
C GLU A 19 -31.95 33.22 39.07
N LYS A 20 -31.85 31.90 39.03
CA LYS A 20 -31.79 31.09 40.26
C LYS A 20 -30.51 31.37 41.04
N GLY A 21 -29.48 31.85 40.34
CA GLY A 21 -28.20 32.16 40.95
C GLY A 21 -27.48 30.97 41.60
N PHE A 22 -27.18 29.95 40.80
CA PHE A 22 -26.51 28.77 41.31
C PHE A 22 -25.00 28.96 41.40
N MET A 23 -24.37 29.43 40.33
CA MET A 23 -22.95 29.63 40.38
C MET A 23 -22.63 30.96 41.01
N LYS A 24 -23.23 31.25 42.16
CA LYS A 24 -22.91 32.49 42.83
C LYS A 24 -21.99 32.07 43.95
N ALA A 25 -20.74 32.49 43.85
CA ALA A 25 -19.74 32.12 44.85
C ALA A 25 -20.03 32.78 46.18
N LYS A 26 -19.96 32.00 47.25
CA LYS A 26 -20.19 32.47 48.61
C LYS A 26 -19.07 33.45 48.97
N ASP A 27 -19.07 34.03 50.17
CA ASP A 27 -17.99 34.96 50.51
C ASP A 27 -16.85 34.30 51.23
N LEU A 28 -17.19 33.46 52.21
CA LEU A 28 -16.17 32.74 52.95
C LEU A 28 -16.62 31.29 53.07
N PRO A 29 -16.14 30.43 52.16
CA PRO A 29 -16.50 29.01 52.16
C PRO A 29 -16.45 28.38 53.55
N GLY A 30 -17.54 27.71 53.93
CA GLY A 30 -17.61 27.07 55.22
C GLY A 30 -16.79 25.81 55.28
N GLY A 31 -17.18 24.88 56.15
CA GLY A 31 -16.45 23.63 56.27
C GLY A 31 -16.85 22.69 55.15
N ARG A 32 -17.53 23.23 54.13
CA ARG A 32 -17.96 22.39 53.03
C ARG A 32 -16.84 22.21 52.00
N GLY A 33 -15.66 22.77 52.29
CA GLY A 33 -14.55 22.65 51.37
C GLY A 33 -14.85 23.44 50.11
N LYS A 34 -13.87 24.19 49.62
CA LYS A 34 -14.08 25.01 48.45
C LYS A 34 -13.35 24.54 47.24
N GLN A 35 -13.68 25.12 46.09
CA GLN A 35 -13.08 24.82 44.80
C GLN A 35 -13.07 26.10 44.03
N TYR A 36 -11.90 26.48 43.54
CA TYR A 36 -11.75 27.70 42.79
C TYR A 36 -11.27 27.28 41.43
N VAL A 37 -12.22 27.24 40.49
CA VAL A 37 -11.95 26.85 39.10
C VAL A 37 -11.86 28.16 38.38
N LEU A 38 -10.84 28.34 37.54
CA LEU A 38 -10.69 29.63 36.86
C LEU A 38 -9.97 29.57 35.54
N VAL A 39 -10.52 30.21 34.50
CA VAL A 39 -9.80 30.21 33.23
C VAL A 39 -9.29 31.61 32.95
N MET A 40 -8.11 31.68 32.32
CA MET A 40 -7.47 32.95 32.03
C MET A 40 -8.48 33.87 31.38
N PHE A 41 -8.67 35.08 31.93
CA PHE A 41 -9.61 35.99 31.31
C PHE A 41 -9.07 36.51 29.98
N PRO A 42 -9.96 36.72 29.00
CA PRO A 42 -9.61 37.19 27.66
C PRO A 42 -9.25 38.64 27.39
N TYR A 43 -8.69 38.87 26.21
CA TYR A 43 -8.33 40.21 25.78
C TYR A 43 -9.49 40.66 24.91
N PRO A 44 -10.26 41.65 25.37
CA PRO A 44 -11.40 42.15 24.58
C PRO A 44 -10.88 42.70 23.25
N SER A 45 -10.77 41.82 22.27
CA SER A 45 -10.30 42.17 20.93
C SER A 45 -10.66 41.03 19.97
N GLY A 46 -11.70 41.24 19.16
CA GLY A 46 -12.11 40.22 18.22
C GLY A 46 -13.40 39.56 18.66
N ASP A 47 -14.02 38.81 17.75
CA ASP A 47 -15.27 38.12 18.04
C ASP A 47 -14.95 36.69 18.50
N LEU A 48 -15.77 36.14 19.39
CA LEU A 48 -15.55 34.79 19.90
C LEU A 48 -16.01 33.67 18.98
N HIS A 49 -15.10 32.79 18.60
CA HIS A 49 -15.49 31.64 17.78
C HIS A 49 -15.31 30.39 18.62
N MET A 50 -15.40 29.23 17.98
CA MET A 50 -15.28 27.97 18.72
C MET A 50 -13.93 27.77 19.33
N GLY A 51 -12.88 28.01 18.55
CA GLY A 51 -11.54 27.88 19.07
C GLY A 51 -11.40 28.55 20.43
N HIS A 52 -12.03 29.68 20.62
CA HIS A 52 -11.93 30.34 21.89
C HIS A 52 -12.74 29.66 22.98
N LEU A 53 -13.81 28.97 22.63
CA LEU A 53 -14.67 28.35 23.64
C LEU A 53 -14.17 27.09 24.33
N LYS A 54 -13.24 26.38 23.71
CA LYS A 54 -12.72 25.16 24.29
C LYS A 54 -12.31 25.31 25.74
N ASN A 55 -11.65 26.40 26.07
CA ASN A 55 -11.23 26.60 27.45
C ASN A 55 -12.36 26.91 28.41
N TYR A 56 -13.32 27.75 28.01
CA TYR A 56 -14.36 28.11 28.97
C TYR A 56 -15.31 26.98 29.23
N THR A 57 -15.51 26.15 28.22
CA THR A 57 -16.39 24.99 28.37
C THR A 57 -15.89 24.12 29.51
N MET A 58 -14.63 23.70 29.37
CA MET A 58 -13.97 22.87 30.36
C MET A 58 -14.14 23.46 31.74
N GLY A 59 -13.92 24.77 31.87
CA GLY A 59 -14.09 25.40 33.16
C GLY A 59 -15.54 25.24 33.61
N ASP A 60 -16.49 25.30 32.65
CA ASP A 60 -17.89 25.15 33.01
C ASP A 60 -18.18 23.69 33.48
N VAL A 61 -17.70 22.72 32.71
CA VAL A 61 -17.91 21.29 33.06
C VAL A 61 -17.43 21.05 34.47
N LEU A 62 -16.21 21.52 34.69
CA LEU A 62 -15.54 21.35 35.94
C LEU A 62 -16.31 22.02 37.03
N ALA A 63 -16.60 23.30 36.84
CA ALA A 63 -17.33 24.04 37.86
C ALA A 63 -18.65 23.37 38.20
N ARG A 64 -19.44 23.03 37.17
CA ARG A 64 -20.75 22.41 37.40
C ARG A 64 -20.59 21.15 38.23
N PHE A 65 -19.65 20.30 37.80
CA PHE A 65 -19.36 19.04 38.47
C PHE A 65 -19.06 19.25 39.95
N ARG A 66 -18.03 20.04 40.21
CA ARG A 66 -17.61 20.33 41.59
C ARG A 66 -18.78 20.87 42.36
N ARG A 67 -19.61 21.66 41.67
CA ARG A 67 -20.77 22.24 42.32
C ARG A 67 -21.72 21.14 42.77
N MET A 68 -22.03 20.19 41.89
CA MET A 68 -22.93 19.11 42.25
C MET A 68 -22.40 18.37 43.46
N GLN A 69 -21.10 18.14 43.51
CA GLN A 69 -20.49 17.43 44.62
C GLN A 69 -20.64 18.09 45.98
N GLY A 70 -21.07 19.35 46.00
CA GLY A 70 -21.22 20.01 47.27
C GLY A 70 -20.17 21.07 47.57
N TYR A 71 -19.04 21.00 46.87
CA TYR A 71 -17.99 21.97 47.09
C TYR A 71 -18.52 23.37 46.84
N GLU A 72 -18.00 24.35 47.56
CA GLU A 72 -18.39 25.73 47.35
C GLU A 72 -17.53 26.13 46.15
N VAL A 73 -18.14 26.32 44.99
CA VAL A 73 -17.38 26.69 43.79
C VAL A 73 -17.33 28.19 43.55
N LEU A 74 -16.22 28.64 42.96
CA LEU A 74 -16.00 30.04 42.60
C LEU A 74 -15.50 29.97 41.17
N HIS A 75 -16.35 30.37 40.23
CA HIS A 75 -16.00 30.30 38.83
C HIS A 75 -16.21 31.69 38.22
N PRO A 76 -15.38 32.66 38.63
CA PRO A 76 -15.36 34.06 38.22
C PRO A 76 -14.99 34.18 36.77
N MET A 77 -15.22 35.36 36.20
CA MET A 77 -14.87 35.69 34.81
C MET A 77 -14.85 37.23 34.72
N GLY A 78 -13.96 37.75 33.87
CA GLY A 78 -13.79 39.19 33.75
C GLY A 78 -13.05 39.58 32.48
N TRP A 79 -12.53 40.80 32.42
CA TRP A 79 -11.87 41.23 31.19
C TRP A 79 -10.49 41.89 31.33
N ASP A 80 -9.53 41.45 30.52
CA ASP A 80 -8.19 42.02 30.54
C ASP A 80 -8.26 43.13 29.50
N ALA A 81 -9.00 44.17 29.86
CA ALA A 81 -9.27 45.31 28.98
C ALA A 81 -8.16 46.33 28.73
N PHE A 82 -7.32 46.58 29.73
CA PHE A 82 -6.25 47.56 29.55
C PHE A 82 -5.02 47.03 28.80
N GLY A 83 -4.16 47.94 28.35
CA GLY A 83 -2.94 47.52 27.69
C GLY A 83 -2.86 47.54 26.18
N LEU A 84 -1.76 47.00 25.65
CA LEU A 84 -1.48 46.94 24.22
C LEU A 84 -2.46 46.08 23.40
N PRO A 85 -2.73 44.84 23.85
CA PRO A 85 -3.65 43.96 23.11
C PRO A 85 -4.94 44.67 22.71
N ALA A 86 -5.64 45.24 23.69
CA ALA A 86 -6.87 45.95 23.41
C ALA A 86 -6.61 47.19 22.55
N GLU A 87 -5.94 48.18 23.11
CA GLU A 87 -5.66 49.42 22.40
C GLU A 87 -5.17 49.23 20.96
N ASN A 88 -4.37 48.20 20.71
CA ASN A 88 -3.88 48.01 19.36
C ASN A 88 -4.99 47.55 18.45
N ALA A 89 -5.96 46.82 19.01
CA ALA A 89 -7.10 46.32 18.23
C ALA A 89 -7.94 47.53 17.82
N ALA A 90 -8.35 48.30 18.82
CA ALA A 90 -9.16 49.49 18.62
C ALA A 90 -8.49 50.41 17.60
N LEU A 91 -7.26 50.83 17.87
CA LEU A 91 -6.54 51.71 16.96
C LEU A 91 -6.51 51.17 15.54
N LYS A 92 -6.53 49.85 15.38
CA LYS A 92 -6.51 49.26 14.05
C LYS A 92 -7.79 49.61 13.30
N PHE A 93 -8.91 49.56 14.00
CA PHE A 93 -10.22 49.89 13.43
C PHE A 93 -10.64 51.34 13.69
N GLY A 94 -9.64 52.21 13.85
CA GLY A 94 -9.89 53.61 14.11
C GLY A 94 -10.93 53.90 15.17
N VAL A 95 -11.13 52.96 16.09
CA VAL A 95 -12.11 53.14 17.15
C VAL A 95 -11.43 53.59 18.44
N HIS A 96 -12.21 54.22 19.30
CA HIS A 96 -11.69 54.69 20.58
C HIS A 96 -11.61 53.51 21.52
N PRO A 97 -10.47 53.32 22.20
CA PRO A 97 -10.34 52.19 23.11
C PRO A 97 -11.53 51.94 24.03
N LYS A 98 -11.96 52.95 24.79
CA LYS A 98 -13.08 52.74 25.70
C LYS A 98 -14.36 52.23 25.03
N ASP A 99 -14.60 52.64 23.79
CA ASP A 99 -15.80 52.20 23.09
C ASP A 99 -15.59 50.76 22.62
N TRP A 100 -14.45 50.52 21.97
CA TRP A 100 -14.09 49.19 21.48
C TRP A 100 -14.10 48.16 22.60
N THR A 101 -13.60 48.55 23.76
CA THR A 101 -13.57 47.63 24.87
C THR A 101 -14.97 47.21 25.26
N TYR A 102 -15.78 48.16 25.69
CA TYR A 102 -17.13 47.81 26.10
C TYR A 102 -17.98 47.16 25.00
N ALA A 103 -17.53 47.29 23.76
CA ALA A 103 -18.24 46.67 22.65
C ALA A 103 -17.98 45.16 22.75
N ASN A 104 -16.72 44.75 22.67
CA ASN A 104 -16.36 43.34 22.79
C ASN A 104 -16.96 42.74 24.07
N ILE A 105 -16.60 43.31 25.21
CA ILE A 105 -17.12 42.78 26.44
C ILE A 105 -18.60 42.43 26.34
N ARG A 106 -19.35 43.25 25.61
CA ARG A 106 -20.79 43.01 25.46
C ARG A 106 -21.01 41.76 24.63
N GLN A 107 -20.41 41.73 23.44
CA GLN A 107 -20.54 40.60 22.52
C GLN A 107 -20.04 39.31 23.21
N ALA A 108 -18.73 39.26 23.45
CA ALA A 108 -18.10 38.12 24.10
C ALA A 108 -18.98 37.57 25.22
N LYS A 109 -19.43 38.45 26.09
CA LYS A 109 -20.26 38.06 27.22
C LYS A 109 -21.56 37.35 26.79
N GLU A 110 -22.02 37.61 25.57
CA GLU A 110 -23.25 37.00 25.06
C GLU A 110 -22.93 35.58 24.62
N SER A 111 -21.84 35.44 23.87
CA SER A 111 -21.40 34.14 23.39
C SER A 111 -21.32 33.18 24.56
N LEU A 112 -20.53 33.53 25.57
CA LEU A 112 -20.41 32.64 26.72
C LEU A 112 -21.79 32.24 27.22
N ARG A 113 -22.71 33.20 27.29
CA ARG A 113 -24.04 32.91 27.79
C ARG A 113 -24.74 31.92 26.87
N LEU A 114 -24.58 32.11 25.58
CA LEU A 114 -25.20 31.24 24.60
C LEU A 114 -24.67 29.82 24.62
N MET A 115 -23.63 29.60 25.41
CA MET A 115 -22.98 28.29 25.48
C MET A 115 -23.34 27.48 26.69
N GLY A 116 -24.13 28.06 27.58
CA GLY A 116 -24.52 27.34 28.76
C GLY A 116 -23.55 27.60 29.88
N ILE A 117 -22.55 28.43 29.63
CA ILE A 117 -21.55 28.71 30.65
C ILE A 117 -22.05 29.63 31.77
N LEU A 118 -21.79 29.26 33.01
CA LEU A 118 -22.23 30.06 34.16
C LEU A 118 -21.11 30.59 35.02
N TYR A 119 -21.06 31.90 35.19
CA TYR A 119 -20.07 32.49 36.04
C TYR A 119 -20.80 33.11 37.19
N ASP A 120 -20.09 33.82 38.05
CA ASP A 120 -20.69 34.52 39.18
C ASP A 120 -20.31 35.93 38.83
N TRP A 121 -21.08 36.50 37.91
CA TRP A 121 -20.81 37.85 37.44
C TRP A 121 -20.85 38.96 38.49
N ASP A 122 -21.28 38.66 39.71
CA ASP A 122 -21.28 39.69 40.74
C ASP A 122 -19.81 40.00 41.01
N ARG A 123 -18.92 39.29 40.32
CA ARG A 123 -17.49 39.47 40.52
C ARG A 123 -16.73 39.89 39.29
N GLU A 124 -17.46 40.23 38.24
CA GLU A 124 -16.85 40.65 36.99
C GLU A 124 -15.88 41.75 37.28
N VAL A 125 -14.79 41.83 36.52
CA VAL A 125 -13.81 42.88 36.72
C VAL A 125 -13.24 43.38 35.41
N THR A 126 -13.21 44.71 35.25
CA THR A 126 -12.65 45.24 34.03
C THR A 126 -11.37 45.96 34.42
N THR A 127 -10.25 45.49 33.87
CA THR A 127 -8.97 46.06 34.23
C THR A 127 -8.84 47.53 33.96
N CYS A 128 -9.37 48.02 32.84
CA CYS A 128 -9.19 49.44 32.55
C CYS A 128 -10.04 50.43 33.35
N GLU A 129 -10.95 49.94 34.18
CA GLU A 129 -11.77 50.82 34.98
C GLU A 129 -11.07 51.34 36.23
N PRO A 130 -11.17 52.66 36.50
CA PRO A 130 -10.55 53.28 37.68
C PRO A 130 -10.77 52.49 38.96
N GLU A 131 -11.93 51.88 39.09
CA GLU A 131 -12.25 51.08 40.27
C GLU A 131 -11.23 49.96 40.48
N TYR A 132 -10.59 49.55 39.39
CA TYR A 132 -9.61 48.48 39.43
C TYR A 132 -8.16 48.97 39.44
N TYR A 133 -7.71 49.58 38.36
CA TYR A 133 -6.34 50.06 38.31
C TYR A 133 -6.01 51.01 39.45
N ARG A 134 -7.03 51.42 40.16
CA ARG A 134 -6.83 52.27 41.31
C ARG A 134 -5.72 51.54 42.08
N TRP A 135 -6.02 50.27 42.35
CA TRP A 135 -5.15 49.37 43.08
C TRP A 135 -3.84 48.99 42.39
N ASN A 136 -3.82 48.92 41.07
CA ASN A 136 -2.55 48.63 40.44
C ASN A 136 -1.61 49.67 40.99
N GLN A 137 -2.09 50.91 41.09
CA GLN A 137 -1.26 51.98 41.58
C GLN A 137 -0.95 51.84 43.06
N TRP A 138 -1.91 51.37 43.85
CA TRP A 138 -1.66 51.19 45.27
C TRP A 138 -0.61 50.11 45.51
N ILE A 139 -0.58 49.14 44.61
CA ILE A 139 0.38 48.06 44.71
C ILE A 139 1.71 48.65 44.33
N PHE A 140 1.77 49.23 43.14
CA PHE A 140 2.99 49.87 42.67
C PHE A 140 3.62 50.74 43.76
N LEU A 141 2.81 51.48 44.51
CA LEU A 141 3.38 52.30 45.55
C LEU A 141 4.01 51.42 46.62
N LYS A 142 3.27 50.44 47.11
CA LYS A 142 3.79 49.54 48.13
C LYS A 142 5.07 48.86 47.67
N MET A 143 5.21 48.66 46.36
CA MET A 143 6.40 48.03 45.85
C MET A 143 7.52 49.06 45.96
N TRP A 144 7.22 50.31 45.62
CA TRP A 144 8.18 51.42 45.69
C TRP A 144 8.70 51.65 47.12
N GLU A 145 7.80 51.65 48.09
CA GLU A 145 8.23 51.87 49.47
C GLU A 145 9.20 50.78 49.91
N LYS A 146 9.13 49.63 49.24
CA LYS A 146 10.00 48.51 49.57
C LYS A 146 11.10 48.42 48.52
N GLY A 147 11.37 49.56 47.89
CA GLY A 147 12.41 49.63 46.87
C GLY A 147 12.38 48.56 45.81
N LEU A 148 11.19 48.13 45.38
CA LEU A 148 11.12 47.10 44.35
C LEU A 148 10.86 47.69 43.00
N ALA A 149 10.47 48.95 42.98
CA ALA A 149 10.20 49.63 41.72
C ALA A 149 11.19 50.77 41.63
N TYR A 150 11.73 51.01 40.44
CA TYR A 150 12.71 52.07 40.31
C TYR A 150 12.90 52.48 38.86
N ARG A 151 13.60 53.58 38.64
CA ARG A 151 13.87 54.07 37.30
C ARG A 151 15.32 53.82 36.99
N ALA A 152 15.66 53.77 35.70
CA ALA A 152 17.03 53.54 35.32
C ALA A 152 17.19 53.72 33.83
N LYS A 153 18.29 54.34 33.44
CA LYS A 153 18.57 54.59 32.04
C LYS A 153 19.32 53.39 31.44
N GLY A 154 19.36 53.32 30.11
CA GLY A 154 20.05 52.22 29.45
C GLY A 154 19.33 51.78 28.20
N LEU A 155 19.94 50.91 27.40
CA LEU A 155 19.28 50.44 26.19
C LEU A 155 18.08 49.57 26.58
N VAL A 156 16.98 49.69 25.83
CA VAL A 156 15.77 48.91 26.07
C VAL A 156 15.21 48.42 24.74
N ASN A 157 14.29 47.46 24.78
CA ASN A 157 13.71 46.93 23.54
C ASN A 157 12.61 47.86 23.05
N TRP A 158 12.62 48.14 21.75
CA TRP A 158 11.63 49.02 21.18
C TRP A 158 10.91 48.40 19.98
N CYS A 159 9.57 48.40 20.03
CA CYS A 159 8.80 47.86 18.92
C CYS A 159 8.32 49.04 18.08
N PRO A 160 8.89 49.20 16.87
CA PRO A 160 8.44 50.31 16.03
C PRO A 160 6.93 50.39 15.87
N LYS A 161 6.30 49.29 15.49
CA LYS A 161 4.85 49.26 15.33
C LYS A 161 4.15 49.69 16.62
N CYS A 162 4.32 48.94 17.71
CA CYS A 162 3.71 49.30 18.99
C CYS A 162 4.08 50.75 19.38
N GLN A 163 5.25 51.19 18.91
CA GLN A 163 5.78 52.53 19.22
C GLN A 163 5.98 52.73 20.73
N THR A 164 6.40 51.67 21.40
CA THR A 164 6.66 51.70 22.85
C THR A 164 7.73 50.65 23.20
N VAL A 165 8.17 50.64 24.46
CA VAL A 165 9.17 49.68 24.89
C VAL A 165 8.47 48.39 25.29
N LEU A 166 9.20 47.27 25.20
CA LEU A 166 8.65 45.97 25.55
C LEU A 166 9.52 45.32 26.62
N ALA A 167 8.91 44.57 27.53
CA ALA A 167 9.70 43.88 28.55
C ALA A 167 10.49 42.80 27.77
N ASN A 168 11.50 42.20 28.39
CA ASN A 168 12.28 41.18 27.69
C ASN A 168 11.39 40.00 27.35
N GLU A 169 10.44 39.71 28.25
CA GLU A 169 9.48 38.60 28.09
C GLU A 169 8.47 38.84 26.98
N GLN A 170 8.52 40.02 26.37
CA GLN A 170 7.59 40.34 25.31
C GLN A 170 8.35 40.32 24.02
N VAL A 171 9.53 39.71 24.04
CA VAL A 171 10.35 39.63 22.84
C VAL A 171 10.59 38.19 22.42
N VAL A 172 9.59 37.62 21.75
CA VAL A 172 9.65 36.24 21.29
C VAL A 172 10.51 36.12 20.05
N GLU A 173 11.66 35.48 20.19
CA GLU A 173 12.55 35.32 19.03
C GLU A 173 12.93 36.68 18.47
N GLY A 174 13.34 37.59 19.36
CA GLY A 174 13.72 38.92 18.91
C GLY A 174 12.67 39.61 18.05
N ARG A 175 11.41 39.37 18.38
CA ARG A 175 10.29 39.97 17.68
C ARG A 175 9.21 40.26 18.69
N CYS A 176 8.25 41.10 18.33
CA CYS A 176 7.18 41.45 19.26
C CYS A 176 6.19 40.29 19.44
N TRP A 177 5.86 40.00 20.70
CA TRP A 177 4.92 38.92 21.00
C TRP A 177 3.59 39.12 20.29
N ARG A 178 3.30 40.37 19.92
CA ARG A 178 2.06 40.69 19.23
C ARG A 178 2.30 40.74 17.72
N HIS A 179 3.36 41.42 17.30
CA HIS A 179 3.70 41.53 15.88
C HIS A 179 4.91 40.64 15.60
N GLU A 180 4.68 39.36 15.36
CA GLU A 180 5.79 38.46 15.11
C GLU A 180 6.45 38.74 13.75
N ASP A 181 6.05 39.84 13.13
CA ASP A 181 6.55 40.27 11.82
C ASP A 181 7.37 41.55 11.96
N THR A 182 7.54 42.01 13.19
CA THR A 182 8.26 43.25 13.46
C THR A 182 9.45 42.99 14.36
N PRO A 183 10.67 43.13 13.83
CA PRO A 183 11.94 42.92 14.56
C PRO A 183 12.17 43.99 15.60
N VAL A 184 12.18 43.59 16.88
CA VAL A 184 12.41 44.53 17.97
C VAL A 184 13.77 45.22 17.83
N GLU A 185 13.82 46.48 18.23
CA GLU A 185 15.06 47.26 18.14
C GLU A 185 15.48 47.75 19.50
N LYS A 186 16.70 48.29 19.56
CA LYS A 186 17.24 48.80 20.82
C LYS A 186 17.27 50.31 20.84
N ARG A 187 16.98 50.88 22.01
CA ARG A 187 17.00 52.33 22.19
C ARG A 187 17.39 52.75 23.59
N GLU A 188 18.01 53.92 23.67
CA GLU A 188 18.48 54.49 24.94
C GLU A 188 17.29 55.21 25.57
N LEU A 189 16.98 54.89 26.82
CA LEU A 189 15.84 55.52 27.43
C LEU A 189 15.77 55.25 28.92
N GLU A 190 15.04 56.09 29.64
CA GLU A 190 14.94 55.85 31.06
C GLU A 190 13.53 55.38 31.41
N GLN A 191 13.40 54.13 31.83
CA GLN A 191 12.12 53.54 32.16
C GLN A 191 12.01 53.09 33.60
N TRP A 192 10.84 52.52 33.93
CA TRP A 192 10.60 52.02 35.27
C TRP A 192 10.81 50.53 35.25
N TYR A 193 11.20 49.98 36.40
CA TYR A 193 11.48 48.56 36.52
C TYR A 193 11.02 48.00 37.83
N LEU A 194 10.62 46.74 37.79
CA LEU A 194 10.22 46.07 39.02
C LEU A 194 11.33 45.04 39.27
N ARG A 195 11.89 45.09 40.48
CA ARG A 195 13.00 44.25 40.91
C ARG A 195 12.55 42.83 41.12
N ILE A 196 12.11 42.21 40.05
CA ILE A 196 11.63 40.85 40.15
C ILE A 196 12.80 39.97 40.54
N THR A 197 13.99 40.32 40.04
CA THR A 197 15.20 39.59 40.33
C THR A 197 15.41 39.42 41.84
N ALA A 198 14.81 40.27 42.66
CA ALA A 198 14.98 40.12 44.11
C ALA A 198 14.22 38.89 44.61
N TYR A 199 13.54 38.22 43.67
CA TYR A 199 12.74 37.04 43.95
C TYR A 199 13.21 35.86 43.08
N ALA A 200 14.34 36.02 42.40
CA ALA A 200 14.86 34.99 41.51
C ALA A 200 15.08 33.63 42.19
N GLU A 201 15.54 33.63 43.43
CA GLU A 201 15.74 32.37 44.08
C GLU A 201 14.38 31.71 44.33
N ARG A 202 13.55 32.31 45.17
CA ARG A 202 12.22 31.76 45.46
C ARG A 202 11.45 31.40 44.18
N LEU A 203 11.48 32.27 43.18
CA LEU A 203 10.75 31.97 41.96
C LEU A 203 11.18 30.65 41.37
N LEU A 204 12.37 30.20 41.72
CA LEU A 204 12.89 28.94 41.20
C LEU A 204 12.69 27.80 42.18
N LYS A 205 13.14 28.01 43.40
CA LYS A 205 13.05 27.00 44.44
C LYS A 205 11.62 26.51 44.67
N ASP A 206 10.64 27.34 44.36
CA ASP A 206 9.26 26.95 44.60
C ASP A 206 8.61 26.22 43.44
N LEU A 207 9.30 26.18 42.31
CA LEU A 207 8.77 25.47 41.16
C LEU A 207 8.84 23.99 41.41
N GLU A 208 9.65 23.58 42.38
CA GLU A 208 9.83 22.16 42.70
C GLU A 208 8.58 21.38 43.02
N GLY A 209 8.07 21.53 44.23
CA GLY A 209 6.87 20.79 44.56
C GLY A 209 5.60 21.32 43.91
N LEU A 210 5.65 21.66 42.62
CA LEU A 210 4.49 22.21 41.94
C LEU A 210 3.88 21.28 40.89
N ASN A 211 2.56 21.14 40.94
CA ASN A 211 1.85 20.31 40.00
C ASN A 211 1.52 21.03 38.68
N TRP A 212 2.55 21.41 37.91
CA TRP A 212 2.32 22.10 36.64
C TRP A 212 2.91 21.30 35.51
N PRO A 213 2.60 21.69 34.26
CA PRO A 213 3.15 20.98 33.12
C PRO A 213 4.67 21.09 33.13
N GLU A 214 5.33 20.00 32.79
CA GLU A 214 6.76 20.01 32.73
C GLU A 214 7.17 21.17 31.83
N LYS A 215 6.72 21.17 30.59
CA LYS A 215 7.09 22.23 29.65
C LYS A 215 7.19 23.62 30.28
N VAL A 216 6.16 24.04 31.00
CA VAL A 216 6.16 25.34 31.63
C VAL A 216 7.34 25.45 32.59
N LYS A 217 7.35 24.60 33.62
CA LYS A 217 8.41 24.55 34.63
C LYS A 217 9.78 24.64 33.98
N ALA A 218 9.99 23.82 32.95
CA ALA A 218 11.27 23.83 32.29
C ALA A 218 11.56 25.28 31.90
N MET A 219 10.77 25.81 30.97
CA MET A 219 10.90 27.17 30.48
C MET A 219 11.23 28.23 31.54
N GLN A 220 10.55 28.19 32.69
CA GLN A 220 10.83 29.19 33.72
C GLN A 220 12.25 29.01 34.24
N ARG A 221 12.66 27.77 34.45
CA ARG A 221 14.00 27.49 34.93
C ARG A 221 15.03 28.04 33.95
N ALA A 222 14.73 27.95 32.66
CA ALA A 222 15.65 28.47 31.66
C ALA A 222 15.62 29.99 31.67
N TRP A 223 14.44 30.57 31.89
CA TRP A 223 14.30 32.02 31.90
C TRP A 223 14.96 32.63 33.12
N ILE A 224 14.87 31.94 34.24
CA ILE A 224 15.50 32.44 35.47
C ILE A 224 17.00 32.26 35.34
N GLY A 225 17.40 31.19 34.66
CA GLY A 225 18.81 30.89 34.40
C GLY A 225 19.85 30.94 35.51
N ARG A 226 19.52 30.42 36.69
CA ARG A 226 20.49 30.41 37.79
C ARG A 226 21.78 29.75 37.35
N SER A 227 22.91 30.26 37.84
CA SER A 227 24.21 29.73 37.45
C SER A 227 25.24 29.99 38.54
N GLU A 228 25.68 28.94 39.22
CA GLU A 228 26.67 29.07 40.30
C GLU A 228 28.07 29.29 39.73
N GLY A 229 28.86 30.12 40.41
CA GLY A 229 30.20 30.38 39.91
C GLY A 229 31.04 31.31 40.76
N ALA A 230 31.80 32.18 40.09
CA ALA A 230 32.63 33.12 40.80
C ALA A 230 32.86 34.44 40.08
N GLU A 231 33.02 35.49 40.88
CA GLU A 231 33.28 36.83 40.40
C GLU A 231 34.74 37.09 40.64
N ILE A 232 35.48 37.26 39.56
CA ILE A 232 36.92 37.48 39.61
C ILE A 232 37.24 38.92 39.21
N LEU A 233 38.16 39.54 39.95
CA LEU A 233 38.56 40.92 39.68
C LEU A 233 39.88 41.04 38.95
N PHE A 234 39.84 41.56 37.73
CA PHE A 234 41.03 41.75 36.92
C PHE A 234 41.50 43.20 37.02
N PRO A 235 42.69 43.43 37.61
CA PRO A 235 43.20 44.80 37.74
C PRO A 235 43.59 45.40 36.38
N VAL A 236 43.11 46.60 36.07
CA VAL A 236 43.48 47.20 34.78
C VAL A 236 44.88 47.80 34.88
N GLU A 237 45.62 47.74 33.77
CA GLU A 237 46.98 48.27 33.76
C GLU A 237 47.03 49.78 33.69
N GLY A 238 47.83 50.35 34.59
CA GLY A 238 48.00 51.78 34.65
C GLY A 238 46.98 52.46 35.53
N LYS A 239 45.72 52.09 35.39
CA LYS A 239 44.67 52.72 36.18
C LYS A 239 44.46 52.10 37.56
N GLU A 240 43.48 52.63 38.28
CA GLU A 240 43.15 52.20 39.64
C GLU A 240 41.99 51.21 39.68
N VAL A 241 41.08 51.37 38.72
CA VAL A 241 39.89 50.53 38.59
C VAL A 241 40.17 49.06 38.30
N ARG A 242 39.42 48.18 38.93
CA ARG A 242 39.56 46.75 38.69
C ARG A 242 38.29 46.25 38.02
N ILE A 243 38.42 45.53 36.91
CA ILE A 243 37.27 44.98 36.19
C ILE A 243 36.84 43.61 36.70
N PRO A 244 35.57 43.46 37.13
CA PRO A 244 35.08 42.16 37.63
C PRO A 244 34.42 41.36 36.51
N VAL A 245 34.42 40.05 36.62
CA VAL A 245 33.80 39.18 35.62
C VAL A 245 33.15 37.98 36.30
N PHE A 246 32.19 37.38 35.62
CA PHE A 246 31.56 36.19 36.18
C PHE A 246 31.98 34.95 35.38
N THR A 247 32.09 33.82 36.07
CA THR A 247 32.45 32.58 35.41
C THR A 247 32.09 31.37 36.25
N THR A 248 31.84 30.28 35.57
CA THR A 248 31.47 29.03 36.21
C THR A 248 32.66 28.11 36.15
N ARG A 249 33.73 28.57 35.50
CA ARG A 249 34.94 27.78 35.36
C ARG A 249 36.15 28.51 35.93
N PRO A 250 36.09 28.86 37.22
CA PRO A 250 37.23 29.56 37.84
C PRO A 250 38.49 28.70 37.75
N ASP A 251 38.31 27.39 37.56
CA ASP A 251 39.44 26.46 37.46
C ASP A 251 40.27 26.69 36.21
N THR A 252 39.81 27.57 35.32
CA THR A 252 40.56 27.81 34.11
C THR A 252 41.10 29.22 34.07
N LEU A 253 41.11 29.85 35.24
CA LEU A 253 41.59 31.22 35.39
C LEU A 253 42.93 31.48 34.74
N PHE A 254 43.86 30.54 34.85
CA PHE A 254 45.17 30.75 34.24
C PHE A 254 45.04 30.70 32.72
N GLY A 255 43.88 30.26 32.23
CA GLY A 255 43.67 30.18 30.80
C GLY A 255 43.24 31.50 30.18
N ALA A 256 42.80 32.42 31.04
CA ALA A 256 42.34 33.75 30.63
C ALA A 256 43.40 34.49 29.84
N THR A 257 43.21 34.60 28.53
CA THR A 257 44.19 35.29 27.71
C THR A 257 43.77 36.67 27.24
N PHE A 258 42.57 37.08 27.64
CA PHE A 258 42.07 38.41 27.29
C PHE A 258 40.67 38.62 27.83
N LEU A 259 40.36 39.85 28.20
CA LEU A 259 39.03 40.14 28.73
C LEU A 259 38.16 40.73 27.62
N VAL A 260 36.84 40.63 27.80
CA VAL A 260 35.93 41.19 26.82
C VAL A 260 34.79 41.94 27.51
N LEU A 261 34.58 43.18 27.09
CA LEU A 261 33.55 44.03 27.67
C LEU A 261 32.38 44.27 26.70
N ALA A 262 31.17 44.30 27.26
CA ALA A 262 29.96 44.54 26.46
C ALA A 262 30.05 45.94 25.85
N PRO A 263 29.65 46.07 24.58
CA PRO A 263 29.70 47.35 23.90
C PRO A 263 29.05 48.48 24.69
N GLU A 264 28.23 48.11 25.67
CA GLU A 264 27.55 49.11 26.48
C GLU A 264 28.15 49.20 27.87
N HIS A 265 29.30 48.56 28.07
CA HIS A 265 29.93 48.61 29.38
C HIS A 265 30.56 49.98 29.58
N PRO A 266 30.49 50.50 30.79
CA PRO A 266 31.05 51.79 31.15
C PRO A 266 32.49 51.96 30.66
N LEU A 267 33.37 51.06 31.14
CA LEU A 267 34.77 51.10 30.79
C LEU A 267 35.09 50.91 29.31
N THR A 268 34.13 50.44 28.53
CA THR A 268 34.40 50.23 27.11
C THR A 268 34.90 51.51 26.44
N LEU A 269 34.47 52.66 26.94
CA LEU A 269 34.91 53.94 26.36
C LEU A 269 35.88 54.67 27.25
N GLU A 270 35.76 54.44 28.55
CA GLU A 270 36.63 55.10 29.50
C GLU A 270 37.98 54.41 29.60
N LEU A 271 38.25 53.46 28.72
CA LEU A 271 39.51 52.73 28.71
C LEU A 271 40.12 52.73 27.35
N ALA A 272 39.29 52.83 26.32
CA ALA A 272 39.75 52.86 24.95
C ALA A 272 40.72 54.01 24.71
N ALA A 273 41.95 53.67 24.32
CA ALA A 273 42.98 54.68 24.05
C ALA A 273 42.50 55.66 22.97
N PRO A 274 42.89 56.94 23.09
CA PRO A 274 42.52 58.00 22.14
C PRO A 274 42.59 57.59 20.68
N GLU A 275 43.67 56.91 20.30
CA GLU A 275 43.87 56.48 18.92
C GLU A 275 42.83 55.45 18.49
N LYS A 276 42.18 54.84 19.47
CA LYS A 276 41.14 53.85 19.20
C LYS A 276 39.77 54.45 19.52
N ARG A 277 39.77 55.42 20.44
CA ARG A 277 38.56 56.11 20.90
C ARG A 277 37.53 56.34 19.80
N GLU A 278 38.00 56.55 18.58
CA GLU A 278 37.08 56.78 17.49
C GLU A 278 36.52 55.47 16.97
N GLU A 279 37.38 54.48 16.75
CA GLU A 279 36.97 53.16 16.26
C GLU A 279 35.99 52.46 17.22
N VAL A 280 36.18 52.67 18.53
CA VAL A 280 35.32 52.07 19.53
C VAL A 280 33.92 52.68 19.49
N LEU A 281 33.87 54.00 19.51
CA LEU A 281 32.59 54.71 19.45
C LEU A 281 31.81 54.31 18.23
N ALA A 282 32.52 53.97 17.16
CA ALA A 282 31.90 53.58 15.91
C ALA A 282 31.20 52.23 16.05
N TYR A 283 31.94 51.26 16.57
CA TYR A 283 31.42 49.93 16.76
C TYR A 283 30.42 49.85 17.91
N VAL A 284 30.72 50.51 19.02
CA VAL A 284 29.83 50.50 20.17
C VAL A 284 28.40 50.87 19.76
N GLU A 285 28.27 51.90 18.94
CA GLU A 285 26.95 52.35 18.49
C GLU A 285 26.49 51.49 17.32
N ALA A 286 27.43 50.79 16.70
CA ALA A 286 27.09 49.92 15.59
C ALA A 286 26.37 48.67 16.10
N ALA A 287 26.84 48.15 17.23
CA ALA A 287 26.24 46.96 17.86
C ALA A 287 24.86 47.30 18.37
N LYS A 288 24.66 48.57 18.69
CA LYS A 288 23.39 49.08 19.19
C LYS A 288 22.32 48.97 18.12
N ARG A 289 22.52 49.66 17.01
CA ARG A 289 21.55 49.62 15.92
C ARG A 289 21.39 48.24 15.32
N LYS A 290 22.23 47.30 15.73
CA LYS A 290 22.12 45.93 15.21
C LYS A 290 21.03 45.20 15.97
N THR A 291 19.97 44.82 15.25
CA THR A 291 18.84 44.12 15.89
C THR A 291 19.24 42.69 16.22
N GLU A 292 18.63 42.14 17.26
CA GLU A 292 18.92 40.78 17.69
C GLU A 292 18.88 39.85 16.48
N ILE A 293 17.91 40.07 15.61
CA ILE A 293 17.76 39.26 14.41
C ILE A 293 19.00 39.36 13.55
N GLU A 294 19.53 40.57 13.44
CA GLU A 294 20.71 40.83 12.65
C GLU A 294 21.93 40.15 13.28
N ARG A 295 21.95 40.12 14.61
CA ARG A 295 23.04 39.49 15.33
C ARG A 295 23.01 38.00 15.07
N GLN A 296 21.87 37.39 15.37
CA GLN A 296 21.71 35.95 15.16
C GLN A 296 21.86 35.52 13.71
N ALA A 297 22.17 36.45 12.82
CA ALA A 297 22.34 36.09 11.42
C ALA A 297 23.82 36.01 11.05
N GLU A 298 24.69 36.24 12.03
CA GLU A 298 26.14 36.20 11.81
C GLU A 298 26.72 34.82 12.12
N GLY A 299 25.96 34.01 12.83
CA GLY A 299 26.41 32.66 13.18
C GLY A 299 27.49 32.65 14.26
N ARG A 300 28.73 32.47 13.82
CA ARG A 300 29.86 32.44 14.74
C ARG A 300 30.90 33.47 14.33
N GLU A 301 30.61 34.18 13.24
CA GLU A 301 31.51 35.22 12.76
C GLU A 301 31.24 36.48 13.58
N LYS A 302 31.28 36.34 14.90
CA LYS A 302 31.05 37.47 15.80
C LYS A 302 32.07 38.58 15.54
N THR A 303 31.69 39.80 15.89
CA THR A 303 32.59 40.93 15.69
C THR A 303 33.17 41.40 17.02
N GLY A 304 34.23 42.19 16.93
CA GLY A 304 34.88 42.71 18.12
C GLY A 304 35.92 43.75 17.79
N VAL A 305 36.32 44.52 18.79
CA VAL A 305 37.31 45.57 18.58
C VAL A 305 38.24 45.73 19.78
N PHE A 306 39.52 45.90 19.48
CA PHE A 306 40.50 46.06 20.54
C PHE A 306 40.53 47.48 21.08
N LEU A 307 40.18 47.63 22.35
CA LEU A 307 40.14 48.92 23.00
C LEU A 307 41.47 49.68 22.92
N GLY A 308 42.51 49.12 23.52
CA GLY A 308 43.79 49.77 23.51
C GLY A 308 44.28 49.82 24.93
N ALA A 309 43.64 49.05 25.80
CA ALA A 309 44.06 48.99 27.19
C ALA A 309 44.30 47.53 27.50
N TYR A 310 44.99 47.26 28.60
CA TYR A 310 45.32 45.90 28.99
C TYR A 310 44.95 45.69 30.44
N ALA A 311 44.89 44.43 30.84
CA ALA A 311 44.58 44.11 32.23
C ALA A 311 45.55 43.05 32.71
N LEU A 312 45.65 42.89 34.03
CA LEU A 312 46.56 41.90 34.58
C LEU A 312 45.83 40.68 35.10
N ASN A 313 46.24 39.52 34.63
CA ASN A 313 45.64 38.26 35.07
C ASN A 313 45.95 38.05 36.54
N PRO A 314 44.99 38.33 37.43
CA PRO A 314 45.24 38.15 38.86
C PRO A 314 45.80 36.79 39.25
N ALA A 315 45.94 35.89 38.28
CA ALA A 315 46.48 34.57 38.58
C ALA A 315 47.94 34.48 38.17
N THR A 316 48.23 34.79 36.92
CA THR A 316 49.60 34.73 36.43
C THR A 316 50.28 36.09 36.55
N GLY A 317 49.50 37.13 36.25
CA GLY A 317 50.03 38.48 36.33
C GLY A 317 50.39 39.05 34.97
N GLU A 318 50.23 38.26 33.90
CA GLU A 318 50.57 38.76 32.58
C GLU A 318 49.55 39.75 32.06
N ARG A 319 49.98 40.63 31.16
CA ARG A 319 49.08 41.63 30.61
C ARG A 319 48.26 41.09 29.46
N ILE A 320 46.95 41.03 29.64
CA ILE A 320 46.07 40.56 28.58
C ILE A 320 45.35 41.76 27.99
N PRO A 321 45.12 41.73 26.67
CA PRO A 321 44.43 42.81 25.97
C PRO A 321 42.95 42.84 26.33
N ILE A 322 42.34 44.02 26.23
CA ILE A 322 40.93 44.17 26.54
C ILE A 322 40.16 44.54 25.29
N TRP A 323 39.20 43.70 24.97
CA TRP A 323 38.37 43.87 23.79
C TRP A 323 36.92 44.16 24.12
N THR A 324 36.14 44.33 23.08
CA THR A 324 34.72 44.55 23.26
C THR A 324 34.03 43.89 22.09
N ALA A 325 33.00 43.12 22.41
CA ALA A 325 32.26 42.40 21.39
C ALA A 325 30.81 42.26 21.80
N ASP A 326 29.92 42.40 20.82
CA ASP A 326 28.49 42.30 21.04
C ASP A 326 28.04 40.96 21.63
N TYR A 327 28.79 39.90 21.37
CA TYR A 327 28.41 38.60 21.89
C TYR A 327 28.38 38.63 23.43
N VAL A 328 28.92 39.69 24.02
CA VAL A 328 28.90 39.81 25.47
C VAL A 328 27.69 40.65 25.86
N LEU A 329 26.95 40.16 26.84
CA LEU A 329 25.76 40.86 27.26
C LEU A 329 25.98 41.80 28.43
N PHE A 330 25.76 43.09 28.21
CA PHE A 330 25.92 44.01 29.31
C PHE A 330 24.96 43.62 30.44
N GLY A 331 23.81 43.07 30.09
CA GLY A 331 22.86 42.68 31.12
C GLY A 331 23.09 41.38 31.86
N TYR A 332 24.12 40.63 31.48
CA TYR A 332 24.41 39.36 32.15
C TYR A 332 25.67 39.42 33.00
N GLY A 333 25.61 38.79 34.16
CA GLY A 333 26.74 38.74 35.06
C GLY A 333 27.26 40.11 35.44
N THR A 334 28.27 40.58 34.72
CA THR A 334 28.88 41.88 34.97
C THR A 334 29.22 42.58 33.67
N GLY A 335 28.58 42.18 32.57
CA GLY A 335 28.84 42.81 31.30
C GLY A 335 30.27 42.61 30.85
N ALA A 336 31.03 41.84 31.63
CA ALA A 336 32.43 41.55 31.34
C ALA A 336 32.76 40.08 31.51
N ILE A 337 33.60 39.55 30.63
CA ILE A 337 33.99 38.13 30.69
C ILE A 337 35.45 37.86 30.42
N MET A 338 35.99 36.91 31.18
CA MET A 338 37.37 36.50 31.00
C MET A 338 37.33 35.42 29.92
N ALA A 339 38.05 35.65 28.84
CA ALA A 339 38.09 34.71 27.71
C ALA A 339 39.14 33.62 27.87
N VAL A 340 38.72 32.36 27.73
CA VAL A 340 39.63 31.22 27.84
C VAL A 340 39.42 30.33 26.61
N PRO A 341 39.83 30.81 25.43
CA PRO A 341 39.66 30.04 24.19
C PRO A 341 39.91 28.52 24.31
N ALA A 342 40.92 28.14 25.09
CA ALA A 342 41.26 26.74 25.27
C ALA A 342 40.10 25.95 25.83
N HIS A 343 39.21 26.59 26.58
CA HIS A 343 38.12 25.82 27.15
C HIS A 343 36.70 26.37 26.96
N ASP A 344 36.49 27.01 25.81
CA ASP A 344 35.19 27.56 25.47
C ASP A 344 35.11 27.81 23.98
N GLN A 345 34.33 26.98 23.31
CA GLN A 345 34.18 27.07 21.87
C GLN A 345 33.77 28.44 21.33
N ARG A 346 33.02 29.21 22.12
CA ARG A 346 32.60 30.54 21.67
C ARG A 346 33.84 31.46 21.64
N ASP A 347 34.61 31.44 22.74
CA ASP A 347 35.84 32.24 22.88
C ASP A 347 36.88 31.70 21.90
N TYR A 348 37.02 30.38 21.85
CA TYR A 348 37.98 29.76 20.95
C TYR A 348 37.77 30.34 19.56
N GLU A 349 36.55 30.26 19.05
CA GLU A 349 36.27 30.76 17.72
C GLU A 349 36.67 32.21 17.59
N PHE A 350 36.40 32.99 18.62
CA PHE A 350 36.73 34.41 18.61
C PHE A 350 38.24 34.58 18.50
N ALA A 351 38.95 33.93 19.41
CA ALA A 351 40.40 33.98 19.47
C ALA A 351 41.02 33.66 18.12
N ARG A 352 40.60 32.56 17.51
CA ARG A 352 41.14 32.17 16.22
C ARG A 352 40.76 33.16 15.13
N LYS A 353 39.73 33.97 15.36
CA LYS A 353 39.31 34.92 14.32
C LYS A 353 40.07 36.22 14.34
N PHE A 354 40.42 36.66 15.54
CA PHE A 354 41.14 37.91 15.71
C PHE A 354 42.55 37.69 16.20
N GLY A 355 43.17 36.60 15.74
CA GLY A 355 44.54 36.27 16.13
C GLY A 355 44.91 36.46 17.60
N LEU A 356 44.07 35.98 18.51
CA LEU A 356 44.36 36.12 19.93
C LEU A 356 44.90 34.83 20.48
N PRO A 357 45.62 34.89 21.60
CA PRO A 357 46.24 33.76 22.29
C PRO A 357 45.29 32.72 22.83
N ILE A 358 45.66 31.45 22.67
CA ILE A 358 44.88 30.32 23.16
C ILE A 358 45.80 29.57 24.10
N LYS A 359 45.39 29.37 25.35
CA LYS A 359 46.24 28.68 26.32
C LYS A 359 45.55 27.59 27.15
N LYS A 360 45.94 26.35 26.92
CA LYS A 360 45.39 25.19 27.62
C LYS A 360 45.83 25.11 29.08
N VAL A 361 44.88 24.88 29.98
CA VAL A 361 45.20 24.75 31.40
C VAL A 361 44.39 23.62 31.98
N ILE A 362 43.71 22.89 31.11
CA ILE A 362 42.89 21.74 31.54
C ILE A 362 43.22 20.61 30.58
N GLU A 363 43.72 19.50 31.13
CA GLU A 363 44.07 18.36 30.30
C GLU A 363 43.08 17.21 30.41
N ARG A 364 42.72 16.67 29.24
CA ARG A 364 41.77 15.57 29.13
C ARG A 364 42.37 14.27 29.69
N PRO A 365 41.65 13.61 30.61
CA PRO A 365 42.11 12.36 31.21
C PRO A 365 42.33 11.27 30.16
N GLY A 366 43.50 10.65 30.18
CA GLY A 366 43.81 9.60 29.23
C GLY A 366 44.46 10.16 27.97
N GLU A 367 43.68 10.24 26.89
CA GLU A 367 44.17 10.74 25.61
C GLU A 367 44.46 12.24 25.64
N PRO A 368 45.75 12.64 25.66
CA PRO A 368 46.13 14.05 25.69
C PRO A 368 45.47 14.90 24.61
N LEU A 369 45.39 16.20 24.87
CA LEU A 369 44.79 17.13 23.93
C LEU A 369 45.75 17.45 22.79
N PRO A 370 45.29 17.32 21.55
CA PRO A 370 46.11 17.59 20.37
C PRO A 370 46.62 19.03 20.32
N GLU A 371 47.93 19.22 20.47
CA GLU A 371 48.53 20.56 20.42
C GLU A 371 49.10 20.79 19.03
N PRO A 372 48.72 21.90 18.38
CA PRO A 372 47.80 22.94 18.85
C PRO A 372 46.34 22.51 18.79
N LEU A 373 45.56 22.92 19.79
CA LEU A 373 44.14 22.55 19.83
C LEU A 373 43.43 23.01 18.58
N GLU A 374 42.43 22.25 18.18
CA GLU A 374 41.64 22.56 16.98
C GLU A 374 40.21 22.89 17.41
N ARG A 375 39.95 22.69 18.69
CA ARG A 375 38.63 22.94 19.25
C ARG A 375 38.77 22.99 20.77
N ALA A 376 38.03 23.90 21.39
CA ALA A 376 38.07 24.07 22.83
C ALA A 376 37.67 22.79 23.54
N TYR A 377 38.37 22.46 24.63
CA TYR A 377 38.04 21.28 25.42
C TYR A 377 37.34 21.76 26.66
N GLU A 378 36.04 21.52 26.75
CA GLU A 378 35.27 21.98 27.89
C GLU A 378 35.19 20.99 29.04
N GLU A 379 34.84 19.74 28.75
CA GLU A 379 34.72 18.71 29.80
C GLU A 379 35.77 18.83 30.88
N PRO A 380 35.50 18.24 32.06
CA PRO A 380 36.43 18.27 33.19
C PRO A 380 37.75 17.61 32.84
N GLY A 381 38.70 17.65 33.77
CA GLY A 381 40.00 17.04 33.51
C GLY A 381 41.02 17.37 34.58
N ILE A 382 42.26 17.58 34.16
CA ILE A 382 43.30 17.91 35.13
C ILE A 382 43.88 19.29 34.84
N MET A 383 44.22 19.98 35.92
CA MET A 383 44.76 21.33 35.81
C MET A 383 46.25 21.33 35.48
N VAL A 384 46.58 21.93 34.33
CA VAL A 384 47.96 22.02 33.89
C VAL A 384 48.31 23.50 33.69
N ASN A 385 49.61 23.81 33.71
CA ASN A 385 50.07 25.19 33.53
C ASN A 385 49.29 26.14 34.42
N SER A 386 48.93 25.65 35.61
CA SER A 386 48.16 26.44 36.55
C SER A 386 48.81 26.50 37.92
N GLY A 387 49.97 27.16 37.96
CA GLY A 387 50.71 27.34 39.20
C GLY A 387 50.57 26.20 40.19
N PRO A 388 50.24 26.52 41.45
CA PRO A 388 50.08 25.54 42.52
C PRO A 388 48.81 24.67 42.46
N PHE A 389 48.15 24.63 41.31
CA PHE A 389 46.93 23.83 41.17
C PHE A 389 47.19 22.64 40.27
N ASP A 390 48.38 22.61 39.67
CA ASP A 390 48.76 21.52 38.77
C ASP A 390 48.53 20.14 39.36
N GLY A 391 47.80 19.31 38.60
CA GLY A 391 47.51 17.96 39.03
C GLY A 391 46.16 17.83 39.72
N THR A 392 45.43 18.93 39.81
CA THR A 392 44.13 18.92 40.47
C THR A 392 43.01 18.65 39.47
N GLU A 393 41.87 18.22 39.98
CA GLU A 393 40.72 17.96 39.11
C GLU A 393 39.85 19.19 38.95
N SER A 394 39.48 19.47 37.70
CA SER A 394 38.65 20.61 37.37
C SER A 394 37.59 20.84 38.43
N GLU A 395 36.87 19.77 38.77
CA GLU A 395 35.80 19.83 39.76
C GLU A 395 36.26 20.42 41.09
N GLU A 396 37.10 19.67 41.80
CA GLU A 396 37.60 20.13 43.09
C GLU A 396 38.42 21.41 42.89
N GLY A 397 39.01 21.55 41.70
CA GLY A 397 39.80 22.73 41.41
C GLY A 397 39.05 24.04 41.65
N LYS A 398 37.81 24.09 41.16
CA LYS A 398 36.96 25.26 41.31
C LYS A 398 36.94 25.78 42.75
N ARG A 399 36.20 25.12 43.62
CA ARG A 399 36.10 25.55 45.01
C ARG A 399 37.46 25.95 45.60
N LYS A 400 38.52 25.34 45.09
CA LYS A 400 39.88 25.62 45.55
C LYS A 400 40.31 26.99 45.08
N VAL A 401 40.28 27.19 43.77
CA VAL A 401 40.67 28.46 43.19
C VAL A 401 39.79 29.55 43.79
N ILE A 402 38.53 29.22 44.04
CA ILE A 402 37.62 30.19 44.62
C ILE A 402 38.13 30.54 45.99
N ALA A 403 38.10 29.58 46.90
CA ALA A 403 38.58 29.80 48.26
C ALA A 403 39.92 30.52 48.22
N TRP A 404 40.69 30.26 47.17
CA TRP A 404 42.00 30.89 46.98
C TRP A 404 41.81 32.39 46.72
N LEU A 405 41.16 32.70 45.61
CA LEU A 405 40.87 34.08 45.22
C LEU A 405 40.29 34.84 46.41
N GLU A 406 39.43 34.16 47.15
CA GLU A 406 38.79 34.79 48.30
C GLU A 406 39.81 35.15 49.37
N GLU A 407 40.83 34.31 49.55
CA GLU A 407 41.83 34.59 50.55
C GLU A 407 42.71 35.77 50.10
N LYS A 408 43.10 35.77 48.84
CA LYS A 408 43.93 36.85 48.30
C LYS A 408 43.10 38.10 48.03
N GLY A 409 41.79 37.99 48.22
CA GLY A 409 40.91 39.13 47.98
C GLY A 409 40.86 39.54 46.53
N LEU A 410 41.05 38.58 45.63
CA LEU A 410 41.03 38.83 44.19
C LEU A 410 39.68 38.50 43.56
N GLY A 411 38.83 37.81 44.30
CA GLY A 411 37.52 37.44 43.81
C GLY A 411 36.64 36.86 44.91
N LYS A 412 35.46 36.37 44.54
CA LYS A 412 34.55 35.79 45.52
C LYS A 412 33.57 34.88 44.80
N GLY A 413 33.05 33.90 45.52
CA GLY A 413 32.09 33.00 44.92
C GLY A 413 30.76 33.72 44.86
N ARG A 414 30.04 33.59 43.75
CA ARG A 414 28.77 34.28 43.64
C ARG A 414 27.83 33.64 42.62
N VAL A 415 26.55 33.64 42.95
CA VAL A 415 25.51 33.09 42.07
C VAL A 415 24.85 34.20 41.25
N THR A 416 24.69 34.01 39.94
CA THR A 416 24.02 35.05 39.17
C THR A 416 22.89 34.43 38.39
N TYR A 417 21.87 35.24 38.12
CA TYR A 417 20.75 34.75 37.35
C TYR A 417 20.65 35.45 36.01
N ARG A 418 20.07 34.75 35.05
CA ARG A 418 19.88 35.23 33.68
C ARG A 418 18.72 36.21 33.70
N LEU A 419 17.75 35.93 34.57
CA LEU A 419 16.57 36.74 34.75
C LEU A 419 16.97 38.21 34.91
N ARG A 420 16.42 39.06 34.05
CA ARG A 420 16.66 40.50 34.10
C ARG A 420 15.47 41.11 34.83
N ASP A 421 15.53 42.40 35.18
CA ASP A 421 14.39 43.00 35.86
C ASP A 421 13.22 43.31 34.93
N TRP A 422 12.05 43.53 35.54
CA TRP A 422 10.83 43.78 34.80
C TRP A 422 10.59 45.24 34.39
N LEU A 423 10.56 45.50 33.08
CA LEU A 423 10.35 46.86 32.59
C LEU A 423 8.86 47.13 32.35
N ILE A 424 8.18 47.70 33.33
CA ILE A 424 6.74 47.96 33.18
C ILE A 424 6.25 49.29 32.63
N SER A 425 7.09 50.31 32.59
CA SER A 425 6.65 51.61 32.08
C SER A 425 6.46 51.52 30.57
N ARG A 426 5.37 52.12 30.07
CA ARG A 426 5.05 52.13 28.61
C ARG A 426 4.62 53.51 28.06
N GLN A 427 4.98 53.79 26.82
CA GLN A 427 4.64 55.07 26.17
C GLN A 427 3.37 54.98 25.33
N ARG A 428 2.27 54.61 25.97
CA ARG A 428 1.00 54.47 25.29
C ARG A 428 -0.09 55.08 26.15
N TYR A 429 -1.17 55.50 25.51
CA TYR A 429 -2.28 56.12 26.21
C TYR A 429 -3.08 55.17 27.11
N TRP A 430 -3.74 54.21 26.47
CA TRP A 430 -4.59 53.21 27.12
C TRP A 430 -3.85 52.31 28.11
N GLY A 431 -3.65 52.82 29.33
CA GLY A 431 -2.96 52.04 30.34
C GLY A 431 -2.97 52.76 31.68
N THR A 432 -2.63 52.05 32.75
CA THR A 432 -2.61 52.64 34.08
C THR A 432 -1.50 53.67 34.25
N PRO A 433 -1.83 54.86 34.80
CA PRO A 433 -0.83 55.91 35.01
C PRO A 433 0.03 55.56 36.22
N ILE A 434 1.34 55.77 36.08
CA ILE A 434 2.29 55.49 37.14
C ILE A 434 2.21 56.58 38.21
N PRO A 435 1.71 56.24 39.42
CA PRO A 435 1.54 57.16 40.56
C PRO A 435 2.79 57.84 41.10
N MET A 436 3.54 58.46 40.19
CA MET A 436 4.75 59.15 40.57
C MET A 436 4.77 60.55 39.97
N VAL A 437 5.33 61.50 40.70
CA VAL A 437 5.43 62.88 40.24
C VAL A 437 6.90 63.27 40.27
N HIS A 438 7.33 63.98 39.24
CA HIS A 438 8.72 64.40 39.14
C HIS A 438 9.02 65.84 39.53
N CYS A 439 9.09 66.10 40.83
CA CYS A 439 9.42 67.43 41.34
C CYS A 439 10.85 67.78 40.89
N GLU A 440 11.12 69.04 40.63
CA GLU A 440 12.45 69.47 40.18
C GLU A 440 13.46 69.60 41.32
N ALA A 441 12.95 69.82 42.53
CA ALA A 441 13.79 69.96 43.71
C ALA A 441 13.98 68.61 44.41
N CYS A 442 12.89 68.00 44.85
CA CYS A 442 12.96 66.71 45.54
C CYS A 442 13.29 65.54 44.61
N GLY A 443 12.93 65.65 43.33
CA GLY A 443 13.17 64.56 42.39
C GLY A 443 11.92 63.72 42.19
N VAL A 444 12.07 62.40 42.12
CA VAL A 444 10.92 61.52 41.93
C VAL A 444 10.15 61.32 43.23
N VAL A 445 8.93 61.85 43.28
CA VAL A 445 8.10 61.76 44.47
C VAL A 445 6.80 61.00 44.26
N PRO A 446 6.50 60.07 45.17
CA PRO A 446 5.29 59.26 45.09
C PRO A 446 4.05 60.00 45.53
N VAL A 447 2.96 59.77 44.81
CA VAL A 447 1.67 60.36 45.10
C VAL A 447 1.17 59.74 46.39
N PRO A 448 0.47 60.52 47.24
CA PRO A 448 -0.06 59.98 48.50
C PRO A 448 -1.05 58.84 48.24
N GLU A 449 -1.17 57.92 49.19
CA GLU A 449 -2.05 56.78 49.06
C GLU A 449 -3.49 57.24 48.77
N GLU A 450 -4.07 57.99 49.71
CA GLU A 450 -5.43 58.49 49.59
C GLU A 450 -5.67 59.35 48.36
N GLU A 451 -4.62 59.97 47.85
CA GLU A 451 -4.78 60.82 46.66
C GLU A 451 -5.02 59.95 45.43
N LEU A 452 -5.08 58.63 45.65
CA LEU A 452 -5.30 57.68 44.55
C LEU A 452 -6.80 57.46 44.37
N PRO A 453 -7.22 57.10 43.15
CA PRO A 453 -6.47 56.90 41.91
C PRO A 453 -6.10 58.12 41.09
N VAL A 454 -5.06 57.95 40.27
CA VAL A 454 -4.61 58.99 39.39
C VAL A 454 -5.34 58.74 38.08
N LEU A 455 -6.56 59.24 38.00
CA LEU A 455 -7.39 59.04 36.82
C LEU A 455 -6.70 59.38 35.50
N LEU A 456 -7.05 58.59 34.49
CA LEU A 456 -6.50 58.73 33.16
C LEU A 456 -7.17 59.93 32.46
N PRO A 457 -6.37 60.80 31.83
CA PRO A 457 -6.88 61.97 31.11
C PRO A 457 -7.88 61.51 30.07
N ASP A 458 -9.11 62.01 30.14
CA ASP A 458 -10.10 61.62 29.17
C ASP A 458 -9.81 62.22 27.79
N LEU A 459 -9.47 61.38 26.82
CA LEU A 459 -9.18 61.89 25.48
C LEU A 459 -10.09 61.22 24.47
N LYS A 460 -11.05 61.96 23.95
CA LYS A 460 -11.99 61.39 22.99
C LYS A 460 -11.56 61.56 21.53
N ASP A 461 -10.27 61.71 21.31
CA ASP A 461 -9.74 61.88 19.96
C ASP A 461 -8.86 60.71 19.53
N VAL A 462 -9.34 59.89 18.62
CA VAL A 462 -8.54 58.74 18.18
C VAL A 462 -7.16 59.15 17.68
N GLU A 463 -7.11 60.00 16.64
CA GLU A 463 -5.85 60.45 16.06
C GLU A 463 -4.90 61.12 17.06
N ASP A 464 -5.39 61.31 18.29
CA ASP A 464 -4.59 61.93 19.34
C ASP A 464 -3.84 60.90 20.15
N ILE A 465 -4.58 59.97 20.75
CA ILE A 465 -4.00 58.92 21.57
C ILE A 465 -3.03 58.07 20.76
N ARG A 466 -3.25 57.97 19.46
CA ARG A 466 -2.37 57.21 18.58
C ARG A 466 -0.89 57.45 18.94
N PRO A 467 -0.17 56.40 19.37
CA PRO A 467 1.24 56.55 19.73
C PRO A 467 2.09 56.98 18.54
N LYS A 468 2.93 57.99 18.76
CA LYS A 468 3.79 58.50 17.72
C LYS A 468 5.25 58.36 18.08
N GLY A 469 5.53 58.03 19.35
CA GLY A 469 6.91 57.88 19.77
C GLY A 469 7.12 58.17 21.25
N LYS A 470 6.12 58.77 21.88
CA LYS A 470 6.18 59.10 23.29
C LYS A 470 4.78 59.07 23.85
N SER A 471 4.67 58.94 25.16
CA SER A 471 3.38 58.91 25.80
C SER A 471 2.50 60.03 25.28
N PRO A 472 1.26 59.71 24.86
CA PRO A 472 0.34 60.73 24.35
C PRO A 472 0.03 61.74 25.46
N LEU A 473 0.12 61.29 26.71
CA LEU A 473 -0.13 62.17 27.83
C LEU A 473 0.96 63.25 27.94
N GLU A 474 1.94 63.24 27.05
CA GLU A 474 3.02 64.24 27.09
C GLU A 474 2.54 65.59 26.57
N ALA A 475 1.55 65.55 25.68
CA ALA A 475 0.98 66.76 25.11
C ALA A 475 -0.31 67.09 25.83
N HIS A 476 -0.31 67.00 27.16
CA HIS A 476 -1.50 67.31 27.95
C HIS A 476 -1.18 67.85 29.33
N PRO A 477 -0.72 69.11 29.37
CA PRO A 477 -0.37 69.81 30.61
C PRO A 477 -1.51 69.78 31.63
N GLU A 478 -2.73 69.64 31.12
CA GLU A 478 -3.89 69.59 32.00
C GLU A 478 -3.77 68.36 32.90
N PHE A 479 -2.92 67.42 32.49
CA PHE A 479 -2.70 66.20 33.26
C PHE A 479 -1.37 66.18 34.01
N TYR A 480 -0.27 66.36 33.29
CA TYR A 480 1.04 66.27 33.90
C TYR A 480 1.54 67.46 34.69
N GLU A 481 0.71 68.49 34.84
CA GLU A 481 1.16 69.65 35.61
C GLU A 481 0.48 69.68 36.97
N THR A 482 1.23 69.29 37.98
CA THR A 482 0.71 69.26 39.34
C THR A 482 1.80 69.80 40.25
N THR A 483 1.60 69.69 41.56
CA THR A 483 2.59 70.17 42.49
C THR A 483 3.13 69.03 43.33
N CYS A 484 4.43 69.10 43.59
CA CYS A 484 5.09 68.09 44.39
C CYS A 484 4.39 67.99 45.76
N PRO A 485 3.95 66.78 46.13
CA PRO A 485 3.28 66.55 47.40
C PRO A 485 4.29 66.54 48.55
N LYS A 486 5.55 66.81 48.22
CA LYS A 486 6.59 66.84 49.23
C LYS A 486 6.88 68.28 49.66
N CYS A 487 7.70 68.97 48.87
CA CYS A 487 8.04 70.35 49.19
C CYS A 487 6.84 71.29 48.93
N GLY A 488 6.27 71.23 47.73
CA GLY A 488 5.12 72.07 47.43
C GLY A 488 5.24 72.81 46.11
N GLY A 489 6.46 72.99 45.64
CA GLY A 489 6.67 73.70 44.40
C GLY A 489 6.02 72.99 43.23
N PRO A 490 6.36 73.38 41.99
CA PRO A 490 5.81 72.76 40.78
C PRO A 490 6.49 71.43 40.41
N ALA A 491 5.66 70.42 40.15
CA ALA A 491 6.11 69.08 39.78
C ALA A 491 5.48 68.63 38.46
N LYS A 492 5.85 67.43 38.02
CA LYS A 492 5.34 66.87 36.76
C LYS A 492 4.94 65.39 36.96
N ARG A 493 3.69 65.07 36.66
CA ARG A 493 3.23 63.70 36.79
C ARG A 493 3.94 62.82 35.77
N ASP A 494 4.05 61.53 36.07
CA ASP A 494 4.72 60.62 35.14
C ASP A 494 3.77 60.35 33.97
N THR A 495 4.24 60.65 32.78
CA THR A 495 3.45 60.47 31.58
C THR A 495 3.33 59.02 31.10
N ASP A 496 4.24 58.15 31.54
CA ASP A 496 4.20 56.75 31.12
C ASP A 496 3.13 55.94 31.85
N THR A 497 2.70 54.85 31.22
CA THR A 497 1.68 53.97 31.79
C THR A 497 2.13 52.53 31.96
N MET A 498 1.67 51.91 33.06
CA MET A 498 1.98 50.53 33.36
C MET A 498 1.52 49.63 32.23
N ASP A 499 2.23 48.51 32.06
CA ASP A 499 1.92 47.55 31.01
C ASP A 499 0.76 46.62 31.39
N THR A 500 0.08 46.09 30.37
CA THR A 500 -1.05 45.18 30.59
C THR A 500 -0.75 44.06 31.55
N PHE A 501 0.45 43.49 31.46
CA PHE A 501 0.80 42.40 32.34
C PHE A 501 0.90 42.74 33.80
N PHE A 502 0.69 44.01 34.13
CA PHE A 502 0.77 44.40 35.51
C PHE A 502 -0.58 44.10 36.15
N ASP A 503 -1.65 44.35 35.42
CA ASP A 503 -2.98 44.11 35.97
C ASP A 503 -3.42 42.66 35.93
N SER A 504 -2.97 41.95 34.90
CA SER A 504 -3.30 40.55 34.79
C SER A 504 -2.50 39.74 35.80
N SER A 505 -1.65 40.41 36.56
CA SER A 505 -0.85 39.66 37.50
C SER A 505 -1.43 39.46 38.88
N TRP A 506 -2.69 39.85 39.09
CA TRP A 506 -3.26 39.61 40.41
C TRP A 506 -4.76 39.54 40.42
N TYR A 507 -5.34 39.63 39.23
CA TYR A 507 -6.78 39.60 39.14
C TYR A 507 -7.35 38.42 39.90
N TYR A 508 -6.86 37.21 39.64
CA TYR A 508 -7.37 36.04 40.37
C TYR A 508 -7.57 36.40 41.82
N LEU A 509 -6.79 37.35 42.32
CA LEU A 509 -6.94 37.77 43.71
C LEU A 509 -8.09 38.78 43.88
N ARG A 510 -8.33 39.58 42.85
CA ARG A 510 -9.42 40.56 42.88
C ARG A 510 -10.80 39.89 42.91
N TYR A 511 -10.98 38.81 42.15
CA TYR A 511 -12.28 38.16 42.16
C TYR A 511 -12.74 37.75 43.56
N THR A 512 -11.82 37.57 44.49
CA THR A 512 -12.22 37.14 45.83
C THR A 512 -12.83 38.24 46.66
N ASP A 513 -12.79 39.45 46.11
CA ASP A 513 -13.33 40.62 46.79
C ASP A 513 -13.30 41.71 45.74
N PRO A 514 -14.14 41.58 44.71
CA PRO A 514 -14.28 42.49 43.57
C PRO A 514 -14.77 43.90 43.84
N HIS A 515 -15.33 44.13 45.03
CA HIS A 515 -15.87 45.43 45.38
C HIS A 515 -15.28 45.97 46.67
N ASN A 516 -13.96 46.08 46.74
CA ASN A 516 -13.31 46.57 47.95
C ASN A 516 -12.68 47.93 47.65
N ASP A 517 -13.14 48.98 48.33
CA ASP A 517 -12.60 50.32 48.06
C ASP A 517 -11.52 50.78 49.05
N ARG A 518 -11.24 49.93 50.03
CA ARG A 518 -10.22 50.24 51.02
C ARG A 518 -8.90 49.51 50.73
N LEU A 519 -8.99 48.31 50.16
CA LEU A 519 -7.83 47.49 49.81
C LEU A 519 -8.06 46.75 48.53
N PRO A 520 -6.98 46.32 47.86
CA PRO A 520 -7.14 45.58 46.61
C PRO A 520 -7.96 44.32 46.88
N PHE A 521 -7.98 43.89 48.13
CA PHE A 521 -8.75 42.72 48.52
C PHE A 521 -8.57 42.45 49.99
N ASP A 522 -9.54 41.79 50.59
CA ASP A 522 -9.41 41.50 52.00
C ASP A 522 -8.61 40.21 52.13
N PRO A 523 -7.53 40.23 52.92
CA PRO A 523 -6.73 39.02 53.09
C PRO A 523 -7.60 37.85 53.50
N GLU A 524 -8.40 38.04 54.54
CA GLU A 524 -9.28 36.98 55.02
C GLU A 524 -10.08 36.30 53.92
N LYS A 525 -10.57 37.11 52.99
CA LYS A 525 -11.36 36.57 51.90
C LYS A 525 -10.50 35.76 50.95
N ALA A 526 -9.51 36.40 50.33
CA ALA A 526 -8.62 35.72 49.40
C ALA A 526 -8.06 34.44 50.02
N ASN A 527 -7.76 34.47 51.31
CA ASN A 527 -7.24 33.29 51.95
C ASN A 527 -8.23 32.14 51.98
N ALA A 528 -9.51 32.46 51.92
CA ALA A 528 -10.50 31.41 51.93
C ALA A 528 -10.68 30.87 50.53
N TRP A 529 -10.23 31.57 49.50
CA TRP A 529 -10.42 31.02 48.17
C TRP A 529 -9.15 30.56 47.45
N MET A 530 -8.02 31.15 47.81
CA MET A 530 -6.74 30.77 47.20
C MET A 530 -6.29 29.48 47.87
N PRO A 531 -5.47 28.69 47.19
CA PRO A 531 -5.00 29.01 45.84
C PRO A 531 -6.04 28.60 44.80
N VAL A 532 -5.70 28.81 43.53
CA VAL A 532 -6.56 28.45 42.42
C VAL A 532 -6.40 26.94 42.21
N ASP A 533 -7.39 26.16 42.62
CA ASP A 533 -7.29 24.73 42.45
C ASP A 533 -7.06 24.32 41.02
N GLN A 534 -7.84 24.83 40.07
CA GLN A 534 -7.63 24.43 38.69
C GLN A 534 -7.49 25.68 37.84
N TYR A 535 -6.60 25.67 36.86
CA TYR A 535 -6.41 26.89 36.09
C TYR A 535 -6.24 26.61 34.61
N ILE A 536 -7.34 26.67 33.86
CA ILE A 536 -7.25 26.39 32.45
C ILE A 536 -6.69 27.59 31.70
N GLY A 537 -5.75 27.33 30.80
CA GLY A 537 -5.14 28.39 30.04
C GLY A 537 -4.26 27.88 28.92
N GLY A 538 -3.38 28.75 28.44
CA GLY A 538 -2.50 28.40 27.35
C GLY A 538 -1.04 28.54 27.72
N VAL A 539 -0.20 27.80 27.01
CA VAL A 539 1.21 27.82 27.31
C VAL A 539 1.96 29.05 26.81
N GLU A 540 1.30 29.90 26.04
CA GLU A 540 2.00 31.10 25.55
C GLU A 540 2.32 32.09 26.68
N HIS A 541 1.87 31.82 27.90
CA HIS A 541 2.19 32.73 28.99
C HIS A 541 3.20 32.10 29.95
N ALA A 542 4.06 31.26 29.36
CA ALA A 542 5.11 30.54 30.08
C ALA A 542 6.03 31.45 30.85
N VAL A 543 6.69 32.35 30.14
CA VAL A 543 7.61 33.28 30.79
C VAL A 543 6.97 34.62 31.09
N LEU A 544 5.70 34.74 30.77
CA LEU A 544 4.99 35.98 31.00
C LEU A 544 4.09 35.89 32.20
N HIS A 545 2.80 35.94 31.93
CA HIS A 545 1.82 35.88 32.98
C HIS A 545 2.08 34.85 34.06
N LEU A 546 2.45 33.63 33.68
CA LEU A 546 2.68 32.59 34.69
C LEU A 546 3.90 32.91 35.53
N LEU A 547 4.77 33.77 35.01
CA LEU A 547 5.95 34.16 35.75
C LEU A 547 5.56 35.31 36.68
N TYR A 548 5.19 36.44 36.09
CA TYR A 548 4.78 37.65 36.82
C TYR A 548 3.81 37.39 37.99
N SER A 549 2.80 36.54 37.78
CA SER A 549 1.81 36.27 38.84
C SER A 549 2.47 35.70 40.07
N ARG A 550 3.48 34.85 39.83
CA ARG A 550 4.17 34.19 40.92
C ARG A 550 4.90 35.23 41.71
N PHE A 551 5.51 36.15 40.97
CA PHE A 551 6.22 37.24 41.59
C PHE A 551 5.21 37.99 42.46
N PHE A 552 4.22 38.62 41.81
CA PHE A 552 3.19 39.37 42.52
C PHE A 552 2.60 38.66 43.72
N THR A 553 2.35 37.36 43.64
CA THR A 553 1.79 36.67 44.80
C THR A 553 2.80 36.57 45.91
N LYS A 554 4.08 36.41 45.54
CA LYS A 554 5.13 36.34 46.54
C LYS A 554 5.25 37.72 47.19
N PHE A 555 5.25 38.77 46.36
CA PHE A 555 5.31 40.11 46.88
C PHE A 555 4.16 40.35 47.83
N LEU A 556 2.95 40.10 47.36
CA LEU A 556 1.78 40.32 48.19
C LEU A 556 1.82 39.47 49.44
N HIS A 557 2.49 38.32 49.36
CA HIS A 557 2.57 37.44 50.52
C HIS A 557 3.44 38.09 51.60
N ASP A 558 4.51 38.76 51.16
CA ASP A 558 5.44 39.44 52.05
C ASP A 558 4.79 40.62 52.76
N LEU A 559 3.79 41.23 52.14
CA LEU A 559 3.09 42.35 52.78
C LEU A 559 2.18 41.75 53.81
N GLY A 560 2.00 40.43 53.74
CA GLY A 560 1.15 39.74 54.68
C GLY A 560 -0.31 39.74 54.28
N MET A 561 -0.58 39.88 52.99
CA MET A 561 -1.95 39.92 52.51
C MET A 561 -2.46 38.60 51.98
N VAL A 562 -1.55 37.77 51.49
CA VAL A 562 -1.92 36.46 50.97
C VAL A 562 -1.10 35.42 51.71
N LYS A 563 -1.76 34.37 52.18
CA LYS A 563 -1.08 33.29 52.90
C LYS A 563 -0.28 32.38 51.98
N VAL A 564 -0.85 31.92 50.87
CA VAL A 564 -0.11 31.05 49.97
C VAL A 564 1.12 31.75 49.39
N GLU A 565 1.82 31.08 48.48
CA GLU A 565 3.02 31.66 47.86
C GLU A 565 3.07 31.32 46.39
N GLU A 566 2.17 30.44 46.00
CA GLU A 566 2.03 30.04 44.60
C GLU A 566 0.53 30.21 44.39
N PRO A 567 0.15 31.04 43.42
CA PRO A 567 -1.26 31.30 43.12
C PRO A 567 -2.02 30.13 42.50
N PHE A 568 -1.44 29.52 41.48
CA PHE A 568 -2.10 28.42 40.79
C PHE A 568 -1.62 27.03 41.15
N GLN A 569 -2.39 26.33 41.98
CA GLN A 569 -2.05 24.98 42.38
C GLN A 569 -2.02 24.05 41.18
N GLY A 570 -3.14 23.90 40.49
CA GLY A 570 -3.14 23.05 39.30
C GLY A 570 -3.14 23.96 38.09
N LEU A 571 -2.81 23.44 36.92
CA LEU A 571 -2.79 24.27 35.74
C LEU A 571 -2.81 23.48 34.44
N PHE A 572 -3.98 23.47 33.79
CA PHE A 572 -4.18 22.78 32.52
C PHE A 572 -3.89 23.68 31.33
N THR A 573 -3.37 23.12 30.25
CA THR A 573 -3.06 23.88 29.04
C THR A 573 -3.68 23.25 27.78
N GLN A 574 -4.95 23.54 27.52
CA GLN A 574 -5.68 23.04 26.35
C GLN A 574 -4.93 23.22 25.04
N GLY A 575 -5.29 22.44 24.03
CA GLY A 575 -4.60 22.56 22.76
C GLY A 575 -5.36 23.31 21.68
N MET A 576 -4.64 23.78 20.67
CA MET A 576 -5.23 24.52 19.55
C MET A 576 -6.50 23.84 19.08
N VAL A 577 -7.26 24.54 18.22
CA VAL A 577 -8.48 23.99 17.61
C VAL A 577 -8.33 24.31 16.15
N LEU A 578 -8.44 23.30 15.30
CA LEU A 578 -8.30 23.52 13.88
C LEU A 578 -9.60 23.35 13.13
N ALA A 579 -9.57 23.69 11.85
CA ALA A 579 -10.77 23.56 11.04
C ALA A 579 -10.45 23.56 9.56
N TRP A 580 -11.05 22.62 8.85
CA TRP A 580 -10.76 22.52 7.43
C TRP A 580 -10.89 23.87 6.77
N THR A 581 -9.82 24.25 6.10
CA THR A 581 -9.72 25.53 5.46
C THR A 581 -9.58 25.47 3.95
N ASP A 582 -10.17 26.44 3.26
CA ASP A 582 -10.09 26.48 1.79
C ASP A 582 -8.77 27.16 1.46
N PHE A 583 -7.94 26.56 0.63
CA PHE A 583 -6.67 27.19 0.31
C PHE A 583 -6.62 27.81 -1.05
N GLY A 584 -7.61 27.53 -1.89
CA GLY A 584 -7.60 28.16 -3.18
C GLY A 584 -7.82 27.22 -4.32
N PRO A 585 -7.96 27.75 -5.52
CA PRO A 585 -8.19 26.92 -6.69
C PRO A 585 -6.94 26.15 -7.11
N VAL A 586 -7.16 25.01 -7.76
CA VAL A 586 -6.10 24.16 -8.23
C VAL A 586 -6.46 23.76 -9.64
N GLU A 587 -5.48 23.26 -10.37
CA GLU A 587 -5.71 22.87 -11.75
C GLU A 587 -5.41 21.39 -11.94
N VAL A 588 -6.35 20.52 -11.58
CA VAL A 588 -6.13 19.10 -11.71
C VAL A 588 -6.06 18.59 -13.15
N GLU A 589 -5.06 17.77 -13.42
CA GLU A 589 -4.88 17.20 -14.76
C GLU A 589 -4.44 15.74 -14.68
N GLY A 590 -5.42 14.85 -14.48
CA GLY A 590 -5.12 13.45 -14.36
C GLY A 590 -4.78 13.21 -12.90
N SER A 591 -3.48 13.10 -12.62
CA SER A 591 -2.96 12.86 -11.27
C SER A 591 -2.12 14.04 -10.83
N VAL A 592 -1.82 14.92 -11.77
CA VAL A 592 -1.01 16.10 -11.51
C VAL A 592 -1.87 17.28 -11.06
N VAL A 593 -1.63 17.77 -9.87
CA VAL A 593 -2.39 18.88 -9.32
C VAL A 593 -1.61 20.18 -9.37
N ARG A 594 -1.48 20.77 -10.54
CA ARG A 594 -0.73 22.03 -10.66
C ARG A 594 -1.35 23.10 -9.75
N LEU A 595 -0.52 23.88 -9.08
CA LEU A 595 -1.01 24.94 -8.17
C LEU A 595 -0.73 26.37 -8.64
N PRO A 596 -1.75 27.24 -8.67
CA PRO A 596 -1.52 28.62 -9.10
C PRO A 596 -0.80 29.31 -7.95
N GLU A 597 0.13 30.23 -8.24
CA GLU A 597 0.90 30.90 -7.20
C GLU A 597 0.13 31.40 -5.98
N PRO A 598 -1.04 32.02 -6.19
CA PRO A 598 -1.81 32.51 -5.04
C PRO A 598 -2.11 31.38 -4.05
N THR A 599 -2.47 30.20 -4.57
CA THR A 599 -2.77 29.04 -3.72
C THR A 599 -1.50 28.55 -3.03
N ARG A 600 -0.49 28.20 -3.83
CA ARG A 600 0.79 27.72 -3.33
C ARG A 600 1.27 28.57 -2.17
N ILE A 601 1.42 29.87 -2.41
CA ILE A 601 1.86 30.77 -1.38
C ILE A 601 1.05 30.58 -0.10
N ARG A 602 -0.25 30.41 -0.22
CA ARG A 602 -1.06 30.21 0.97
C ARG A 602 -0.67 28.91 1.68
N LEU A 603 -0.45 27.86 0.88
CA LEU A 603 -0.04 26.57 1.43
C LEU A 603 1.34 26.68 2.04
N GLU A 604 2.12 27.62 1.50
CA GLU A 604 3.49 27.85 1.94
C GLU A 604 4.32 26.58 1.75
N ILE A 605 4.58 26.28 0.49
CA ILE A 605 5.39 25.14 0.10
C ILE A 605 6.11 25.53 -1.18
N PRO A 606 7.31 24.99 -1.42
CA PRO A 606 8.10 25.28 -2.63
C PRO A 606 7.54 24.64 -3.90
N GLU A 607 6.98 23.45 -3.75
CA GLU A 607 6.41 22.72 -4.87
C GLU A 607 5.30 23.50 -5.56
N SER A 608 5.26 23.45 -6.89
CA SER A 608 4.24 24.16 -7.65
C SER A 608 3.38 23.16 -8.40
N ALA A 609 3.48 21.90 -8.00
CA ALA A 609 2.72 20.82 -8.62
C ALA A 609 2.79 19.64 -7.66
N LEU A 610 1.69 18.92 -7.48
CA LEU A 610 1.69 17.77 -6.58
C LEU A 610 0.90 16.66 -7.23
N SER A 611 0.99 15.47 -6.69
CA SER A 611 0.22 14.36 -7.25
C SER A 611 -0.96 14.18 -6.33
N LEU A 612 -2.04 13.64 -6.86
CA LEU A 612 -3.22 13.43 -6.05
C LEU A 612 -2.83 12.74 -4.75
N GLU A 613 -1.72 11.99 -4.78
CA GLU A 613 -1.24 11.28 -3.58
C GLU A 613 -0.70 12.25 -2.53
N ASP A 614 0.21 13.13 -2.94
CA ASP A 614 0.83 14.11 -2.03
C ASP A 614 -0.19 15.01 -1.36
N VAL A 615 -1.23 15.39 -2.10
CA VAL A 615 -2.26 16.25 -1.57
C VAL A 615 -2.88 15.49 -0.41
N ARG A 616 -3.10 14.21 -0.61
CA ARG A 616 -3.69 13.37 0.44
C ARG A 616 -2.71 13.20 1.57
N LYS A 617 -1.51 12.79 1.20
CA LYS A 617 -0.44 12.56 2.16
C LYS A 617 -0.19 13.76 3.08
N MET A 618 -0.44 14.97 2.58
CA MET A 618 -0.22 16.12 3.44
C MET A 618 -1.44 16.45 4.27
N GLY A 619 -2.48 15.63 4.15
CA GLY A 619 -3.68 15.84 4.94
C GLY A 619 -4.72 16.79 4.36
N ALA A 620 -4.67 16.99 3.05
CA ALA A 620 -5.60 17.88 2.36
C ALA A 620 -6.48 17.07 1.43
N GLU A 621 -7.45 17.73 0.81
CA GLU A 621 -8.35 17.10 -0.16
C GLU A 621 -8.77 18.12 -1.21
N LEU A 622 -9.42 17.66 -2.26
CA LEU A 622 -9.90 18.55 -3.31
C LEU A 622 -11.42 18.50 -3.29
N ARG A 623 -12.04 19.66 -3.21
CA ARG A 623 -13.50 19.77 -3.20
C ARG A 623 -13.95 20.59 -4.39
N PRO A 624 -15.24 20.49 -4.74
CA PRO A 624 -15.77 21.27 -5.85
C PRO A 624 -16.08 22.60 -5.20
N HIS A 625 -16.06 23.68 -5.97
CA HIS A 625 -16.34 24.99 -5.39
C HIS A 625 -17.39 25.78 -6.15
N GLU A 626 -18.03 26.70 -5.42
CA GLU A 626 -19.05 27.56 -5.98
C GLU A 626 -18.61 28.25 -7.25
N ASP A 627 -17.31 28.44 -7.43
CA ASP A 627 -16.85 29.09 -8.63
C ASP A 627 -16.67 28.06 -9.73
N GLY A 628 -17.23 26.88 -9.51
CA GLY A 628 -17.14 25.82 -10.51
C GLY A 628 -15.76 25.27 -10.82
N THR A 629 -14.85 25.39 -9.88
CA THR A 629 -13.50 24.88 -10.01
C THR A 629 -13.20 24.04 -8.77
N LEU A 630 -12.07 23.34 -8.80
CA LEU A 630 -11.67 22.50 -7.68
C LEU A 630 -10.77 23.27 -6.73
N HIS A 631 -11.09 23.23 -5.45
CA HIS A 631 -10.27 23.91 -4.46
C HIS A 631 -9.58 22.89 -3.55
N LEU A 632 -8.47 23.29 -2.95
CA LEU A 632 -7.73 22.40 -2.07
C LEU A 632 -8.02 22.77 -0.65
N TRP A 633 -8.44 21.79 0.14
CA TRP A 633 -8.72 22.05 1.54
C TRP A 633 -7.76 21.28 2.42
N LYS A 634 -7.51 21.77 3.63
CA LYS A 634 -6.57 21.15 4.56
C LYS A 634 -6.74 21.89 5.86
N PRO A 635 -6.90 21.20 6.98
CA PRO A 635 -7.07 21.91 8.24
C PRO A 635 -6.03 23.00 8.49
N ALA A 636 -6.30 23.83 9.49
CA ALA A 636 -5.42 24.94 9.85
C ALA A 636 -6.00 25.52 11.11
N VAL A 637 -5.20 26.28 11.85
CA VAL A 637 -5.67 26.86 13.11
C VAL A 637 -6.86 27.75 12.86
N MET A 638 -7.89 27.57 13.66
CA MET A 638 -9.10 28.37 13.52
C MET A 638 -8.83 29.76 14.07
N SER A 639 -8.74 30.73 13.16
CA SER A 639 -8.48 32.10 13.57
C SER A 639 -9.13 33.10 12.62
N LYS A 640 -9.44 34.27 13.16
CA LYS A 640 -10.03 35.37 12.41
C LYS A 640 -9.15 35.55 11.17
N SER A 641 -7.87 35.74 11.40
CA SER A 641 -6.92 35.91 10.32
C SER A 641 -7.10 34.91 9.17
N LYS A 642 -7.33 33.64 9.53
CA LYS A 642 -7.52 32.58 8.54
C LYS A 642 -8.93 32.60 7.95
N GLY A 643 -9.82 33.30 8.64
CA GLY A 643 -11.19 33.36 8.18
C GLY A 643 -11.75 31.95 8.04
N ASN A 644 -11.70 31.23 9.14
CA ASN A 644 -12.20 29.87 9.18
C ASN A 644 -12.76 29.66 10.56
N GLY A 645 -13.15 30.76 11.18
CA GLY A 645 -13.72 30.66 12.50
C GLY A 645 -15.14 30.14 12.40
N VAL A 646 -15.66 29.67 13.52
CA VAL A 646 -17.00 29.17 13.57
C VAL A 646 -17.59 29.95 14.72
N MET A 647 -18.29 31.05 14.38
CA MET A 647 -18.89 31.95 15.37
C MET A 647 -19.83 31.29 16.35
N VAL A 648 -19.66 31.59 17.64
CA VAL A 648 -20.50 30.96 18.61
C VAL A 648 -21.99 31.14 18.36
N GLY A 649 -22.46 32.39 18.35
CA GLY A 649 -23.88 32.66 18.10
C GLY A 649 -24.40 32.15 16.75
N PRO A 650 -23.83 32.60 15.65
CA PRO A 650 -24.32 32.11 14.37
C PRO A 650 -24.44 30.60 14.37
N PHE A 651 -23.72 29.94 15.27
CA PHE A 651 -23.75 28.49 15.35
C PHE A 651 -24.89 28.00 16.23
N VAL A 652 -24.88 28.38 17.50
CA VAL A 652 -25.95 27.94 18.39
C VAL A 652 -27.35 28.13 17.81
N LYS A 653 -27.53 29.16 16.99
CA LYS A 653 -28.83 29.44 16.38
C LYS A 653 -29.24 28.31 15.46
N GLU A 654 -28.34 27.96 14.53
CA GLU A 654 -28.56 26.90 13.57
C GLU A 654 -28.41 25.48 14.15
N GLN A 655 -27.68 25.35 15.25
CA GLN A 655 -27.47 24.04 15.85
C GLN A 655 -27.89 24.10 17.29
N GLY A 656 -26.92 24.12 18.20
CA GLY A 656 -27.25 24.17 19.61
C GLY A 656 -26.02 24.38 20.44
N ALA A 657 -26.19 24.63 21.73
CA ALA A 657 -25.06 24.81 22.64
C ALA A 657 -24.52 23.42 22.91
N ASP A 658 -25.22 22.65 23.76
CA ASP A 658 -24.82 21.28 24.08
C ASP A 658 -24.16 20.61 22.85
N ILE A 659 -24.69 20.82 21.65
CA ILE A 659 -24.07 20.21 20.51
C ILE A 659 -22.65 20.68 20.36
N ALA A 660 -22.44 21.98 20.48
CA ALA A 660 -21.10 22.52 20.36
C ALA A 660 -20.26 22.01 21.54
N ARG A 661 -20.85 21.96 22.72
CA ARG A 661 -20.10 21.45 23.86
C ARG A 661 -19.59 20.06 23.57
N ILE A 662 -20.48 19.10 23.40
CA ILE A 662 -20.06 17.74 23.08
C ILE A 662 -19.03 17.78 21.92
N THR A 663 -19.36 18.33 20.75
CA THR A 663 -18.38 18.36 19.67
C THR A 663 -17.03 18.90 20.09
N ILE A 664 -16.97 19.60 21.20
CA ILE A 664 -15.70 20.16 21.53
C ILE A 664 -14.95 19.34 22.54
N LEU A 665 -15.67 18.80 23.51
CA LEU A 665 -15.08 17.98 24.56
C LEU A 665 -14.91 16.50 24.21
N PHE A 666 -15.15 16.11 22.97
CA PHE A 666 -15.06 14.70 22.62
C PHE A 666 -14.25 14.56 21.35
N ALA A 667 -13.90 15.68 20.77
CA ALA A 667 -13.16 15.67 19.53
C ALA A 667 -11.89 14.85 19.67
N ALA A 668 -11.14 15.10 20.74
CA ALA A 668 -9.88 14.40 21.02
C ALA A 668 -9.55 14.63 22.48
N PRO A 669 -8.31 14.31 22.93
CA PRO A 669 -8.00 14.53 24.35
C PRO A 669 -7.76 16.03 24.58
N PRO A 670 -8.30 16.60 25.66
CA PRO A 670 -8.12 18.03 25.92
C PRO A 670 -6.79 18.68 25.55
N GLU A 671 -5.70 18.19 26.14
CA GLU A 671 -4.38 18.74 25.85
C GLU A 671 -3.97 18.63 24.40
N ASN A 672 -4.46 17.64 23.66
CA ASN A 672 -4.14 17.52 22.23
C ASN A 672 -4.87 18.61 21.45
N GLU A 673 -4.61 18.68 20.16
CA GLU A 673 -5.29 19.68 19.35
C GLU A 673 -6.36 18.97 18.55
N MET A 674 -7.56 19.51 18.57
CA MET A 674 -8.65 18.92 17.83
C MET A 674 -8.84 19.57 16.49
N VAL A 675 -9.80 19.02 15.74
CA VAL A 675 -10.14 19.56 14.43
C VAL A 675 -11.65 19.59 14.33
N TRP A 676 -12.24 20.76 14.64
CA TRP A 676 -13.68 20.97 14.58
C TRP A 676 -14.15 20.56 13.17
N THR A 677 -15.16 19.69 13.11
CA THR A 677 -15.66 19.22 11.81
C THR A 677 -17.19 18.98 11.70
N GLU A 678 -17.66 18.90 10.46
CA GLU A 678 -19.06 18.69 10.21
C GLU A 678 -19.47 17.40 10.89
N GLU A 679 -18.81 16.31 10.50
CA GLU A 679 -19.06 15.00 11.05
C GLU A 679 -19.01 15.06 12.58
N GLY A 680 -18.11 15.90 13.11
CA GLY A 680 -18.00 16.01 14.54
C GLY A 680 -19.30 16.44 15.17
N VAL A 681 -19.87 17.50 14.59
CA VAL A 681 -21.15 18.09 15.02
C VAL A 681 -22.32 17.11 14.80
N GLN A 682 -22.36 16.50 13.60
CA GLN A 682 -23.40 15.52 13.26
C GLN A 682 -23.41 14.43 14.33
N GLY A 683 -22.23 13.98 14.71
CA GLY A 683 -22.12 12.96 15.74
C GLY A 683 -22.73 13.42 17.04
N ALA A 684 -22.45 14.65 17.45
CA ALA A 684 -23.01 15.16 18.70
C ALA A 684 -24.52 15.22 18.60
N TRP A 685 -25.04 15.52 17.39
CA TRP A 685 -26.47 15.55 17.17
C TRP A 685 -27.02 14.19 17.54
N ARG A 686 -26.56 13.17 16.81
CA ARG A 686 -26.97 11.78 17.05
C ARG A 686 -26.83 11.33 18.51
N PHE A 687 -25.71 11.66 19.17
CA PHE A 687 -25.59 11.25 20.55
C PHE A 687 -26.70 11.89 21.38
N LEU A 688 -26.86 13.21 21.24
CA LEU A 688 -27.90 13.93 22.00
C LEU A 688 -29.30 13.44 21.66
N ASN A 689 -29.53 13.18 20.37
CA ASN A 689 -30.82 12.66 19.94
C ASN A 689 -31.10 11.41 20.74
N ARG A 690 -30.43 10.31 20.41
CA ARG A 690 -30.64 9.06 21.15
C ARG A 690 -30.75 9.26 22.68
N ILE A 691 -29.98 10.16 23.27
CA ILE A 691 -30.13 10.31 24.71
C ILE A 691 -31.58 10.69 24.98
N TYR A 692 -32.11 11.62 24.18
CA TYR A 692 -33.50 12.13 24.29
C TYR A 692 -34.55 11.06 23.99
N ARG A 693 -34.46 10.47 22.80
CA ARG A 693 -35.39 9.43 22.39
C ARG A 693 -35.58 8.41 23.52
N ARG A 694 -34.49 7.77 23.92
CA ARG A 694 -34.51 6.80 24.98
C ARG A 694 -35.36 7.21 26.17
N VAL A 695 -35.10 8.38 26.74
CA VAL A 695 -35.87 8.83 27.89
C VAL A 695 -37.29 9.27 27.55
N ALA A 696 -37.47 9.79 26.34
CA ALA A 696 -38.79 10.21 25.89
C ALA A 696 -39.73 9.00 25.83
N GLU A 697 -39.33 8.03 25.01
CA GLU A 697 -40.08 6.80 24.82
C GLU A 697 -40.45 6.00 26.06
N ASP A 698 -39.78 6.22 27.18
CA ASP A 698 -40.14 5.48 28.39
C ASP A 698 -40.61 6.46 29.45
N ARG A 699 -40.96 7.66 29.01
CA ARG A 699 -41.40 8.71 29.91
C ARG A 699 -42.62 8.37 30.72
N GLU A 700 -43.63 7.83 30.06
CA GLU A 700 -44.86 7.49 30.74
C GLU A 700 -44.60 6.40 31.75
N ALA A 701 -44.00 5.32 31.27
CA ALA A 701 -43.66 4.20 32.14
C ALA A 701 -42.82 4.71 33.33
N LEU A 702 -41.74 5.44 33.03
CA LEU A 702 -40.89 5.97 34.07
C LEU A 702 -41.69 6.68 35.16
N LEU A 703 -42.65 7.51 34.74
CA LEU A 703 -43.46 8.26 35.68
C LEU A 703 -44.25 7.42 36.65
N GLU A 704 -44.68 6.25 36.19
CA GLU A 704 -45.45 5.36 37.04
C GLU A 704 -44.63 4.27 37.69
N THR A 705 -43.30 4.41 37.63
CA THR A 705 -42.39 3.45 38.23
C THR A 705 -41.58 4.12 39.33
N SER A 706 -41.34 3.40 40.41
CA SER A 706 -40.54 3.98 41.48
C SER A 706 -39.08 3.55 41.32
N GLY A 707 -38.17 4.46 41.65
CA GLY A 707 -36.75 4.16 41.52
C GLY A 707 -36.10 3.64 42.77
N VAL A 708 -36.90 3.09 43.69
CA VAL A 708 -36.38 2.54 44.93
C VAL A 708 -36.29 1.02 44.84
N PHE A 709 -35.34 0.43 45.56
CA PHE A 709 -35.15 -1.01 45.55
C PHE A 709 -33.94 -1.45 46.37
N GLN A 710 -33.81 -2.75 46.53
CA GLN A 710 -32.71 -3.35 47.27
C GLN A 710 -31.75 -3.91 46.23
N ALA A 711 -30.53 -3.39 46.21
CA ALA A 711 -29.55 -3.84 45.23
C ALA A 711 -29.28 -5.34 45.30
N GLU A 712 -28.91 -5.83 46.48
CA GLU A 712 -28.61 -7.24 46.68
C GLU A 712 -29.68 -8.18 46.14
N ALA A 713 -30.93 -7.73 46.15
CA ALA A 713 -32.01 -8.56 45.65
C ALA A 713 -32.08 -8.59 44.12
N LEU A 714 -31.27 -7.80 43.46
CA LEU A 714 -31.32 -7.78 42.00
C LEU A 714 -30.72 -9.02 41.40
N GLU A 715 -31.30 -9.48 40.30
CA GLU A 715 -30.82 -10.66 39.61
C GLU A 715 -31.05 -10.61 38.11
N GLY A 716 -30.16 -11.24 37.36
CA GLY A 716 -30.30 -11.26 35.91
C GLY A 716 -29.86 -9.96 35.28
N LYS A 717 -30.46 -9.62 34.14
CA LYS A 717 -30.12 -8.39 33.42
C LYS A 717 -30.15 -7.21 34.39
N ASP A 718 -31.14 -7.18 35.27
CA ASP A 718 -31.24 -6.08 36.22
C ASP A 718 -29.91 -5.91 36.94
N ARG A 719 -29.49 -6.94 37.66
CA ARG A 719 -28.22 -6.91 38.39
C ARG A 719 -27.06 -6.53 37.47
N GLU A 720 -27.13 -7.03 36.24
CA GLU A 720 -26.10 -6.77 35.24
C GLU A 720 -26.00 -5.28 35.00
N LEU A 721 -27.12 -4.64 34.69
CA LEU A 721 -27.17 -3.20 34.43
C LEU A 721 -26.62 -2.42 35.62
N TYR A 722 -27.16 -2.69 36.80
CA TYR A 722 -26.73 -2.02 38.02
C TYR A 722 -25.20 -1.97 38.11
N GLY A 723 -24.54 -3.00 37.62
CA GLY A 723 -23.08 -3.02 37.65
C GLY A 723 -22.58 -2.06 36.61
N LYS A 724 -22.95 -2.30 35.37
CA LYS A 724 -22.55 -1.46 34.23
C LYS A 724 -22.79 0.03 34.56
N LEU A 725 -23.81 0.30 35.37
CA LEU A 725 -24.15 1.66 35.76
C LEU A 725 -22.98 2.20 36.58
N HIS A 726 -22.76 1.63 37.77
CA HIS A 726 -21.66 2.06 38.61
C HIS A 726 -20.28 1.89 37.94
N GLU A 727 -20.18 0.97 37.00
CA GLU A 727 -18.92 0.80 36.34
C GLU A 727 -18.70 2.14 35.67
N THR A 728 -19.78 2.67 35.09
CA THR A 728 -19.73 3.95 34.41
C THR A 728 -19.59 5.11 35.41
N LEU A 729 -20.40 5.09 36.45
CA LEU A 729 -20.30 6.14 37.44
C LEU A 729 -18.85 6.36 37.87
N LYS A 730 -18.07 5.28 37.93
CA LYS A 730 -16.68 5.37 38.37
C LYS A 730 -15.78 5.96 37.31
N LYS A 731 -15.86 5.40 36.11
CA LYS A 731 -15.05 5.89 35.02
C LYS A 731 -15.33 7.37 34.82
N VAL A 732 -16.61 7.75 34.91
CA VAL A 732 -16.96 9.14 34.71
C VAL A 732 -16.47 10.05 35.85
N THR A 733 -16.70 9.66 37.10
CA THR A 733 -16.25 10.49 38.19
C THR A 733 -14.74 10.73 38.14
N GLU A 734 -13.99 9.66 37.90
CA GLU A 734 -12.53 9.78 37.86
C GLU A 734 -12.13 10.64 36.70
N ASP A 735 -12.58 10.28 35.51
CA ASP A 735 -12.24 11.06 34.32
C ASP A 735 -12.43 12.57 34.51
N LEU A 736 -13.43 12.97 35.29
CA LEU A 736 -13.67 14.39 35.54
C LEU A 736 -12.61 14.96 36.45
N GLU A 737 -12.42 14.35 37.62
CA GLU A 737 -11.44 14.80 38.57
C GLU A 737 -10.01 14.83 38.01
N ALA A 738 -9.84 14.28 36.81
CA ALA A 738 -8.56 14.21 36.12
C ALA A 738 -8.59 14.95 34.78
N LEU A 739 -9.56 15.84 34.63
CA LEU A 739 -9.75 16.61 33.40
C LEU A 739 -9.68 15.80 32.10
N ARG A 740 -10.06 14.53 32.16
CA ARG A 740 -10.06 13.70 30.96
C ARG A 740 -11.50 13.60 30.47
N PHE A 741 -11.92 14.58 29.71
CA PHE A 741 -13.31 14.61 29.27
C PHE A 741 -13.72 13.66 28.15
N ASN A 742 -13.03 13.67 27.01
CA ASN A 742 -13.40 12.78 25.91
C ASN A 742 -13.87 11.44 26.40
N THR A 743 -13.08 10.82 27.26
CA THR A 743 -13.43 9.50 27.75
C THR A 743 -14.58 9.46 28.72
N ALA A 744 -14.78 10.56 29.46
CA ALA A 744 -15.92 10.61 30.38
C ALA A 744 -17.14 10.63 29.48
N ILE A 745 -17.06 11.37 28.39
CA ILE A 745 -18.20 11.41 27.49
C ILE A 745 -18.41 10.03 26.94
N ALA A 746 -17.47 9.52 26.16
CA ALA A 746 -17.59 8.17 25.60
C ALA A 746 -18.08 7.14 26.63
N ALA A 747 -17.67 7.32 27.88
CA ALA A 747 -18.10 6.40 28.89
C ALA A 747 -19.60 6.47 29.00
N LEU A 748 -20.16 7.60 28.58
CA LEU A 748 -21.60 7.82 28.62
C LEU A 748 -22.25 7.32 27.34
N MET A 749 -21.62 7.55 26.21
CA MET A 749 -22.19 7.06 24.98
C MET A 749 -22.33 5.54 25.11
N GLU A 750 -21.37 4.91 25.77
CA GLU A 750 -21.35 3.46 25.96
C GLU A 750 -22.47 2.95 26.84
N PHE A 751 -22.75 3.65 27.93
CA PHE A 751 -23.82 3.24 28.81
C PHE A 751 -25.15 3.50 28.12
N LEU A 752 -25.18 4.53 27.27
CA LEU A 752 -26.42 4.82 26.56
C LEU A 752 -26.70 3.55 25.82
N ASN A 753 -25.79 3.17 24.91
CA ASN A 753 -25.94 1.93 24.15
C ASN A 753 -26.35 0.78 25.09
N ALA A 754 -25.79 0.74 26.30
CA ALA A 754 -26.15 -0.30 27.23
C ALA A 754 -27.64 -0.22 27.54
N LEU A 755 -28.14 0.96 27.89
CA LEU A 755 -29.56 1.17 28.20
C LEU A 755 -30.49 0.72 27.06
N TYR A 756 -30.12 1.02 25.81
CA TYR A 756 -30.97 0.57 24.73
C TYR A 756 -31.11 -0.94 24.78
N GLU A 757 -29.97 -1.65 24.78
CA GLU A 757 -29.98 -3.11 24.85
C GLU A 757 -30.84 -3.64 25.99
N TYR A 758 -30.73 -3.02 27.15
CA TYR A 758 -31.51 -3.45 28.30
C TYR A 758 -32.99 -3.41 28.04
N ARG A 759 -33.41 -2.56 27.11
CA ARG A 759 -34.83 -2.45 26.82
C ARG A 759 -35.27 -3.51 25.83
N LYS A 760 -34.36 -3.92 24.94
CA LYS A 760 -34.68 -4.96 23.98
C LYS A 760 -35.27 -6.16 24.70
N ASP A 761 -34.94 -6.32 25.97
CA ASP A 761 -35.44 -7.47 26.72
C ASP A 761 -36.26 -7.05 27.93
N ARG A 762 -35.60 -6.45 28.90
CA ARG A 762 -36.24 -6.01 30.12
C ARG A 762 -37.24 -4.86 29.89
N PRO A 763 -38.24 -4.72 30.79
CA PRO A 763 -39.29 -3.68 30.72
C PRO A 763 -38.75 -2.30 31.10
N VAL A 764 -39.33 -1.72 32.14
CA VAL A 764 -38.92 -0.41 32.63
C VAL A 764 -38.97 -0.55 34.12
N THR A 765 -37.96 -1.23 34.65
CA THR A 765 -37.85 -1.51 36.07
C THR A 765 -37.27 -0.39 36.91
N PRO A 766 -37.50 -0.42 38.23
CA PRO A 766 -36.98 0.61 39.13
C PRO A 766 -35.51 0.85 38.86
N VAL A 767 -34.73 -0.23 38.82
CA VAL A 767 -33.31 -0.06 38.57
C VAL A 767 -33.17 0.81 37.32
N TYR A 768 -33.92 0.49 36.27
CA TYR A 768 -33.84 1.31 35.05
C TYR A 768 -34.21 2.76 35.32
N ARG A 769 -35.14 3.00 36.25
CA ARG A 769 -35.49 4.36 36.54
C ARG A 769 -34.21 4.96 37.07
N THR A 770 -33.75 4.42 38.19
CA THR A 770 -32.51 4.90 38.78
C THR A 770 -31.39 5.04 37.74
N ALA A 771 -31.32 4.11 36.80
CA ALA A 771 -30.27 4.22 35.81
C ALA A 771 -30.38 5.56 35.08
N ILE A 772 -31.60 6.03 34.83
CA ILE A 772 -31.76 7.30 34.12
C ILE A 772 -31.45 8.48 35.05
N ARG A 773 -31.88 8.38 36.31
CA ARG A 773 -31.63 9.43 37.27
C ARG A 773 -30.11 9.69 37.31
N TYR A 774 -29.33 8.61 37.35
CA TYR A 774 -27.87 8.70 37.37
C TYR A 774 -27.31 9.15 36.04
N TYR A 775 -27.85 8.63 34.96
CA TYR A 775 -27.32 9.04 33.66
C TYR A 775 -27.47 10.55 33.52
N LEU A 776 -28.62 11.09 33.88
CA LEU A 776 -28.84 12.52 33.77
C LEU A 776 -27.85 13.27 34.65
N GLN A 777 -27.84 12.96 35.94
CA GLN A 777 -26.92 13.63 36.83
C GLN A 777 -25.49 13.71 36.27
N MET A 778 -25.01 12.62 35.66
CA MET A 778 -23.68 12.57 35.14
C MET A 778 -23.57 13.36 33.87
N LEU A 779 -24.65 13.43 33.12
CA LEU A 779 -24.64 14.14 31.85
C LEU A 779 -24.62 15.64 32.04
N PHE A 780 -25.19 16.07 33.15
CA PHE A 780 -25.27 17.48 33.42
C PHE A 780 -24.05 18.28 33.01
N PRO A 781 -22.88 18.00 33.60
CA PRO A 781 -21.69 18.76 33.24
C PRO A 781 -21.41 18.96 31.76
N PHE A 782 -21.73 17.99 30.93
CA PHE A 782 -21.44 18.14 29.51
C PHE A 782 -22.56 18.82 28.71
N ALA A 783 -23.80 18.35 28.91
CA ALA A 783 -24.96 18.91 28.24
C ALA A 783 -25.91 19.27 29.35
N PRO A 784 -25.70 20.44 30.00
CA PRO A 784 -26.51 20.95 31.11
C PRO A 784 -27.96 21.24 30.73
N HIS A 785 -28.20 21.52 29.45
CA HIS A 785 -29.55 21.81 28.99
C HIS A 785 -30.34 20.52 28.94
N LEU A 786 -30.17 19.80 27.84
CA LEU A 786 -30.82 18.53 27.65
C LEU A 786 -31.00 17.73 28.92
N ALA A 787 -30.08 17.91 29.85
CA ALA A 787 -30.15 17.16 31.10
C ALA A 787 -31.22 17.70 31.97
N GLU A 788 -31.17 19.01 32.22
CA GLU A 788 -32.12 19.69 33.09
C GLU A 788 -33.54 19.50 32.52
N GLU A 789 -33.63 19.58 31.19
CA GLU A 789 -34.87 19.39 30.46
C GLU A 789 -35.46 18.04 30.89
N LEU A 790 -34.89 16.96 30.36
CA LEU A 790 -35.33 15.59 30.69
C LEU A 790 -35.46 15.36 32.19
N TRP A 791 -34.53 15.90 32.96
CA TRP A 791 -34.58 15.66 34.38
C TRP A 791 -35.88 16.15 34.99
N HIS A 792 -36.41 17.26 34.45
CA HIS A 792 -37.64 17.77 35.02
C HIS A 792 -38.88 16.94 34.72
N TRP A 793 -38.85 16.12 33.67
CA TRP A 793 -40.00 15.27 33.42
C TRP A 793 -40.26 14.37 34.60
N PHE A 794 -39.30 14.21 35.51
CA PHE A 794 -39.53 13.31 36.63
C PHE A 794 -39.11 13.85 37.97
N TRP A 795 -38.32 14.91 37.98
CA TRP A 795 -37.91 15.46 39.27
C TRP A 795 -38.18 16.95 39.31
N PRO A 796 -38.49 17.47 40.50
CA PRO A 796 -38.78 18.87 40.78
C PRO A 796 -37.60 19.81 40.62
N ASP A 797 -36.79 19.98 41.66
CA ASP A 797 -35.64 20.88 41.63
C ASP A 797 -34.64 20.77 40.44
N SER A 798 -33.66 21.65 40.42
CA SER A 798 -32.66 21.62 39.35
C SER A 798 -31.55 20.63 39.65
N LEU A 799 -30.93 20.12 38.59
CA LEU A 799 -29.83 19.21 38.75
C LEU A 799 -28.80 19.79 39.72
N PHE A 800 -28.74 21.10 39.81
CA PHE A 800 -27.79 21.71 40.72
C PHE A 800 -27.98 21.26 42.15
N GLU A 801 -29.18 20.81 42.52
CA GLU A 801 -29.37 20.41 43.90
C GLU A 801 -29.52 18.91 44.07
N ALA A 802 -29.21 18.17 43.01
CA ALA A 802 -29.31 16.70 43.04
C ALA A 802 -28.11 16.01 43.74
N GLY A 803 -26.94 16.60 43.63
CA GLY A 803 -25.76 16.01 44.23
C GLY A 803 -25.14 15.10 43.19
N TRP A 804 -23.99 14.53 43.52
CA TRP A 804 -23.32 13.63 42.59
C TRP A 804 -23.66 12.20 43.02
N PRO A 805 -24.02 11.34 42.05
CA PRO A 805 -24.37 9.95 42.37
C PRO A 805 -23.30 9.26 43.21
N GLU A 806 -23.73 8.56 44.25
CA GLU A 806 -22.81 7.83 45.13
C GLU A 806 -22.48 6.45 44.58
N LEU A 807 -21.21 6.23 44.26
CA LEU A 807 -20.75 4.97 43.72
C LEU A 807 -20.91 3.87 44.75
N ASP A 808 -21.14 2.64 44.30
CA ASP A 808 -21.29 1.49 45.20
C ASP A 808 -20.24 0.45 44.83
N GLU A 809 -19.24 0.34 45.69
CA GLU A 809 -18.15 -0.59 45.48
C GLU A 809 -18.63 -1.99 45.15
N LYS A 810 -19.39 -2.58 46.09
CA LYS A 810 -19.92 -3.93 45.93
C LYS A 810 -20.43 -4.23 44.53
N ALA A 811 -20.92 -3.19 43.86
CA ALA A 811 -21.48 -3.33 42.52
C ALA A 811 -20.45 -3.53 41.42
N LEU A 812 -19.23 -3.10 41.68
CA LEU A 812 -18.16 -3.21 40.69
C LEU A 812 -17.64 -4.64 40.56
N GLU A 813 -17.92 -5.44 41.57
CA GLU A 813 -17.51 -6.85 41.63
C GLU A 813 -18.06 -7.72 40.52
N LYS A 814 -17.18 -8.49 39.88
CA LYS A 814 -17.59 -9.38 38.81
C LYS A 814 -17.88 -10.79 39.33
N ASP A 815 -18.60 -11.56 38.51
CA ASP A 815 -18.94 -12.95 38.81
C ASP A 815 -19.31 -13.51 37.45
N VAL A 816 -18.72 -14.62 37.07
CA VAL A 816 -18.99 -15.19 35.76
C VAL A 816 -18.51 -14.17 34.74
N VAL A 817 -17.20 -14.05 34.63
CA VAL A 817 -16.56 -13.14 33.70
C VAL A 817 -16.25 -13.93 32.44
N GLU A 818 -15.59 -13.29 31.49
CA GLU A 818 -15.24 -13.99 30.26
C GLU A 818 -13.73 -14.17 30.14
N VAL A 819 -13.27 -15.38 30.41
CA VAL A 819 -11.87 -15.69 30.34
C VAL A 819 -11.54 -16.05 28.92
N ALA A 820 -10.28 -15.83 28.54
CA ALA A 820 -9.84 -16.16 27.20
C ALA A 820 -8.98 -17.39 27.32
N VAL A 821 -9.28 -18.38 26.48
CA VAL A 821 -8.55 -19.63 26.49
C VAL A 821 -7.55 -19.61 25.37
N GLN A 822 -6.27 -19.68 25.72
CA GLN A 822 -5.24 -19.66 24.71
C GLN A 822 -4.39 -20.92 24.72
N VAL A 823 -4.09 -21.39 23.52
CA VAL A 823 -3.29 -22.59 23.30
C VAL A 823 -1.91 -22.23 22.80
N ASN A 824 -0.94 -22.56 23.65
CA ASN A 824 0.46 -22.33 23.35
C ASN A 824 0.73 -20.84 23.19
N GLY A 825 0.20 -20.06 24.13
CA GLY A 825 0.41 -18.62 24.08
C GLY A 825 -0.50 -17.81 23.18
N ARG A 826 -1.04 -18.42 22.14
CA ARG A 826 -1.93 -17.73 21.21
C ARG A 826 -3.40 -17.85 21.63
N VAL A 827 -4.11 -16.74 21.69
CA VAL A 827 -5.52 -16.74 22.09
C VAL A 827 -6.33 -17.53 21.08
N ARG A 828 -6.76 -18.72 21.47
CA ARG A 828 -7.53 -19.59 20.58
C ARG A 828 -9.06 -19.33 20.65
N GLY A 829 -9.55 -18.83 21.80
CA GLY A 829 -10.97 -18.54 21.96
C GLY A 829 -11.29 -18.00 23.35
N THR A 830 -12.57 -17.93 23.70
CA THR A 830 -12.99 -17.43 25.02
C THR A 830 -14.15 -18.26 25.59
N ILE A 831 -14.35 -18.19 26.91
CA ILE A 831 -15.43 -18.92 27.56
C ILE A 831 -16.04 -18.03 28.62
N HIS A 832 -17.07 -18.52 29.29
CA HIS A 832 -17.74 -17.74 30.33
C HIS A 832 -17.85 -18.48 31.66
N ILE A 833 -16.99 -18.15 32.62
CA ILE A 833 -17.04 -18.83 33.91
C ILE A 833 -16.77 -17.91 35.08
N PRO A 834 -17.20 -18.28 36.27
CA PRO A 834 -16.97 -17.43 37.43
C PRO A 834 -15.55 -16.92 37.52
N LYS A 835 -15.38 -15.87 38.30
CA LYS A 835 -14.07 -15.28 38.52
C LYS A 835 -13.30 -16.22 39.45
N ASP A 836 -14.03 -17.14 40.08
CA ASP A 836 -13.47 -18.11 41.04
C ASP A 836 -13.36 -19.55 40.50
N ALA A 837 -14.07 -19.83 39.43
CA ALA A 837 -14.05 -21.15 38.85
C ALA A 837 -12.65 -21.75 38.86
N PRO A 838 -12.46 -22.92 39.48
CA PRO A 838 -11.17 -23.61 39.57
C PRO A 838 -10.75 -24.15 38.20
N LEU A 839 -9.44 -24.28 37.98
CA LEU A 839 -8.89 -24.74 36.70
C LEU A 839 -9.72 -25.83 36.05
N GLU A 840 -10.12 -26.79 36.88
CA GLU A 840 -10.91 -27.92 36.46
C GLU A 840 -12.16 -27.48 35.68
N VAL A 841 -12.79 -26.41 36.16
CA VAL A 841 -13.99 -25.88 35.52
C VAL A 841 -13.66 -25.15 34.22
N ALA A 842 -12.63 -24.31 34.28
CA ALA A 842 -12.21 -23.55 33.11
C ALA A 842 -11.77 -24.53 32.04
N ARG A 843 -10.86 -25.42 32.43
CA ARG A 843 -10.34 -26.44 31.51
C ARG A 843 -11.50 -27.10 30.79
N ALA A 844 -12.46 -27.55 31.60
CA ALA A 844 -13.65 -28.22 31.11
C ALA A 844 -14.39 -27.34 30.11
N GLU A 845 -14.88 -26.21 30.59
CA GLU A 845 -15.61 -25.28 29.75
C GLU A 845 -14.86 -24.92 28.47
N ALA A 846 -13.54 -24.89 28.57
CA ALA A 846 -12.69 -24.54 27.44
C ALA A 846 -12.59 -25.66 26.42
N LEU A 847 -12.34 -26.87 26.91
CA LEU A 847 -12.20 -28.04 26.06
C LEU A 847 -13.36 -28.25 25.10
N LYS A 848 -14.38 -27.41 25.18
CA LYS A 848 -15.54 -27.54 24.31
C LYS A 848 -16.06 -26.19 23.81
N VAL A 849 -15.17 -25.41 23.21
CA VAL A 849 -15.55 -24.09 22.71
C VAL A 849 -16.33 -24.14 21.38
N ARG A 850 -16.52 -22.98 20.77
CA ARG A 850 -17.26 -22.87 19.50
C ARG A 850 -16.69 -23.84 18.47
N ASN A 851 -15.40 -23.64 18.16
CA ASN A 851 -14.69 -24.47 17.20
C ASN A 851 -13.90 -25.60 17.86
N VAL A 852 -14.02 -25.70 19.19
CA VAL A 852 -13.31 -26.72 19.95
C VAL A 852 -11.88 -26.74 19.41
N ARG A 853 -11.36 -25.55 19.14
CA ARG A 853 -10.02 -25.39 18.61
C ARG A 853 -9.05 -25.70 19.74
N ALA A 854 -9.45 -25.36 20.96
CA ALA A 854 -8.62 -25.61 22.13
C ALA A 854 -8.29 -27.10 22.21
N HIS A 855 -9.13 -27.91 21.57
CA HIS A 855 -8.99 -29.37 21.55
C HIS A 855 -8.14 -29.78 20.35
N LEU A 856 -8.55 -29.37 19.15
CA LEU A 856 -7.81 -29.71 17.94
C LEU A 856 -6.38 -29.17 17.98
N GLU A 857 -6.17 -28.07 18.72
CA GLU A 857 -4.85 -27.47 18.85
C GLU A 857 -4.08 -28.06 20.04
N GLY A 858 -4.81 -28.39 21.11
CA GLY A 858 -4.18 -28.95 22.29
C GLY A 858 -4.31 -30.46 22.40
N LYS A 859 -3.67 -31.18 21.47
CA LYS A 859 -3.72 -32.64 21.47
C LYS A 859 -2.56 -33.28 22.24
N GLU A 860 -1.93 -32.49 23.12
CA GLU A 860 -0.83 -32.95 23.95
C GLU A 860 -0.85 -32.22 25.28
N VAL A 861 -0.52 -30.93 25.27
CA VAL A 861 -0.51 -30.11 26.49
C VAL A 861 0.44 -30.64 27.56
N VAL A 862 1.19 -29.73 28.17
CA VAL A 862 2.14 -30.09 29.21
C VAL A 862 1.87 -29.24 30.45
N LYS A 863 2.20 -27.96 30.38
CA LYS A 863 1.99 -27.01 31.47
C LYS A 863 0.74 -26.19 31.18
N GLU A 864 0.01 -25.80 32.22
CA GLU A 864 -1.20 -25.01 32.05
C GLU A 864 -1.21 -23.83 33.00
N ILE A 865 -1.14 -22.62 32.45
CA ILE A 865 -1.17 -21.42 33.27
C ILE A 865 -2.61 -20.94 33.30
N TYR A 866 -3.07 -20.56 34.49
CA TYR A 866 -4.44 -20.11 34.66
C TYR A 866 -4.60 -18.89 35.53
N VAL A 867 -4.92 -17.77 34.90
CA VAL A 867 -5.13 -16.54 35.65
C VAL A 867 -6.63 -16.41 35.86
N PRO A 868 -7.10 -16.72 37.09
CA PRO A 868 -8.52 -16.65 37.48
C PRO A 868 -9.23 -15.45 36.90
N GLY A 869 -8.48 -14.38 36.70
CA GLY A 869 -9.08 -13.21 36.14
C GLY A 869 -9.67 -13.56 34.79
N LYS A 870 -8.83 -13.57 33.75
CA LYS A 870 -9.34 -13.88 32.43
C LYS A 870 -8.39 -14.66 31.52
N ILE A 871 -7.51 -15.47 32.08
CA ILE A 871 -6.64 -16.25 31.21
C ILE A 871 -6.50 -17.72 31.55
N LEU A 872 -6.37 -18.52 30.51
CA LEU A 872 -6.18 -19.96 30.61
C LEU A 872 -5.32 -20.35 29.42
N ASN A 873 -4.04 -20.57 29.66
CA ASN A 873 -3.11 -20.96 28.60
C ASN A 873 -2.77 -22.44 28.68
N LEU A 874 -3.01 -23.12 27.56
CA LEU A 874 -2.75 -24.55 27.42
C LEU A 874 -1.48 -24.73 26.59
N VAL A 875 -0.33 -24.79 27.28
CA VAL A 875 0.96 -24.95 26.62
C VAL A 875 1.12 -26.37 26.09
N VAL A 876 0.90 -26.54 24.79
CA VAL A 876 1.01 -27.84 24.13
C VAL A 876 2.40 -28.45 24.39
N MET C 1 25.24 11.89 -40.77
CA MET C 1 24.78 10.52 -40.34
C MET C 1 23.27 10.38 -40.48
N GLU C 2 22.84 9.57 -41.45
CA GLU C 2 21.41 9.35 -41.67
C GLU C 2 20.87 8.43 -40.58
N LYS C 3 19.55 8.29 -40.51
CA LYS C 3 18.98 7.45 -39.48
C LYS C 3 18.41 6.12 -40.00
N TYR C 4 17.85 5.36 -39.06
CA TYR C 4 17.26 4.07 -39.36
C TYR C 4 15.92 4.24 -40.07
N ASN C 5 15.92 3.93 -41.36
CA ASN C 5 14.71 4.01 -42.20
C ASN C 5 14.36 2.63 -42.73
N PRO C 6 13.46 1.92 -42.04
CA PRO C 6 13.04 0.57 -42.44
C PRO C 6 12.68 0.41 -43.93
N HIS C 7 11.45 0.78 -44.28
CA HIS C 7 10.95 0.68 -45.66
C HIS C 7 12.04 0.72 -46.72
N ALA C 8 12.91 1.70 -46.60
CA ALA C 8 13.99 1.90 -47.55
C ALA C 8 14.86 0.68 -47.84
N ILE C 9 15.02 -0.20 -46.86
CA ILE C 9 15.87 -1.38 -47.04
C ILE C 9 15.21 -2.75 -46.89
N GLU C 10 14.15 -2.83 -46.11
CA GLU C 10 13.48 -4.11 -45.90
C GLU C 10 13.05 -4.79 -47.21
N ALA C 11 12.03 -4.24 -47.87
CA ALA C 11 11.56 -4.81 -49.13
C ALA C 11 12.73 -5.07 -50.08
N LYS C 12 13.79 -4.27 -49.92
CA LYS C 12 15.00 -4.36 -50.74
C LYS C 12 15.70 -5.71 -50.59
N TRP C 13 15.81 -6.15 -49.35
CA TRP C 13 16.47 -7.41 -49.02
C TRP C 13 15.56 -8.61 -49.23
N GLN C 14 14.28 -8.47 -48.89
CA GLN C 14 13.35 -9.56 -49.06
C GLN C 14 13.40 -10.02 -50.49
N ARG C 15 13.61 -9.07 -51.39
CA ARG C 15 13.70 -9.37 -52.80
C ARG C 15 15.01 -10.10 -53.05
N PHE C 16 16.10 -9.59 -52.46
CA PHE C 16 17.44 -10.18 -52.61
C PHE C 16 17.48 -11.66 -52.22
N TRP C 17 17.04 -11.95 -51.01
CA TRP C 17 17.02 -13.30 -50.48
C TRP C 17 16.25 -14.26 -51.38
N GLU C 18 15.11 -13.81 -51.88
CA GLU C 18 14.28 -14.63 -52.77
C GLU C 18 14.99 -14.98 -54.07
N GLU C 19 15.63 -14.00 -54.68
CA GLU C 19 16.35 -14.20 -55.93
C GLU C 19 17.41 -15.26 -55.73
N LYS C 20 18.29 -15.04 -54.77
CA LYS C 20 19.37 -15.97 -54.46
C LYS C 20 18.82 -17.32 -53.97
N GLY C 21 17.63 -17.30 -53.38
CA GLY C 21 17.03 -18.52 -52.88
C GLY C 21 17.95 -19.19 -51.86
N PHE C 22 18.13 -18.53 -50.73
CA PHE C 22 19.00 -19.08 -49.70
C PHE C 22 18.31 -20.20 -48.93
N MET C 23 16.99 -20.14 -48.84
CA MET C 23 16.26 -21.17 -48.12
C MET C 23 15.63 -22.20 -49.02
N LYS C 24 16.41 -22.65 -50.00
CA LYS C 24 15.95 -23.68 -50.92
C LYS C 24 16.62 -24.97 -50.48
N ALA C 25 15.92 -25.75 -49.68
CA ALA C 25 16.46 -27.01 -49.18
C ALA C 25 16.87 -27.94 -50.34
N LYS C 26 18.00 -28.62 -50.16
CA LYS C 26 18.54 -29.55 -51.14
C LYS C 26 17.68 -30.82 -51.16
N ASP C 27 17.68 -31.54 -52.28
CA ASP C 27 16.88 -32.76 -52.38
C ASP C 27 17.21 -33.76 -51.30
N LEU C 28 18.46 -34.21 -51.26
CA LEU C 28 18.89 -35.17 -50.25
C LEU C 28 20.01 -34.56 -49.41
N PRO C 29 19.73 -34.25 -48.15
CA PRO C 29 20.67 -33.65 -47.20
C PRO C 29 22.06 -34.23 -47.27
N GLY C 30 23.02 -33.38 -47.61
CA GLY C 30 24.41 -33.80 -47.70
C GLY C 30 24.90 -34.37 -46.37
N GLY C 31 26.21 -34.41 -46.22
CA GLY C 31 26.78 -34.93 -45.00
C GLY C 31 26.95 -33.84 -43.95
N ARG C 32 26.74 -32.60 -44.37
CA ARG C 32 26.88 -31.45 -43.48
C ARG C 32 25.75 -31.42 -42.43
N GLY C 33 25.17 -32.58 -42.12
CA GLY C 33 24.10 -32.64 -41.14
C GLY C 33 22.88 -31.91 -41.69
N LYS C 34 21.76 -31.95 -40.98
CA LYS C 34 20.57 -31.27 -41.46
C LYS C 34 19.54 -31.01 -40.37
N GLN C 35 18.72 -29.98 -40.60
CA GLN C 35 17.66 -29.62 -39.67
C GLN C 35 16.37 -29.42 -40.44
N TYR C 36 15.29 -29.87 -39.83
CA TYR C 36 13.97 -29.77 -40.42
C TYR C 36 13.14 -28.90 -39.49
N VAL C 37 12.91 -27.66 -39.91
CA VAL C 37 12.12 -26.74 -39.11
C VAL C 37 10.76 -26.57 -39.77
N LEU C 38 9.71 -26.91 -39.02
CA LEU C 38 8.37 -26.84 -39.55
C LEU C 38 7.38 -26.24 -38.57
N VAL C 39 6.49 -25.41 -39.12
CA VAL C 39 5.43 -24.77 -38.34
C VAL C 39 4.10 -25.22 -38.93
N MET C 40 3.17 -25.64 -38.06
CA MET C 40 1.86 -26.10 -38.50
C MET C 40 1.25 -25.17 -39.54
N PHE C 41 1.18 -25.61 -40.79
CA PHE C 41 0.61 -24.76 -41.83
C PHE C 41 -0.77 -24.25 -41.45
N PRO C 42 -1.13 -23.05 -41.94
CA PRO C 42 -2.42 -22.42 -41.66
C PRO C 42 -3.65 -22.95 -42.39
N TYR C 43 -4.81 -22.61 -41.84
CA TYR C 43 -6.12 -22.97 -42.39
C TYR C 43 -6.60 -21.71 -43.12
N PRO C 44 -6.43 -21.65 -44.44
CA PRO C 44 -6.88 -20.46 -45.17
C PRO C 44 -8.35 -20.16 -44.86
N SER C 45 -8.57 -19.38 -43.81
CA SER C 45 -9.91 -19.03 -43.36
C SER C 45 -9.88 -17.65 -42.69
N GLY C 46 -8.94 -16.82 -43.11
CA GLY C 46 -8.84 -15.51 -42.53
C GLY C 46 -7.60 -14.77 -43.00
N ASP C 47 -7.37 -13.60 -42.44
CA ASP C 47 -6.21 -12.81 -42.81
C ASP C 47 -5.20 -12.83 -41.67
N LEU C 48 -3.93 -13.01 -42.03
CA LEU C 48 -2.86 -13.07 -41.04
C LEU C 48 -2.63 -11.73 -40.34
N HIS C 49 -2.17 -11.83 -39.09
CA HIS C 49 -1.86 -10.66 -38.28
C HIS C 49 -0.87 -11.06 -37.18
N MET C 50 -0.23 -10.08 -36.56
CA MET C 50 0.74 -10.35 -35.50
C MET C 50 0.35 -11.56 -34.65
N GLY C 51 -0.93 -11.66 -34.34
CA GLY C 51 -1.40 -12.77 -33.53
C GLY C 51 -1.03 -14.13 -34.08
N HIS C 52 -0.86 -14.21 -35.39
CA HIS C 52 -0.50 -15.46 -36.04
C HIS C 52 1.01 -15.53 -36.28
N LEU C 53 1.53 -14.53 -36.97
CA LEU C 53 2.95 -14.46 -37.28
C LEU C 53 3.94 -14.88 -36.19
N LYS C 54 3.52 -14.87 -34.92
CA LYS C 54 4.45 -15.25 -33.85
C LYS C 54 5.19 -16.52 -34.18
N ASN C 55 4.43 -17.60 -34.39
CA ASN C 55 5.01 -18.89 -34.71
C ASN C 55 5.83 -18.86 -35.99
N TYR C 56 5.22 -18.48 -37.10
CA TYR C 56 5.93 -18.44 -38.37
C TYR C 56 7.27 -17.72 -38.21
N THR C 57 7.30 -16.77 -37.30
CA THR C 57 8.50 -16.00 -37.06
C THR C 57 9.56 -16.86 -36.40
N MET C 58 9.25 -17.38 -35.22
CA MET C 58 10.20 -18.24 -34.52
C MET C 58 10.79 -19.30 -35.44
N GLY C 59 9.99 -19.79 -36.38
CA GLY C 59 10.49 -20.77 -37.31
C GLY C 59 11.53 -20.12 -38.21
N ASP C 60 11.30 -18.86 -38.57
CA ASP C 60 12.23 -18.13 -39.43
C ASP C 60 13.54 -17.90 -38.70
N VAL C 61 13.47 -17.66 -37.40
CA VAL C 61 14.67 -17.43 -36.64
C VAL C 61 15.50 -18.71 -36.67
N LEU C 62 14.89 -19.80 -36.21
CA LEU C 62 15.58 -21.08 -36.20
C LEU C 62 16.12 -21.43 -37.57
N ALA C 63 15.29 -21.32 -38.59
CA ALA C 63 15.74 -21.64 -39.92
C ALA C 63 17.06 -20.89 -40.25
N ARG C 64 17.05 -19.56 -40.09
CA ARG C 64 18.25 -18.77 -40.39
C ARG C 64 19.47 -19.16 -39.56
N PHE C 65 19.24 -19.37 -38.28
CA PHE C 65 20.30 -19.76 -37.37
C PHE C 65 20.99 -21.01 -37.89
N ARG C 66 20.21 -22.08 -38.03
CA ARG C 66 20.72 -23.35 -38.52
C ARG C 66 21.39 -23.21 -39.87
N ARG C 67 20.84 -22.37 -40.72
CA ARG C 67 21.41 -22.19 -42.04
C ARG C 67 22.80 -21.57 -41.93
N MET C 68 23.00 -20.69 -40.95
CA MET C 68 24.29 -20.05 -40.80
C MET C 68 25.32 -21.05 -40.32
N GLN C 69 24.92 -21.88 -39.35
CA GLN C 69 25.82 -22.89 -38.81
C GLN C 69 26.32 -23.88 -39.86
N GLY C 70 25.72 -23.87 -41.04
CA GLY C 70 26.17 -24.78 -42.09
C GLY C 70 25.24 -25.95 -42.37
N TYR C 71 24.29 -26.18 -41.49
CA TYR C 71 23.32 -27.25 -41.63
C TYR C 71 22.50 -27.14 -42.91
N GLU C 72 21.91 -28.24 -43.33
CA GLU C 72 21.05 -28.24 -44.50
C GLU C 72 19.67 -27.97 -43.90
N VAL C 73 18.99 -26.93 -44.35
CA VAL C 73 17.70 -26.65 -43.76
C VAL C 73 16.53 -26.77 -44.71
N LEU C 74 15.41 -27.22 -44.14
CA LEU C 74 14.17 -27.38 -44.88
C LEU C 74 13.11 -26.58 -44.13
N HIS C 75 12.75 -25.42 -44.69
CA HIS C 75 11.74 -24.56 -44.08
C HIS C 75 10.58 -24.55 -45.07
N PRO C 76 9.67 -25.54 -44.94
CA PRO C 76 8.50 -25.70 -45.80
C PRO C 76 7.26 -24.91 -45.37
N MET C 77 6.35 -24.68 -46.31
CA MET C 77 5.12 -23.96 -46.04
C MET C 77 4.07 -24.35 -47.07
N GLY C 78 2.88 -24.69 -46.58
CA GLY C 78 1.80 -25.09 -47.46
C GLY C 78 0.47 -24.58 -46.93
N TRP C 79 -0.63 -24.99 -47.55
CA TRP C 79 -1.94 -24.52 -47.10
C TRP C 79 -2.95 -25.64 -46.84
N ASP C 80 -3.45 -25.69 -45.61
CA ASP C 80 -4.43 -26.71 -45.25
C ASP C 80 -5.81 -26.21 -45.69
N ALA C 81 -6.05 -26.32 -47.00
CA ALA C 81 -7.30 -25.87 -47.61
C ALA C 81 -8.51 -26.78 -47.34
N PHE C 82 -8.56 -27.93 -48.00
CA PHE C 82 -9.67 -28.87 -47.83
C PHE C 82 -10.14 -29.05 -46.39
N GLY C 83 -11.45 -29.14 -46.22
CA GLY C 83 -12.00 -29.33 -44.89
C GLY C 83 -13.05 -28.29 -44.52
N LEU C 84 -13.51 -28.36 -43.27
CA LEU C 84 -14.51 -27.43 -42.76
C LEU C 84 -13.99 -26.00 -42.72
N PRO C 85 -12.81 -25.79 -42.10
CA PRO C 85 -12.24 -24.44 -42.02
C PRO C 85 -12.44 -23.57 -43.26
N ALA C 86 -11.88 -23.99 -44.40
CA ALA C 86 -12.01 -23.20 -45.62
C ALA C 86 -13.46 -23.07 -46.08
N GLU C 87 -14.16 -24.18 -46.21
CA GLU C 87 -15.55 -24.16 -46.67
C GLU C 87 -16.46 -23.35 -45.75
N ASN C 88 -16.51 -23.69 -44.46
CA ASN C 88 -17.35 -22.97 -43.52
C ASN C 88 -17.09 -21.46 -43.52
N ALA C 89 -15.87 -21.06 -43.88
CA ALA C 89 -15.51 -19.64 -43.93
C ALA C 89 -16.04 -19.01 -45.22
N ALA C 90 -15.89 -19.74 -46.32
CA ALA C 90 -16.36 -19.28 -47.63
C ALA C 90 -17.87 -19.25 -47.69
N LEU C 91 -18.52 -20.31 -47.20
CA LEU C 91 -19.97 -20.38 -47.20
C LEU C 91 -20.55 -19.27 -46.32
N LYS C 92 -19.77 -18.78 -45.36
CA LYS C 92 -20.26 -17.71 -44.50
C LYS C 92 -20.41 -16.43 -45.30
N PHE C 93 -19.43 -16.17 -46.16
CA PHE C 93 -19.41 -14.98 -47.02
C PHE C 93 -19.97 -15.27 -48.41
N GLY C 94 -20.70 -16.37 -48.53
CA GLY C 94 -21.29 -16.78 -49.80
C GLY C 94 -20.36 -16.80 -51.00
N VAL C 95 -19.23 -17.49 -50.86
CA VAL C 95 -18.25 -17.59 -51.95
C VAL C 95 -17.81 -19.04 -52.15
N HIS C 96 -17.43 -19.38 -53.38
CA HIS C 96 -16.97 -20.73 -53.68
C HIS C 96 -15.63 -20.93 -53.00
N PRO C 97 -15.50 -21.96 -52.16
CA PRO C 97 -14.26 -22.25 -51.44
C PRO C 97 -13.00 -22.28 -52.30
N LYS C 98 -13.11 -22.83 -53.51
CA LYS C 98 -11.95 -22.87 -54.40
C LYS C 98 -11.39 -21.49 -54.61
N ASP C 99 -12.29 -20.51 -54.68
CA ASP C 99 -11.87 -19.14 -54.88
C ASP C 99 -11.45 -18.56 -53.54
N TRP C 100 -12.36 -18.67 -52.56
CA TRP C 100 -12.09 -18.16 -51.22
C TRP C 100 -10.74 -18.63 -50.68
N THR C 101 -10.37 -19.86 -51.02
CA THR C 101 -9.11 -20.43 -50.57
C THR C 101 -7.94 -19.74 -51.26
N TYR C 102 -7.83 -19.91 -52.58
CA TYR C 102 -6.76 -19.29 -53.34
C TYR C 102 -6.59 -17.82 -53.03
N ALA C 103 -7.63 -17.21 -52.48
CA ALA C 103 -7.59 -15.81 -52.11
C ALA C 103 -6.75 -15.63 -50.85
N ASN C 104 -7.09 -16.37 -49.79
CA ASN C 104 -6.36 -16.29 -48.54
C ASN C 104 -4.92 -16.74 -48.74
N ILE C 105 -4.72 -17.67 -49.67
CA ILE C 105 -3.39 -18.17 -49.95
C ILE C 105 -2.53 -17.05 -50.50
N ARG C 106 -3.15 -15.93 -50.88
CA ARG C 106 -2.40 -14.79 -51.39
C ARG C 106 -2.33 -13.74 -50.28
N GLN C 107 -3.43 -13.58 -49.57
CA GLN C 107 -3.50 -12.60 -48.48
C GLN C 107 -2.46 -12.93 -47.40
N ALA C 108 -2.34 -14.20 -47.06
CA ALA C 108 -1.40 -14.66 -46.04
C ALA C 108 0.01 -14.78 -46.60
N LYS C 109 0.10 -15.26 -47.84
CA LYS C 109 1.41 -15.44 -48.46
C LYS C 109 2.19 -14.13 -48.48
N GLU C 110 1.51 -13.04 -48.82
CA GLU C 110 2.16 -11.73 -48.87
C GLU C 110 2.52 -11.33 -47.45
N SER C 111 1.67 -11.70 -46.50
CA SER C 111 1.92 -11.36 -45.09
C SER C 111 3.27 -11.89 -44.65
N LEU C 112 3.47 -13.20 -44.81
CA LEU C 112 4.73 -13.85 -44.43
C LEU C 112 5.90 -13.18 -45.15
N ARG C 113 5.73 -12.94 -46.45
CA ARG C 113 6.75 -12.32 -47.26
C ARG C 113 7.22 -11.03 -46.60
N LEU C 114 6.28 -10.17 -46.29
CA LEU C 114 6.57 -8.87 -45.68
C LEU C 114 7.19 -8.94 -44.30
N MET C 115 7.22 -10.12 -43.71
CA MET C 115 7.83 -10.27 -42.39
C MET C 115 9.29 -10.68 -42.53
N GLY C 116 9.70 -10.80 -43.79
CA GLY C 116 11.06 -11.19 -44.08
C GLY C 116 11.24 -12.67 -43.89
N ILE C 117 10.13 -13.38 -43.70
CA ILE C 117 10.21 -14.83 -43.52
C ILE C 117 10.46 -15.52 -44.84
N LEU C 118 11.39 -16.47 -44.83
CA LEU C 118 11.76 -17.22 -46.04
C LEU C 118 11.39 -18.69 -45.95
N TYR C 119 10.86 -19.21 -47.07
CA TYR C 119 10.46 -20.60 -47.15
C TYR C 119 10.87 -21.16 -48.51
N ASP C 120 10.96 -22.49 -48.60
CA ASP C 120 11.30 -23.14 -49.87
C ASP C 120 9.99 -23.27 -50.64
N TRP C 121 9.52 -22.17 -51.21
CA TRP C 121 8.28 -22.15 -51.93
C TRP C 121 8.19 -23.17 -53.07
N ASP C 122 9.29 -23.86 -53.36
CA ASP C 122 9.26 -24.87 -54.41
C ASP C 122 8.53 -26.09 -53.87
N ARG C 123 8.54 -26.25 -52.55
CA ARG C 123 7.89 -27.38 -51.95
C ARG C 123 6.52 -27.00 -51.41
N GLU C 124 5.88 -26.05 -52.08
CA GLU C 124 4.55 -25.59 -51.68
C GLU C 124 3.47 -26.61 -52.02
N VAL C 125 2.59 -26.88 -51.07
CA VAL C 125 1.52 -27.85 -51.28
C VAL C 125 0.15 -27.29 -50.91
N THR C 126 -0.88 -27.70 -51.65
CA THR C 126 -2.23 -27.23 -51.37
C THR C 126 -3.10 -28.46 -51.14
N THR C 127 -3.38 -28.76 -49.87
CA THR C 127 -4.16 -29.94 -49.48
C THR C 127 -5.48 -30.10 -50.20
N CYS C 128 -5.83 -29.18 -51.08
CA CYS C 128 -7.10 -29.31 -51.79
C CYS C 128 -6.94 -29.53 -53.29
N GLU C 129 -5.70 -29.66 -53.75
CA GLU C 129 -5.45 -29.89 -55.18
C GLU C 129 -5.37 -31.37 -55.50
N PRO C 130 -5.88 -31.77 -56.67
CA PRO C 130 -5.86 -33.17 -57.08
C PRO C 130 -4.47 -33.77 -56.96
N GLU C 131 -3.47 -32.99 -57.38
CA GLU C 131 -2.07 -33.42 -57.34
C GLU C 131 -1.65 -33.78 -55.92
N TYR C 132 -2.54 -33.55 -54.96
CA TYR C 132 -2.25 -33.85 -53.58
C TYR C 132 -3.21 -34.86 -52.95
N TYR C 133 -4.51 -34.57 -52.98
CA TYR C 133 -5.46 -35.48 -52.37
C TYR C 133 -5.55 -36.83 -53.09
N ARG C 134 -4.91 -36.93 -54.26
CA ARG C 134 -4.92 -38.19 -55.00
C ARG C 134 -4.20 -39.22 -54.15
N TRP C 135 -3.32 -38.72 -53.29
CA TRP C 135 -2.55 -39.57 -52.41
C TRP C 135 -3.31 -39.79 -51.12
N ASN C 136 -4.32 -38.95 -50.88
CA ASN C 136 -5.14 -39.11 -49.69
C ASN C 136 -5.99 -40.33 -49.93
N GLN C 137 -6.20 -40.58 -51.21
CA GLN C 137 -6.99 -41.70 -51.68
C GLN C 137 -6.10 -42.94 -51.73
N TRP C 138 -4.91 -42.77 -52.30
CA TRP C 138 -3.93 -43.85 -52.39
C TRP C 138 -3.69 -44.43 -50.99
N ILE C 139 -3.50 -43.55 -50.03
CA ILE C 139 -3.26 -43.98 -48.66
C ILE C 139 -4.49 -44.64 -48.08
N PHE C 140 -5.65 -44.12 -48.48
CA PHE C 140 -6.92 -44.66 -47.99
C PHE C 140 -7.07 -46.10 -48.47
N LEU C 141 -6.85 -46.32 -49.76
CA LEU C 141 -6.95 -47.66 -50.31
C LEU C 141 -6.00 -48.57 -49.56
N LYS C 142 -4.75 -48.13 -49.37
CA LYS C 142 -3.74 -48.93 -48.68
C LYS C 142 -4.15 -49.27 -47.25
N MET C 143 -4.92 -48.40 -46.64
CA MET C 143 -5.39 -48.64 -45.28
C MET C 143 -6.58 -49.58 -45.36
N TRP C 144 -7.28 -49.55 -46.48
CA TRP C 144 -8.44 -50.42 -46.69
C TRP C 144 -7.99 -51.86 -46.85
N GLU C 145 -7.08 -52.08 -47.80
CA GLU C 145 -6.55 -53.41 -48.07
C GLU C 145 -5.84 -54.01 -46.88
N LYS C 146 -5.39 -53.18 -45.95
CA LYS C 146 -4.72 -53.73 -44.78
C LYS C 146 -5.72 -53.97 -43.66
N GLY C 147 -6.99 -53.60 -43.89
CA GLY C 147 -8.02 -53.82 -42.88
C GLY C 147 -8.12 -52.79 -41.78
N LEU C 148 -7.89 -51.52 -42.12
CA LEU C 148 -7.94 -50.44 -41.15
C LEU C 148 -9.01 -49.44 -41.51
N ALA C 149 -9.52 -49.55 -42.73
CA ALA C 149 -10.58 -48.68 -43.22
C ALA C 149 -11.82 -49.54 -43.34
N TYR C 150 -12.88 -49.16 -42.64
CA TYR C 150 -14.10 -49.94 -42.66
C TYR C 150 -15.35 -49.10 -42.42
N ARG C 151 -16.52 -49.73 -42.54
CA ARG C 151 -17.79 -49.06 -42.33
C ARG C 151 -18.54 -49.74 -41.21
N ALA C 152 -19.35 -48.98 -40.50
CA ALA C 152 -20.14 -49.51 -39.42
C ALA C 152 -21.37 -48.66 -39.23
N LYS C 153 -22.29 -49.15 -38.42
CA LYS C 153 -23.51 -48.42 -38.15
C LYS C 153 -23.63 -48.20 -36.64
N GLY C 154 -23.97 -46.97 -36.25
CA GLY C 154 -24.11 -46.66 -34.85
C GLY C 154 -24.37 -45.18 -34.65
N LEU C 155 -24.61 -44.77 -33.42
CA LEU C 155 -24.86 -43.37 -33.12
C LEU C 155 -23.59 -42.55 -33.28
N VAL C 156 -23.57 -41.64 -34.26
CA VAL C 156 -22.41 -40.79 -34.50
C VAL C 156 -22.67 -39.35 -34.05
N ASN C 157 -21.60 -38.62 -33.75
CA ASN C 157 -21.74 -37.22 -33.31
C ASN C 157 -22.15 -36.34 -34.49
N TRP C 158 -23.08 -35.43 -34.22
CA TRP C 158 -23.59 -34.56 -35.27
C TRP C 158 -23.68 -33.09 -34.87
N CYS C 159 -23.08 -32.24 -35.71
CA CYS C 159 -23.05 -30.81 -35.50
C CYS C 159 -24.07 -30.17 -36.44
N PRO C 160 -25.20 -29.71 -35.88
CA PRO C 160 -26.25 -29.07 -36.69
C PRO C 160 -25.74 -27.89 -37.54
N LYS C 161 -24.82 -27.10 -37.00
CA LYS C 161 -24.28 -25.97 -37.75
C LYS C 161 -23.47 -26.43 -38.96
N CYS C 162 -22.60 -27.41 -38.75
CA CYS C 162 -21.77 -27.92 -39.83
C CYS C 162 -22.56 -28.78 -40.80
N GLN C 163 -23.61 -29.42 -40.29
CA GLN C 163 -24.46 -30.31 -41.09
C GLN C 163 -23.73 -31.57 -41.53
N THR C 164 -22.79 -32.01 -40.70
CA THR C 164 -21.98 -33.20 -40.94
C THR C 164 -21.59 -33.86 -39.62
N VAL C 165 -21.03 -35.07 -39.70
CA VAL C 165 -20.62 -35.79 -38.50
C VAL C 165 -19.27 -35.26 -38.06
N LEU C 166 -18.88 -35.59 -36.83
CA LEU C 166 -17.59 -35.14 -36.30
C LEU C 166 -16.94 -36.21 -35.44
N ALA C 167 -15.63 -36.39 -35.61
CA ALA C 167 -14.88 -37.37 -34.84
C ALA C 167 -14.96 -37.00 -33.37
N ASN C 168 -14.78 -37.98 -32.48
CA ASN C 168 -14.84 -37.71 -31.05
C ASN C 168 -13.83 -36.62 -30.66
N GLU C 169 -12.73 -36.59 -31.42
CA GLU C 169 -11.65 -35.64 -31.19
C GLU C 169 -12.05 -34.21 -31.55
N GLN C 170 -13.11 -34.07 -32.33
CA GLN C 170 -13.60 -32.76 -32.74
C GLN C 170 -14.84 -32.41 -31.90
N VAL C 171 -14.86 -32.90 -30.67
CA VAL C 171 -15.94 -32.66 -29.73
C VAL C 171 -15.36 -32.20 -28.39
N VAL C 172 -15.18 -30.89 -28.26
CA VAL C 172 -14.62 -30.28 -27.07
C VAL C 172 -15.70 -30.01 -26.04
N GLU C 173 -15.64 -30.73 -24.93
CA GLU C 173 -16.62 -30.53 -23.87
C GLU C 173 -18.02 -30.76 -24.42
N GLY C 174 -18.18 -31.77 -25.26
CA GLY C 174 -19.49 -32.06 -25.82
C GLY C 174 -19.96 -31.01 -26.82
N ARG C 175 -19.03 -30.20 -27.32
CA ARG C 175 -19.35 -29.16 -28.29
C ARG C 175 -18.45 -29.26 -29.50
N CYS C 176 -18.79 -28.54 -30.56
CA CYS C 176 -17.99 -28.54 -31.77
C CYS C 176 -16.66 -27.83 -31.50
N TRP C 177 -15.62 -28.15 -32.28
CA TRP C 177 -14.31 -27.55 -32.10
C TRP C 177 -14.21 -26.16 -32.70
N ARG C 178 -14.90 -25.94 -33.82
CA ARG C 178 -14.90 -24.63 -34.50
C ARG C 178 -16.13 -23.84 -34.07
N HIS C 179 -17.10 -24.55 -33.51
CA HIS C 179 -18.34 -23.96 -33.03
C HIS C 179 -18.54 -24.40 -31.59
N GLU C 180 -17.74 -23.84 -30.69
CA GLU C 180 -17.81 -24.18 -29.27
C GLU C 180 -19.00 -23.50 -28.60
N ASP C 181 -20.14 -23.52 -29.30
CA ASP C 181 -21.39 -22.92 -28.83
C ASP C 181 -22.58 -23.80 -29.21
N THR C 182 -22.42 -24.58 -30.27
CA THR C 182 -23.47 -25.46 -30.79
C THR C 182 -23.35 -26.90 -30.25
N PRO C 183 -24.16 -27.27 -29.24
CA PRO C 183 -24.12 -28.60 -28.66
C PRO C 183 -24.16 -29.69 -29.72
N VAL C 184 -23.44 -30.80 -29.51
CA VAL C 184 -23.43 -31.88 -30.49
C VAL C 184 -24.48 -32.92 -30.13
N GLU C 185 -25.14 -33.44 -31.16
CA GLU C 185 -26.20 -34.44 -30.98
C GLU C 185 -25.84 -35.73 -31.68
N LYS C 186 -26.33 -36.84 -31.13
CA LYS C 186 -26.07 -38.17 -31.68
C LYS C 186 -27.10 -38.51 -32.75
N ARG C 187 -26.67 -39.23 -33.77
CA ARG C 187 -27.54 -39.63 -34.87
C ARG C 187 -27.17 -40.98 -35.46
N GLU C 188 -28.16 -41.86 -35.55
CA GLU C 188 -27.97 -43.20 -36.10
C GLU C 188 -27.51 -43.10 -37.54
N LEU C 189 -26.34 -43.65 -37.83
CA LEU C 189 -25.82 -43.58 -39.20
C LEU C 189 -24.68 -44.55 -39.43
N GLU C 190 -24.39 -44.80 -40.69
CA GLU C 190 -23.32 -45.69 -41.08
C GLU C 190 -22.28 -44.93 -41.87
N GLN C 191 -21.13 -44.71 -41.25
CA GLN C 191 -20.03 -43.98 -41.87
C GLN C 191 -18.77 -44.83 -42.04
N TRP C 192 -17.68 -44.15 -42.40
CA TRP C 192 -16.37 -44.77 -42.61
C TRP C 192 -15.46 -44.54 -41.40
N TYR C 193 -14.72 -45.56 -40.99
CA TYR C 193 -13.82 -45.44 -39.84
C TYR C 193 -12.40 -45.91 -40.17
N LEU C 194 -11.43 -45.42 -39.41
CA LEU C 194 -10.03 -45.83 -39.56
C LEU C 194 -9.70 -46.52 -38.25
N ARG C 195 -9.21 -47.75 -38.33
CA ARG C 195 -8.92 -48.56 -37.15
C ARG C 195 -7.72 -48.13 -36.32
N ILE C 196 -7.70 -46.88 -35.91
CA ILE C 196 -6.59 -46.36 -35.14
C ILE C 196 -6.42 -47.11 -33.80
N THR C 197 -7.48 -47.74 -33.34
CA THR C 197 -7.41 -48.47 -32.08
C THR C 197 -6.38 -49.61 -32.22
N ALA C 198 -6.11 -50.01 -33.46
CA ALA C 198 -5.15 -51.08 -33.78
C ALA C 198 -3.74 -50.76 -33.28
N TYR C 199 -3.36 -49.48 -33.38
CA TYR C 199 -2.04 -49.02 -32.94
C TYR C 199 -2.11 -48.45 -31.52
N ALA C 200 -3.21 -48.69 -30.83
CA ALA C 200 -3.37 -48.16 -29.48
C ALA C 200 -2.12 -48.30 -28.62
N GLU C 201 -1.74 -49.53 -28.33
CA GLU C 201 -0.58 -49.79 -27.48
C GLU C 201 0.70 -49.11 -27.97
N ARG C 202 0.95 -49.10 -29.28
CA ARG C 202 2.15 -48.44 -29.77
C ARG C 202 2.12 -46.94 -29.48
N LEU C 203 1.04 -46.28 -29.89
CA LEU C 203 0.89 -44.84 -29.68
C LEU C 203 1.11 -44.47 -28.21
N LEU C 204 0.60 -45.31 -27.32
CA LEU C 204 0.75 -45.07 -25.88
C LEU C 204 2.18 -45.30 -25.40
N LYS C 205 2.82 -46.33 -25.92
CA LYS C 205 4.17 -46.72 -25.54
C LYS C 205 5.25 -45.79 -26.06
N ASP C 206 5.16 -45.49 -27.34
CA ASP C 206 6.15 -44.63 -27.96
C ASP C 206 6.16 -43.18 -27.49
N LEU C 207 5.47 -42.90 -26.39
CA LEU C 207 5.46 -41.53 -25.86
C LEU C 207 6.65 -41.35 -24.95
N GLU C 208 6.79 -42.24 -23.98
CA GLU C 208 7.87 -42.21 -23.00
C GLU C 208 9.11 -41.47 -23.45
N GLY C 209 9.99 -42.15 -24.19
CA GLY C 209 11.20 -41.50 -24.64
C GLY C 209 10.96 -40.47 -25.74
N LEU C 210 10.23 -39.40 -25.44
CA LEU C 210 9.97 -38.38 -26.44
C LEU C 210 10.19 -36.98 -25.87
N ASN C 211 10.68 -36.07 -26.72
CA ASN C 211 10.95 -34.69 -26.30
C ASN C 211 9.75 -33.80 -26.61
N TRP C 212 8.66 -34.04 -25.89
CA TRP C 212 7.41 -33.30 -26.04
C TRP C 212 6.99 -32.75 -24.69
N PRO C 213 6.14 -31.70 -24.69
CA PRO C 213 5.66 -31.10 -23.45
C PRO C 213 4.78 -32.10 -22.71
N GLU C 214 5.05 -32.26 -21.41
CA GLU C 214 4.27 -33.16 -20.59
C GLU C 214 2.78 -32.98 -20.89
N LYS C 215 2.34 -31.73 -20.93
CA LYS C 215 0.95 -31.41 -21.21
C LYS C 215 0.38 -32.26 -22.35
N VAL C 216 0.98 -32.18 -23.54
CA VAL C 216 0.51 -32.95 -24.67
C VAL C 216 0.54 -34.44 -24.38
N LYS C 217 1.62 -34.88 -23.74
CA LYS C 217 1.76 -36.29 -23.41
C LYS C 217 0.59 -36.73 -22.54
N ALA C 218 0.54 -36.21 -21.33
CA ALA C 218 -0.52 -36.55 -20.37
C ALA C 218 -1.93 -36.56 -20.99
N MET C 219 -2.17 -35.67 -21.95
CA MET C 219 -3.46 -35.61 -22.59
C MET C 219 -3.69 -36.87 -23.39
N GLN C 220 -2.74 -37.21 -24.26
CA GLN C 220 -2.84 -38.40 -25.09
C GLN C 220 -2.92 -39.67 -24.23
N ARG C 221 -2.11 -39.75 -23.18
CA ARG C 221 -2.17 -40.92 -22.34
C ARG C 221 -3.59 -41.04 -21.83
N ALA C 222 -4.18 -39.89 -21.48
CA ALA C 222 -5.54 -39.84 -20.95
C ALA C 222 -6.61 -40.15 -21.99
N TRP C 223 -6.34 -39.75 -23.24
CA TRP C 223 -7.29 -39.97 -24.33
C TRP C 223 -7.32 -41.43 -24.73
N ILE C 224 -6.14 -41.98 -24.98
CA ILE C 224 -5.98 -43.39 -25.36
C ILE C 224 -6.41 -44.24 -24.17
N GLY C 225 -6.17 -43.73 -22.98
CA GLY C 225 -6.56 -44.41 -21.75
C GLY C 225 -6.50 -45.91 -21.70
N ARG C 226 -5.33 -46.43 -21.31
CA ARG C 226 -5.11 -47.86 -21.20
C ARG C 226 -5.52 -48.33 -19.83
N SER C 227 -6.43 -49.29 -19.78
CA SER C 227 -6.91 -49.81 -18.51
C SER C 227 -6.79 -51.32 -18.48
N GLU C 228 -6.15 -51.82 -17.42
CA GLU C 228 -5.91 -53.24 -17.20
C GLU C 228 -6.97 -53.83 -16.31
N GLY C 229 -7.80 -54.68 -16.88
CA GLY C 229 -8.84 -55.30 -16.09
C GLY C 229 -9.08 -56.75 -16.44
N ALA C 230 -10.32 -57.18 -16.27
CA ALA C 230 -10.74 -58.54 -16.56
C ALA C 230 -12.14 -58.53 -17.17
N GLU C 231 -12.31 -59.25 -18.28
CA GLU C 231 -13.63 -59.34 -18.90
C GLU C 231 -14.36 -60.54 -18.30
N ILE C 232 -15.40 -60.30 -17.51
CA ILE C 232 -16.18 -61.36 -16.90
C ILE C 232 -17.51 -61.54 -17.63
N LEU C 233 -18.03 -62.77 -17.63
CA LEU C 233 -19.28 -63.07 -18.32
C LEU C 233 -20.43 -63.37 -17.36
N PHE C 234 -21.59 -62.79 -17.65
CA PHE C 234 -22.75 -63.02 -16.80
C PHE C 234 -23.85 -63.76 -17.54
N PRO C 235 -24.23 -64.95 -17.01
CA PRO C 235 -25.28 -65.80 -17.59
C PRO C 235 -26.66 -65.17 -17.39
N VAL C 236 -27.41 -64.99 -18.49
CA VAL C 236 -28.76 -64.41 -18.39
C VAL C 236 -29.77 -65.51 -18.04
N GLU C 237 -30.37 -65.43 -16.86
CA GLU C 237 -31.33 -66.43 -16.41
C GLU C 237 -32.43 -66.68 -17.44
N GLY C 238 -32.61 -67.97 -17.76
CA GLY C 238 -33.63 -68.36 -18.72
C GLY C 238 -33.28 -68.13 -20.17
N LYS C 239 -31.99 -67.94 -20.47
CA LYS C 239 -31.56 -67.72 -21.85
C LYS C 239 -30.25 -68.45 -22.08
N GLU C 240 -29.83 -68.50 -23.35
CA GLU C 240 -28.60 -69.17 -23.72
C GLU C 240 -27.43 -68.19 -23.75
N VAL C 241 -27.72 -66.94 -24.12
CA VAL C 241 -26.73 -65.87 -24.21
C VAL C 241 -26.12 -65.43 -22.87
N ARG C 242 -24.85 -65.07 -22.91
CA ARG C 242 -24.14 -64.59 -21.72
C ARG C 242 -23.68 -63.17 -21.99
N ILE C 243 -23.64 -62.34 -20.94
CA ILE C 243 -23.22 -60.94 -21.10
C ILE C 243 -21.82 -60.71 -20.52
N PRO C 244 -20.90 -60.19 -21.34
CA PRO C 244 -19.50 -59.89 -20.98
C PRO C 244 -19.35 -58.46 -20.48
N VAL C 245 -18.56 -58.28 -19.44
CA VAL C 245 -18.34 -56.95 -18.86
C VAL C 245 -16.89 -56.75 -18.44
N PHE C 246 -16.34 -55.57 -18.74
CA PHE C 246 -14.97 -55.26 -18.37
C PHE C 246 -14.92 -54.63 -16.97
N THR C 247 -13.88 -54.93 -16.21
CA THR C 247 -13.74 -54.35 -14.88
C THR C 247 -12.29 -54.37 -14.43
N THR C 248 -11.92 -53.38 -13.64
CA THR C 248 -10.57 -53.29 -13.15
C THR C 248 -10.56 -53.70 -11.69
N ARG C 249 -11.69 -54.22 -11.24
CA ARG C 249 -11.82 -54.67 -9.87
C ARG C 249 -12.47 -56.04 -9.77
N PRO C 250 -11.97 -57.01 -10.54
CA PRO C 250 -12.58 -58.33 -10.45
C PRO C 250 -12.55 -58.86 -9.03
N ASP C 251 -11.80 -58.21 -8.15
CA ASP C 251 -11.72 -58.63 -6.75
C ASP C 251 -12.98 -58.35 -5.98
N THR C 252 -13.96 -57.77 -6.66
CA THR C 252 -15.24 -57.42 -6.03
C THR C 252 -16.40 -58.12 -6.72
N LEU C 253 -16.08 -59.14 -7.51
CA LEU C 253 -17.10 -59.89 -8.23
C LEU C 253 -18.25 -60.31 -7.33
N PHE C 254 -17.93 -60.64 -6.07
CA PHE C 254 -18.96 -61.05 -5.13
C PHE C 254 -19.82 -59.88 -4.67
N GLY C 255 -19.39 -58.68 -5.03
CA GLY C 255 -20.13 -57.48 -4.66
C GLY C 255 -21.05 -56.96 -5.75
N ALA C 256 -21.12 -57.68 -6.88
CA ALA C 256 -21.98 -57.28 -7.97
C ALA C 256 -23.42 -57.62 -7.58
N THR C 257 -24.30 -56.62 -7.60
CA THR C 257 -25.69 -56.85 -7.26
C THR C 257 -26.66 -56.60 -8.42
N PHE C 258 -26.12 -56.23 -9.58
CA PHE C 258 -26.94 -55.97 -10.76
C PHE C 258 -26.12 -55.50 -11.96
N LEU C 259 -26.58 -55.76 -13.17
CA LEU C 259 -25.85 -55.32 -14.37
C LEU C 259 -26.55 -54.14 -15.03
N VAL C 260 -25.80 -53.36 -15.79
CA VAL C 260 -26.36 -52.18 -16.46
C VAL C 260 -25.86 -52.18 -17.89
N LEU C 261 -26.77 -52.13 -18.85
CA LEU C 261 -26.33 -52.12 -20.25
C LEU C 261 -26.51 -50.74 -20.84
N ALA C 262 -25.59 -50.34 -21.71
CA ALA C 262 -25.74 -49.03 -22.32
C ALA C 262 -27.02 -49.07 -23.12
N PRO C 263 -27.65 -47.91 -23.28
CA PRO C 263 -28.90 -47.80 -24.02
C PRO C 263 -28.86 -48.44 -25.42
N GLU C 264 -27.78 -48.23 -26.15
CA GLU C 264 -27.69 -48.78 -27.51
C GLU C 264 -27.21 -50.23 -27.53
N HIS C 265 -27.04 -50.81 -26.35
CA HIS C 265 -26.58 -52.19 -26.29
C HIS C 265 -27.68 -53.10 -26.83
N PRO C 266 -27.34 -53.96 -27.79
CA PRO C 266 -28.27 -54.89 -28.43
C PRO C 266 -29.15 -55.71 -27.48
N LEU C 267 -28.57 -56.15 -26.36
CA LEU C 267 -29.34 -56.94 -25.41
C LEU C 267 -30.29 -56.10 -24.57
N THR C 268 -30.21 -54.78 -24.69
CA THR C 268 -31.10 -53.93 -23.92
C THR C 268 -32.54 -54.12 -24.33
N LEU C 269 -32.80 -54.19 -25.64
CA LEU C 269 -34.15 -54.39 -26.12
C LEU C 269 -34.49 -55.87 -26.14
N GLU C 270 -33.54 -56.68 -26.61
CA GLU C 270 -33.73 -58.11 -26.68
C GLU C 270 -34.08 -58.77 -25.35
N LEU C 271 -33.45 -58.33 -24.27
CA LEU C 271 -33.73 -58.92 -22.96
C LEU C 271 -34.88 -58.23 -22.26
N ALA C 272 -35.34 -57.12 -22.84
CA ALA C 272 -36.45 -56.33 -22.27
C ALA C 272 -37.78 -57.08 -22.29
N ALA C 273 -38.20 -57.56 -21.13
CA ALA C 273 -39.46 -58.28 -21.02
C ALA C 273 -40.58 -57.45 -21.65
N PRO C 274 -41.57 -58.12 -22.27
CA PRO C 274 -42.71 -57.47 -22.94
C PRO C 274 -43.35 -56.36 -22.09
N GLU C 275 -43.49 -56.62 -20.79
CA GLU C 275 -44.10 -55.67 -19.86
C GLU C 275 -43.22 -54.44 -19.63
N LYS C 276 -42.14 -54.32 -20.40
CA LYS C 276 -41.24 -53.18 -20.25
C LYS C 276 -40.91 -52.56 -21.61
N ARG C 277 -40.96 -53.38 -22.66
CA ARG C 277 -40.63 -52.92 -24.01
C ARG C 277 -41.03 -51.48 -24.34
N GLU C 278 -42.19 -51.03 -23.86
CA GLU C 278 -42.62 -49.67 -24.13
C GLU C 278 -41.77 -48.66 -23.36
N GLU C 279 -41.54 -48.94 -22.09
CA GLU C 279 -40.75 -48.09 -21.21
C GLU C 279 -39.29 -48.05 -21.65
N VAL C 280 -38.79 -49.19 -22.12
CA VAL C 280 -37.41 -49.32 -22.58
C VAL C 280 -37.20 -48.44 -23.80
N LEU C 281 -37.85 -48.80 -24.91
CA LEU C 281 -37.74 -48.03 -26.13
C LEU C 281 -37.84 -46.52 -25.87
N ALA C 282 -38.62 -46.15 -24.87
CA ALA C 282 -38.81 -44.74 -24.53
C ALA C 282 -37.50 -44.13 -24.06
N TYR C 283 -36.90 -44.77 -23.06
CA TYR C 283 -35.65 -44.31 -22.51
C TYR C 283 -34.50 -44.42 -23.50
N VAL C 284 -34.47 -45.52 -24.24
CA VAL C 284 -33.43 -45.75 -25.24
C VAL C 284 -33.46 -44.59 -26.21
N GLU C 285 -34.66 -44.10 -26.51
CA GLU C 285 -34.84 -42.98 -27.43
C GLU C 285 -34.49 -41.68 -26.70
N ALA C 286 -34.80 -41.63 -25.41
CA ALA C 286 -34.53 -40.46 -24.58
C ALA C 286 -33.04 -40.14 -24.60
N ALA C 287 -32.24 -41.17 -24.34
CA ALA C 287 -30.79 -41.05 -24.31
C ALA C 287 -30.20 -40.62 -25.65
N LYS C 288 -30.81 -41.08 -26.74
CA LYS C 288 -30.32 -40.75 -28.07
C LYS C 288 -30.37 -39.26 -28.32
N ARG C 289 -31.49 -38.63 -27.95
CA ARG C 289 -31.68 -37.20 -28.16
C ARG C 289 -31.07 -36.39 -27.01
N LYS C 290 -30.66 -37.09 -25.98
CA LYS C 290 -30.05 -36.47 -24.81
C LYS C 290 -28.60 -36.15 -25.14
N THR C 291 -28.33 -34.88 -25.39
CA THR C 291 -26.97 -34.45 -25.73
C THR C 291 -26.03 -34.62 -24.54
N GLU C 292 -24.73 -34.52 -24.80
CA GLU C 292 -23.75 -34.66 -23.73
C GLU C 292 -23.89 -33.56 -22.68
N ILE C 293 -24.17 -32.35 -23.12
CA ILE C 293 -24.33 -31.22 -22.21
C ILE C 293 -25.49 -31.48 -21.26
N GLU C 294 -26.60 -31.95 -21.80
CA GLU C 294 -27.79 -32.24 -21.02
C GLU C 294 -27.51 -33.35 -20.01
N ARG C 295 -26.69 -34.33 -20.41
CA ARG C 295 -26.32 -35.43 -19.54
C ARG C 295 -25.58 -34.91 -18.32
N GLN C 296 -24.48 -34.20 -18.58
CA GLN C 296 -23.65 -33.65 -17.52
C GLN C 296 -24.38 -32.67 -16.63
N ALA C 297 -25.22 -31.83 -17.22
CA ALA C 297 -25.97 -30.85 -16.45
C ALA C 297 -26.87 -31.49 -15.38
N GLU C 298 -27.11 -32.80 -15.50
CA GLU C 298 -27.95 -33.50 -14.53
C GLU C 298 -27.18 -33.95 -13.29
N GLY C 299 -25.89 -33.62 -13.23
CA GLY C 299 -25.09 -34.00 -12.09
C GLY C 299 -25.07 -35.49 -11.82
N ARG C 300 -25.14 -35.85 -10.54
CA ARG C 300 -25.12 -37.25 -10.12
C ARG C 300 -26.53 -37.85 -10.02
N GLU C 301 -27.49 -37.24 -10.72
CA GLU C 301 -28.86 -37.75 -10.73
C GLU C 301 -29.01 -38.55 -12.01
N LYS C 302 -28.39 -39.73 -12.03
CA LYS C 302 -28.45 -40.60 -13.19
C LYS C 302 -29.86 -41.08 -13.45
N THR C 303 -30.07 -41.67 -14.62
CA THR C 303 -31.37 -42.17 -15.00
C THR C 303 -31.20 -43.59 -15.51
N GLY C 304 -31.99 -44.52 -14.97
CA GLY C 304 -31.90 -45.90 -15.41
C GLY C 304 -33.24 -46.62 -15.44
N VAL C 305 -33.32 -47.71 -16.18
CA VAL C 305 -34.56 -48.46 -16.27
C VAL C 305 -34.37 -49.96 -16.15
N PHE C 306 -35.12 -50.58 -15.24
CA PHE C 306 -35.04 -52.01 -15.07
C PHE C 306 -35.59 -52.69 -16.33
N LEU C 307 -34.81 -53.58 -16.93
CA LEU C 307 -35.22 -54.28 -18.15
C LEU C 307 -36.20 -55.43 -17.92
N GLY C 308 -36.34 -55.85 -16.68
CA GLY C 308 -37.24 -56.95 -16.39
C GLY C 308 -36.57 -58.29 -16.63
N ALA C 309 -35.29 -58.29 -17.00
CA ALA C 309 -34.57 -59.53 -17.23
C ALA C 309 -33.59 -59.72 -16.09
N TYR C 310 -33.17 -60.94 -15.86
CA TYR C 310 -32.23 -61.22 -14.78
C TYR C 310 -30.96 -61.90 -15.27
N ALA C 311 -29.94 -61.92 -14.42
CA ALA C 311 -28.66 -62.54 -14.75
C ALA C 311 -28.13 -63.20 -13.48
N LEU C 312 -27.16 -64.09 -13.64
CA LEU C 312 -26.59 -64.78 -12.50
C LEU C 312 -25.15 -64.41 -12.26
N ASN C 313 -24.81 -64.17 -11.00
CA ASN C 313 -23.46 -63.81 -10.65
C ASN C 313 -22.65 -65.10 -10.75
N PRO C 314 -21.77 -65.21 -11.75
CA PRO C 314 -20.96 -66.42 -11.91
C PRO C 314 -20.16 -66.78 -10.67
N ALA C 315 -20.21 -65.93 -9.66
CA ALA C 315 -19.48 -66.19 -8.43
C ALA C 315 -20.39 -66.76 -7.37
N THR C 316 -21.52 -66.10 -7.16
CA THR C 316 -22.47 -66.53 -6.15
C THR C 316 -23.67 -67.26 -6.76
N GLY C 317 -23.72 -67.26 -8.08
CA GLY C 317 -24.81 -67.94 -8.77
C GLY C 317 -26.19 -67.40 -8.44
N GLU C 318 -26.24 -66.34 -7.65
CA GLU C 318 -27.52 -65.73 -7.28
C GLU C 318 -28.00 -64.84 -8.42
N ARG C 319 -29.32 -64.64 -8.48
CA ARG C 319 -29.92 -63.82 -9.53
C ARG C 319 -29.71 -62.34 -9.25
N ILE C 320 -29.57 -61.55 -10.30
CA ILE C 320 -29.39 -60.12 -10.12
C ILE C 320 -30.09 -59.36 -11.24
N PRO C 321 -30.85 -58.31 -10.87
CA PRO C 321 -31.55 -57.52 -11.89
C PRO C 321 -30.62 -56.97 -12.95
N ILE C 322 -31.17 -56.73 -14.14
CA ILE C 322 -30.41 -56.18 -15.25
C ILE C 322 -31.06 -54.86 -15.63
N TRP C 323 -30.29 -53.78 -15.62
CA TRP C 323 -30.84 -52.48 -15.96
C TRP C 323 -30.21 -51.88 -17.19
N THR C 324 -30.40 -50.58 -17.34
CA THR C 324 -29.86 -49.87 -18.47
C THR C 324 -29.78 -48.38 -18.15
N ALA C 325 -28.61 -47.81 -18.38
CA ALA C 325 -28.36 -46.40 -18.10
C ALA C 325 -27.46 -45.80 -19.18
N ASP C 326 -27.59 -44.50 -19.42
CA ASP C 326 -26.77 -43.83 -20.42
C ASP C 326 -25.43 -43.42 -19.82
N TYR C 327 -25.33 -43.53 -18.50
CA TYR C 327 -24.08 -43.20 -17.83
C TYR C 327 -23.06 -44.29 -18.14
N VAL C 328 -23.57 -45.44 -18.57
CA VAL C 328 -22.74 -46.57 -18.96
C VAL C 328 -22.50 -46.40 -20.47
N LEU C 329 -21.28 -46.02 -20.84
CA LEU C 329 -20.93 -45.81 -22.24
C LEU C 329 -21.03 -47.10 -23.07
N PHE C 330 -21.31 -46.95 -24.36
CA PHE C 330 -21.43 -48.11 -25.22
C PHE C 330 -20.12 -48.43 -25.94
N GLY C 331 -19.51 -47.40 -26.53
CA GLY C 331 -18.27 -47.59 -27.26
C GLY C 331 -17.05 -47.89 -26.41
N TYR C 332 -17.24 -47.98 -25.10
CA TYR C 332 -16.13 -48.30 -24.22
C TYR C 332 -16.41 -49.60 -23.49
N GLY C 333 -15.35 -50.35 -23.22
CA GLY C 333 -15.48 -51.62 -22.53
C GLY C 333 -16.23 -52.63 -23.37
N THR C 334 -17.25 -53.23 -22.79
CA THR C 334 -18.05 -54.22 -23.48
C THR C 334 -19.51 -53.77 -23.56
N GLY C 335 -19.71 -52.46 -23.55
CA GLY C 335 -21.06 -51.93 -23.61
C GLY C 335 -21.91 -52.22 -22.38
N ALA C 336 -21.37 -53.02 -21.45
CA ALA C 336 -22.11 -53.35 -20.23
C ALA C 336 -21.17 -53.34 -19.04
N ILE C 337 -21.73 -53.33 -17.84
CA ILE C 337 -20.88 -53.29 -16.65
C ILE C 337 -21.51 -54.04 -15.50
N MET C 338 -20.68 -54.43 -14.55
CA MET C 338 -21.15 -55.13 -13.36
C MET C 338 -21.07 -54.11 -12.23
N ALA C 339 -22.23 -53.70 -11.73
CA ALA C 339 -22.28 -52.71 -10.67
C ALA C 339 -21.96 -53.25 -9.31
N VAL C 340 -21.10 -52.54 -8.59
CA VAL C 340 -20.72 -52.93 -7.24
C VAL C 340 -20.86 -51.70 -6.35
N PRO C 341 -22.10 -51.39 -5.97
CA PRO C 341 -22.41 -50.24 -5.12
C PRO C 341 -21.45 -50.03 -3.97
N ALA C 342 -21.15 -51.07 -3.21
CA ALA C 342 -20.26 -50.90 -2.06
C ALA C 342 -18.82 -50.47 -2.36
N HIS C 343 -18.37 -50.56 -3.61
CA HIS C 343 -17.00 -50.18 -3.90
C HIS C 343 -16.82 -49.32 -5.13
N ASP C 344 -17.83 -48.54 -5.44
CA ASP C 344 -17.78 -47.61 -6.57
C ASP C 344 -18.81 -46.53 -6.32
N GLN C 345 -18.34 -45.34 -5.96
CA GLN C 345 -19.25 -44.25 -5.67
C GLN C 345 -20.35 -44.04 -6.71
N ARG C 346 -19.98 -43.85 -7.97
CA ARG C 346 -20.98 -43.66 -9.03
C ARG C 346 -22.10 -44.71 -8.91
N ASP C 347 -21.71 -45.98 -8.85
CA ASP C 347 -22.64 -47.09 -8.74
C ASP C 347 -23.39 -47.02 -7.42
N TYR C 348 -22.70 -46.66 -6.36
CA TYR C 348 -23.34 -46.55 -5.06
C TYR C 348 -24.56 -45.65 -5.11
N GLU C 349 -24.35 -44.42 -5.58
CA GLU C 349 -25.40 -43.44 -5.67
C GLU C 349 -26.56 -43.96 -6.49
N PHE C 350 -26.25 -44.57 -7.61
CA PHE C 350 -27.29 -45.11 -8.45
C PHE C 350 -28.08 -46.17 -7.70
N ALA C 351 -27.38 -47.07 -7.03
CA ALA C 351 -28.03 -48.13 -6.28
C ALA C 351 -28.81 -47.55 -5.12
N ARG C 352 -28.55 -46.30 -4.81
CA ARG C 352 -29.23 -45.66 -3.69
C ARG C 352 -30.50 -44.98 -4.21
N LYS C 353 -30.37 -44.35 -5.38
CA LYS C 353 -31.47 -43.65 -5.99
C LYS C 353 -32.62 -44.54 -6.42
N PHE C 354 -32.29 -45.79 -6.77
CA PHE C 354 -33.29 -46.74 -7.23
C PHE C 354 -33.49 -47.92 -6.29
N GLY C 355 -33.07 -47.75 -5.04
CA GLY C 355 -33.24 -48.82 -4.06
C GLY C 355 -32.72 -50.20 -4.46
N LEU C 356 -31.52 -50.24 -5.00
CA LEU C 356 -30.90 -51.50 -5.39
C LEU C 356 -30.02 -51.91 -4.21
N PRO C 357 -29.58 -53.17 -4.17
CA PRO C 357 -28.75 -53.70 -3.09
C PRO C 357 -27.32 -53.21 -3.04
N ILE C 358 -26.78 -53.17 -1.83
CA ILE C 358 -25.41 -52.73 -1.62
C ILE C 358 -24.64 -53.78 -0.83
N LYS C 359 -23.86 -54.59 -1.54
CA LYS C 359 -23.12 -55.65 -0.87
C LYS C 359 -21.63 -55.32 -0.73
N LYS C 360 -21.13 -55.49 0.49
CA LYS C 360 -19.75 -55.23 0.84
C LYS C 360 -18.93 -56.51 0.74
N VAL C 361 -17.84 -56.45 -0.01
CA VAL C 361 -16.98 -57.61 -0.19
C VAL C 361 -15.52 -57.27 0.08
N ILE C 362 -15.25 -56.00 0.32
CA ILE C 362 -13.90 -55.53 0.58
C ILE C 362 -13.92 -54.66 1.82
N GLU C 363 -13.52 -55.24 2.94
CA GLU C 363 -13.49 -54.49 4.19
C GLU C 363 -12.25 -53.60 4.24
N ARG C 364 -12.37 -52.47 4.94
CA ARG C 364 -11.27 -51.53 5.07
C ARG C 364 -10.43 -51.87 6.29
N PRO C 365 -9.10 -51.81 6.14
CA PRO C 365 -8.16 -52.10 7.22
C PRO C 365 -8.33 -51.14 8.40
N GLY C 366 -7.98 -51.58 9.60
CA GLY C 366 -8.13 -50.71 10.75
C GLY C 366 -9.57 -50.55 11.20
N GLU C 367 -10.09 -49.33 11.12
CA GLU C 367 -11.48 -49.06 11.52
C GLU C 367 -12.41 -49.63 10.47
N PRO C 368 -13.11 -50.73 10.81
CA PRO C 368 -14.03 -51.37 9.87
C PRO C 368 -15.11 -50.41 9.37
N LEU C 369 -15.45 -50.55 8.10
CA LEU C 369 -16.47 -49.71 7.47
C LEU C 369 -17.76 -49.83 8.25
N PRO C 370 -18.48 -48.72 8.40
CA PRO C 370 -19.76 -48.65 9.12
C PRO C 370 -20.94 -49.25 8.33
N GLU C 371 -21.84 -49.94 9.04
CA GLU C 371 -23.02 -50.54 8.42
C GLU C 371 -24.29 -49.89 8.94
N PRO C 372 -25.17 -49.43 8.03
CA PRO C 372 -25.01 -49.51 6.58
C PRO C 372 -23.93 -48.56 6.08
N LEU C 373 -23.32 -48.91 4.96
CA LEU C 373 -22.27 -48.08 4.41
C LEU C 373 -22.78 -46.72 4.02
N GLU C 374 -22.22 -45.69 4.65
CA GLU C 374 -22.61 -44.31 4.37
C GLU C 374 -22.17 -43.88 2.97
N ARG C 375 -21.21 -44.59 2.38
CA ARG C 375 -20.71 -44.28 1.04
C ARG C 375 -19.81 -45.41 0.53
N ALA C 376 -19.42 -45.32 -0.74
CA ALA C 376 -18.57 -46.34 -1.34
C ALA C 376 -17.16 -46.33 -0.76
N TYR C 377 -16.52 -47.50 -0.76
CA TYR C 377 -15.16 -47.66 -0.27
C TYR C 377 -14.33 -48.29 -1.39
N GLU C 378 -13.69 -47.44 -2.19
CA GLU C 378 -12.90 -47.89 -3.33
C GLU C 378 -11.45 -48.30 -3.02
N GLU C 379 -10.89 -47.77 -1.93
CA GLU C 379 -9.52 -48.09 -1.55
C GLU C 379 -9.39 -49.57 -1.25
N PRO C 380 -8.25 -50.18 -1.62
CA PRO C 380 -8.00 -51.60 -1.39
C PRO C 380 -8.11 -51.96 0.08
N GLY C 381 -8.27 -53.26 0.34
CA GLY C 381 -8.40 -53.75 1.71
C GLY C 381 -8.43 -55.27 1.69
N ILE C 382 -8.98 -55.85 2.75
CA ILE C 382 -9.09 -57.31 2.88
C ILE C 382 -10.42 -57.83 2.34
N MET C 383 -10.37 -58.92 1.57
CA MET C 383 -11.59 -59.50 1.00
C MET C 383 -12.48 -60.12 2.08
N VAL C 384 -13.80 -59.99 1.88
CA VAL C 384 -14.77 -60.51 2.82
C VAL C 384 -16.02 -60.90 2.02
N ASN C 385 -16.85 -61.76 2.58
CA ASN C 385 -18.06 -62.21 1.90
C ASN C 385 -17.74 -62.58 0.46
N SER C 386 -16.53 -63.11 0.25
CA SER C 386 -16.09 -63.50 -1.07
C SER C 386 -15.83 -64.99 -1.19
N GLY C 387 -16.55 -65.77 -0.37
CA GLY C 387 -16.41 -67.22 -0.39
C GLY C 387 -15.03 -67.72 -0.06
N PRO C 388 -14.29 -68.25 -1.05
CA PRO C 388 -12.93 -68.77 -0.81
C PRO C 388 -11.93 -67.65 -0.57
N PHE C 389 -11.92 -66.67 -1.44
CA PHE C 389 -10.99 -65.56 -1.35
C PHE C 389 -11.06 -64.79 -0.04
N ASP C 390 -12.04 -65.10 0.80
CA ASP C 390 -12.19 -64.41 2.08
C ASP C 390 -10.94 -64.35 2.94
N GLY C 391 -10.17 -63.28 2.77
CA GLY C 391 -8.94 -63.13 3.55
C GLY C 391 -7.88 -62.45 2.73
N THR C 392 -7.85 -62.75 1.44
CA THR C 392 -6.88 -62.17 0.52
C THR C 392 -6.88 -60.65 0.58
N GLU C 393 -6.05 -60.04 -0.25
CA GLU C 393 -5.98 -58.58 -0.30
C GLU C 393 -6.33 -58.08 -1.70
N SER C 394 -7.13 -57.01 -1.76
CA SER C 394 -7.55 -56.43 -3.04
C SER C 394 -6.49 -56.60 -4.11
N GLU C 395 -5.24 -56.30 -3.76
CA GLU C 395 -4.15 -56.40 -4.73
C GLU C 395 -4.02 -57.82 -5.27
N GLU C 396 -3.60 -58.74 -4.42
CA GLU C 396 -3.42 -60.13 -4.81
C GLU C 396 -4.75 -60.70 -5.28
N GLY C 397 -5.79 -60.46 -4.48
CA GLY C 397 -7.11 -60.94 -4.82
C GLY C 397 -7.47 -60.76 -6.28
N LYS C 398 -7.10 -59.63 -6.88
CA LYS C 398 -7.44 -59.39 -8.27
C LYS C 398 -6.99 -60.53 -9.18
N ARG C 399 -5.67 -60.67 -9.36
CA ARG C 399 -5.11 -61.72 -10.21
C ARG C 399 -5.59 -63.13 -9.83
N LYS C 400 -5.72 -63.40 -8.53
CA LYS C 400 -6.20 -64.70 -8.08
C LYS C 400 -7.54 -65.00 -8.72
N VAL C 401 -8.45 -64.03 -8.62
CA VAL C 401 -9.77 -64.18 -9.20
C VAL C 401 -9.71 -64.23 -10.72
N ILE C 402 -8.83 -63.43 -11.33
CA ILE C 402 -8.73 -63.43 -12.78
C ILE C 402 -8.36 -64.81 -13.27
N ALA C 403 -7.56 -65.52 -12.48
CA ALA C 403 -7.15 -66.87 -12.84
C ALA C 403 -8.32 -67.80 -12.55
N TRP C 404 -8.91 -67.61 -11.37
CA TRP C 404 -10.04 -68.40 -10.93
C TRP C 404 -11.18 -68.36 -11.95
N LEU C 405 -11.32 -67.22 -12.62
CA LEU C 405 -12.38 -67.05 -13.62
C LEU C 405 -12.04 -67.74 -14.94
N GLU C 406 -10.79 -67.61 -15.36
CA GLU C 406 -10.35 -68.23 -16.61
C GLU C 406 -10.42 -69.75 -16.48
N GLU C 407 -10.03 -70.24 -15.31
CA GLU C 407 -10.04 -71.66 -15.03
C GLU C 407 -11.45 -72.24 -15.15
N LYS C 408 -12.42 -71.61 -14.49
CA LYS C 408 -13.80 -72.05 -14.52
C LYS C 408 -14.47 -71.70 -15.85
N GLY C 409 -13.76 -70.95 -16.69
CA GLY C 409 -14.30 -70.56 -17.98
C GLY C 409 -15.32 -69.45 -17.92
N LEU C 410 -15.40 -68.79 -16.76
CA LEU C 410 -16.33 -67.68 -16.52
C LEU C 410 -15.85 -66.37 -17.13
N GLY C 411 -14.54 -66.22 -17.25
CA GLY C 411 -13.97 -65.01 -17.82
C GLY C 411 -12.50 -65.16 -18.20
N LYS C 412 -11.87 -64.01 -18.52
CA LYS C 412 -10.47 -63.94 -18.91
C LYS C 412 -9.95 -62.52 -18.67
N GLY C 413 -8.76 -62.36 -18.11
CA GLY C 413 -8.25 -61.00 -17.90
C GLY C 413 -8.15 -60.30 -19.24
N ARG C 414 -8.11 -58.96 -19.25
CA ARG C 414 -7.99 -58.24 -20.52
C ARG C 414 -7.57 -56.78 -20.38
N VAL C 415 -7.32 -56.14 -21.51
CA VAL C 415 -6.91 -54.74 -21.51
C VAL C 415 -7.70 -53.94 -22.54
N THR C 416 -8.50 -52.98 -22.07
CA THR C 416 -9.31 -52.15 -22.96
C THR C 416 -8.76 -50.75 -23.04
N TYR C 417 -9.07 -50.07 -24.14
CA TYR C 417 -8.61 -48.70 -24.34
C TYR C 417 -9.78 -47.74 -24.53
N ARG C 418 -9.70 -46.59 -23.88
CA ARG C 418 -10.72 -45.55 -23.98
C ARG C 418 -10.76 -45.07 -25.42
N LEU C 419 -9.59 -44.93 -26.04
CA LEU C 419 -9.50 -44.49 -27.42
C LEU C 419 -10.42 -45.30 -28.31
N ARG C 420 -11.18 -44.61 -29.15
CA ARG C 420 -12.11 -45.24 -30.07
C ARG C 420 -11.56 -45.06 -31.47
N ASP C 421 -12.26 -45.57 -32.48
CA ASP C 421 -11.79 -45.40 -33.84
C ASP C 421 -12.00 -43.99 -34.37
N TRP C 422 -11.59 -43.78 -35.60
CA TRP C 422 -11.65 -42.46 -36.20
C TRP C 422 -12.73 -42.34 -37.27
N LEU C 423 -13.71 -41.47 -37.03
CA LEU C 423 -14.79 -41.25 -38.01
C LEU C 423 -14.31 -40.25 -39.05
N ILE C 424 -13.91 -40.71 -40.23
CA ILE C 424 -13.37 -39.80 -41.23
C ILE C 424 -14.22 -39.40 -42.42
N SER C 425 -15.46 -39.84 -42.49
CA SER C 425 -16.30 -39.48 -43.62
C SER C 425 -17.21 -38.30 -43.27
N ARG C 426 -17.22 -37.28 -44.12
CA ARG C 426 -18.02 -36.09 -43.88
C ARG C 426 -19.05 -35.80 -44.98
N GLN C 427 -20.23 -35.36 -44.57
CA GLN C 427 -21.31 -35.03 -45.48
C GLN C 427 -21.15 -33.60 -45.97
N ARG C 428 -20.07 -33.34 -46.71
CA ARG C 428 -19.79 -32.01 -47.22
C ARG C 428 -19.21 -32.11 -48.63
N TYR C 429 -19.07 -30.96 -49.29
CA TYR C 429 -18.55 -30.91 -50.64
C TYR C 429 -17.04 -30.74 -50.64
N TRP C 430 -16.58 -29.65 -50.02
CA TRP C 430 -15.16 -29.34 -49.94
C TRP C 430 -14.48 -30.40 -49.07
N GLY C 431 -14.09 -31.51 -49.68
CA GLY C 431 -13.44 -32.58 -48.97
C GLY C 431 -12.86 -33.55 -49.97
N THR C 432 -12.02 -34.47 -49.50
CA THR C 432 -11.41 -35.45 -50.38
C THR C 432 -12.33 -36.65 -50.60
N PRO C 433 -12.68 -36.94 -51.87
CA PRO C 433 -13.54 -38.05 -52.27
C PRO C 433 -13.01 -39.42 -51.85
N ILE C 434 -13.80 -40.17 -51.09
CA ILE C 434 -13.36 -41.50 -50.67
C ILE C 434 -13.40 -42.44 -51.87
N PRO C 435 -12.24 -42.96 -52.28
CA PRO C 435 -12.06 -43.89 -53.42
C PRO C 435 -12.74 -45.24 -53.29
N MET C 436 -14.04 -45.25 -53.05
CA MET C 436 -14.77 -46.50 -52.94
C MET C 436 -16.00 -46.46 -53.83
N VAL C 437 -16.39 -47.64 -54.31
CA VAL C 437 -17.55 -47.78 -55.18
C VAL C 437 -18.54 -48.76 -54.56
N HIS C 438 -19.83 -48.45 -54.65
CA HIS C 438 -20.86 -49.31 -54.08
C HIS C 438 -21.68 -50.06 -55.14
N CYS C 439 -21.35 -51.32 -55.35
CA CYS C 439 -22.06 -52.16 -56.31
C CYS C 439 -23.23 -52.77 -55.51
N GLU C 440 -24.31 -53.13 -56.20
CA GLU C 440 -25.47 -53.70 -55.50
C GLU C 440 -25.35 -55.22 -55.33
N ALA C 441 -24.41 -55.81 -56.05
CA ALA C 441 -24.17 -57.26 -55.99
C ALA C 441 -22.89 -57.61 -55.23
N CYS C 442 -21.78 -57.02 -55.65
CA CYS C 442 -20.48 -57.28 -55.01
C CYS C 442 -20.39 -56.61 -53.64
N GLY C 443 -21.14 -55.54 -53.44
CA GLY C 443 -21.11 -54.84 -52.17
C GLY C 443 -20.24 -53.59 -52.28
N VAL C 444 -19.28 -53.44 -51.37
CA VAL C 444 -18.39 -52.29 -51.38
C VAL C 444 -17.06 -52.68 -52.00
N VAL C 445 -16.79 -52.14 -53.20
CA VAL C 445 -15.56 -52.45 -53.90
C VAL C 445 -14.71 -51.21 -54.10
N PRO C 446 -13.41 -51.30 -53.75
CA PRO C 446 -12.49 -50.18 -53.90
C PRO C 446 -12.22 -49.81 -55.35
N VAL C 447 -11.63 -48.63 -55.55
CA VAL C 447 -11.29 -48.14 -56.88
C VAL C 447 -9.85 -48.50 -57.21
N PRO C 448 -9.60 -48.93 -58.46
CA PRO C 448 -8.24 -49.30 -58.89
C PRO C 448 -7.24 -48.20 -58.60
N GLU C 449 -6.11 -48.57 -58.02
CA GLU C 449 -5.06 -47.61 -57.69
C GLU C 449 -4.80 -46.62 -58.82
N GLU C 450 -4.51 -47.16 -60.00
CA GLU C 450 -4.22 -46.36 -61.19
C GLU C 450 -5.40 -45.56 -61.70
N GLU C 451 -6.59 -45.81 -61.15
CA GLU C 451 -7.78 -45.11 -61.60
C GLU C 451 -7.88 -43.73 -60.94
N LEU C 452 -7.19 -43.55 -59.81
CA LEU C 452 -7.20 -42.28 -59.09
C LEU C 452 -6.55 -41.22 -59.96
N PRO C 453 -6.84 -39.94 -59.71
CA PRO C 453 -7.69 -39.41 -58.65
C PRO C 453 -9.18 -39.32 -58.98
N VAL C 454 -10.00 -39.49 -57.96
CA VAL C 454 -11.43 -39.38 -58.13
C VAL C 454 -11.78 -37.92 -57.94
N LEU C 455 -11.37 -37.11 -58.92
CA LEU C 455 -11.60 -35.67 -58.91
C LEU C 455 -12.98 -35.27 -58.37
N LEU C 456 -13.00 -34.22 -57.55
CA LEU C 456 -14.25 -33.72 -56.99
C LEU C 456 -15.09 -33.10 -58.11
N PRO C 457 -16.37 -33.49 -58.23
CA PRO C 457 -17.24 -32.94 -59.29
C PRO C 457 -17.17 -31.42 -59.28
N ASP C 458 -16.97 -30.81 -60.46
CA ASP C 458 -16.88 -29.35 -60.52
C ASP C 458 -18.22 -28.67 -60.29
N LEU C 459 -18.48 -28.28 -59.04
CA LEU C 459 -19.73 -27.61 -58.70
C LEU C 459 -19.46 -26.12 -58.45
N LYS C 460 -19.57 -25.32 -59.49
CA LYS C 460 -19.33 -23.88 -59.36
C LYS C 460 -20.56 -23.13 -58.85
N ASP C 461 -21.45 -23.85 -58.18
CA ASP C 461 -22.67 -23.26 -57.62
C ASP C 461 -22.47 -23.02 -56.12
N VAL C 462 -22.49 -21.77 -55.70
CA VAL C 462 -22.30 -21.42 -54.30
C VAL C 462 -23.44 -21.90 -53.39
N GLU C 463 -24.63 -22.05 -53.95
CA GLU C 463 -25.79 -22.49 -53.18
C GLU C 463 -25.98 -24.01 -53.18
N ASP C 464 -25.31 -24.70 -54.11
CA ASP C 464 -25.42 -26.15 -54.21
C ASP C 464 -24.56 -26.82 -53.15
N ILE C 465 -23.29 -26.42 -53.12
CA ILE C 465 -22.34 -26.97 -52.18
C ILE C 465 -22.84 -26.87 -50.74
N ARG C 466 -23.51 -25.75 -50.43
CA ARG C 466 -24.04 -25.53 -49.09
C ARG C 466 -24.76 -26.79 -48.59
N PRO C 467 -24.27 -27.38 -47.49
CA PRO C 467 -24.85 -28.58 -46.89
C PRO C 467 -26.16 -28.35 -46.14
N LYS C 468 -27.09 -29.29 -46.29
CA LYS C 468 -28.39 -29.21 -45.63
C LYS C 468 -28.60 -30.41 -44.71
N GLY C 469 -27.88 -31.51 -44.97
CA GLY C 469 -28.03 -32.69 -44.14
C GLY C 469 -27.32 -33.92 -44.68
N LYS C 470 -26.86 -33.83 -45.93
CA LYS C 470 -26.16 -34.93 -46.58
C LYS C 470 -25.13 -34.37 -47.57
N SER C 471 -24.33 -35.24 -48.15
CA SER C 471 -23.31 -34.80 -49.11
C SER C 471 -23.95 -34.16 -50.34
N PRO C 472 -23.53 -32.92 -50.68
CA PRO C 472 -24.08 -32.25 -51.86
C PRO C 472 -23.81 -33.04 -53.14
N LEU C 473 -23.05 -34.13 -53.02
CA LEU C 473 -22.73 -34.97 -54.16
C LEU C 473 -23.87 -35.92 -54.49
N GLU C 474 -24.76 -36.13 -53.52
CA GLU C 474 -25.92 -37.00 -53.71
C GLU C 474 -26.77 -36.43 -54.83
N ALA C 475 -26.83 -35.10 -54.88
CA ALA C 475 -27.60 -34.40 -55.90
C ALA C 475 -26.77 -34.26 -57.18
N HIS C 476 -25.95 -35.27 -57.46
CA HIS C 476 -25.11 -35.24 -58.65
C HIS C 476 -24.79 -36.64 -59.18
N PRO C 477 -25.73 -37.22 -59.95
CA PRO C 477 -25.56 -38.56 -60.52
C PRO C 477 -24.35 -38.64 -61.44
N GLU C 478 -24.11 -37.58 -62.21
CA GLU C 478 -22.98 -37.55 -63.12
C GLU C 478 -21.72 -37.97 -62.39
N PHE C 479 -21.72 -37.84 -61.06
CA PHE C 479 -20.57 -38.21 -60.25
C PHE C 479 -20.59 -39.67 -59.80
N TYR C 480 -21.60 -40.04 -59.02
CA TYR C 480 -21.74 -41.40 -58.48
C TYR C 480 -22.23 -42.47 -59.46
N GLU C 481 -22.80 -42.04 -60.57
CA GLU C 481 -23.29 -42.98 -61.56
C GLU C 481 -22.10 -43.57 -62.30
N THR C 482 -21.55 -44.64 -61.75
CA THR C 482 -20.42 -45.32 -62.37
C THR C 482 -20.57 -46.83 -62.25
N THR C 483 -19.71 -47.57 -62.95
CA THR C 483 -19.77 -49.01 -62.92
C THR C 483 -18.81 -49.61 -61.89
N CYS C 484 -19.06 -50.87 -61.56
CA CYS C 484 -18.27 -51.62 -60.60
C CYS C 484 -17.01 -52.16 -61.29
N PRO C 485 -15.84 -51.76 -60.80
CA PRO C 485 -14.57 -52.20 -61.38
C PRO C 485 -14.26 -53.67 -61.09
N LYS C 486 -15.22 -54.36 -60.47
CA LYS C 486 -15.05 -55.77 -60.14
C LYS C 486 -15.83 -56.67 -61.10
N CYS C 487 -17.16 -56.51 -61.10
CA CYS C 487 -18.04 -57.31 -61.97
C CYS C 487 -18.32 -56.61 -63.31
N GLY C 488 -18.80 -55.37 -63.25
CA GLY C 488 -19.09 -54.63 -64.47
C GLY C 488 -20.44 -53.92 -64.38
N GLY C 489 -21.31 -54.45 -63.53
CA GLY C 489 -22.63 -53.87 -63.35
C GLY C 489 -22.64 -52.44 -62.86
N PRO C 490 -23.83 -51.82 -62.71
CA PRO C 490 -23.93 -50.44 -62.24
C PRO C 490 -23.65 -50.32 -60.75
N ALA C 491 -22.87 -49.31 -60.38
CA ALA C 491 -22.53 -49.07 -58.99
C ALA C 491 -22.67 -47.59 -58.66
N LYS C 492 -22.36 -47.23 -57.42
CA LYS C 492 -22.46 -45.84 -56.97
C LYS C 492 -21.25 -45.44 -56.11
N ARG C 493 -20.56 -44.37 -56.52
CA ARG C 493 -19.38 -43.88 -55.79
C ARG C 493 -19.78 -43.39 -54.39
N ASP C 494 -18.85 -43.50 -53.46
CA ASP C 494 -19.11 -43.05 -52.10
C ASP C 494 -19.28 -41.54 -52.19
N THR C 495 -20.42 -41.05 -51.72
CA THR C 495 -20.71 -39.62 -51.76
C THR C 495 -20.04 -38.82 -50.66
N ASP C 496 -19.59 -39.50 -49.61
CA ASP C 496 -18.92 -38.83 -48.49
C ASP C 496 -17.46 -38.48 -48.79
N THR C 497 -17.00 -37.38 -48.19
CA THR C 497 -15.62 -36.94 -48.37
C THR C 497 -14.84 -37.11 -47.08
N MET C 498 -13.51 -37.16 -47.19
CA MET C 498 -12.64 -37.33 -46.04
C MET C 498 -12.44 -36.03 -45.28
N ASP C 499 -12.52 -36.13 -43.97
CA ASP C 499 -12.33 -35.00 -43.07
C ASP C 499 -11.01 -34.30 -43.38
N THR C 500 -10.89 -33.05 -42.96
CA THR C 500 -9.68 -32.27 -43.19
C THR C 500 -8.45 -32.89 -42.50
N PHE C 501 -8.63 -33.35 -41.26
CA PHE C 501 -7.55 -33.96 -40.50
C PHE C 501 -6.96 -35.21 -41.12
N PHE C 502 -7.23 -35.46 -42.38
CA PHE C 502 -6.67 -36.63 -43.02
C PHE C 502 -5.46 -36.13 -43.78
N ASP C 503 -5.69 -35.15 -44.64
CA ASP C 503 -4.61 -34.59 -45.43
C ASP C 503 -3.54 -33.84 -44.60
N SER C 504 -3.87 -33.48 -43.37
CA SER C 504 -2.93 -32.77 -42.50
C SER C 504 -2.16 -33.76 -41.62
N SER C 505 -2.40 -35.05 -41.80
CA SER C 505 -1.72 -36.06 -40.99
C SER C 505 -0.45 -36.61 -41.62
N TRP C 506 -0.05 -36.04 -42.74
CA TRP C 506 1.15 -36.48 -43.41
C TRP C 506 1.68 -35.43 -44.37
N TYR C 507 1.23 -34.18 -44.22
CA TYR C 507 1.71 -33.13 -45.11
C TYR C 507 3.21 -32.96 -44.92
N TYR C 508 3.68 -33.16 -43.69
CA TYR C 508 5.10 -33.01 -43.40
C TYR C 508 5.94 -33.93 -44.24
N LEU C 509 5.37 -35.05 -44.69
CA LEU C 509 6.10 -36.00 -45.53
C LEU C 509 6.09 -35.60 -46.99
N ARG C 510 4.97 -35.06 -47.45
CA ARG C 510 4.87 -34.64 -48.84
C ARG C 510 5.92 -33.57 -49.16
N TYR C 511 6.26 -32.74 -48.18
CA TYR C 511 7.24 -31.69 -48.41
C TYR C 511 8.59 -32.21 -48.90
N THR C 512 9.02 -33.34 -48.36
CA THR C 512 10.30 -33.95 -48.72
C THR C 512 10.39 -34.35 -50.18
N ASP C 513 9.23 -34.46 -50.83
CA ASP C 513 9.16 -34.83 -52.25
C ASP C 513 7.79 -34.46 -52.80
N PRO C 514 7.48 -33.16 -52.80
CA PRO C 514 6.20 -32.60 -53.26
C PRO C 514 5.82 -32.83 -54.70
N HIS C 515 6.77 -33.16 -55.56
CA HIS C 515 6.44 -33.35 -56.96
C HIS C 515 6.42 -34.79 -57.41
N ASN C 516 6.34 -35.71 -56.46
CA ASN C 516 6.31 -37.13 -56.80
C ASN C 516 4.93 -37.50 -57.32
N ASP C 517 4.86 -37.77 -58.62
CA ASP C 517 3.60 -38.12 -59.25
C ASP C 517 3.37 -39.63 -59.40
N ARG C 518 4.12 -40.44 -58.67
CA ARG C 518 3.96 -41.89 -58.73
C ARG C 518 4.02 -42.51 -57.33
N LEU C 519 4.00 -41.65 -56.32
CA LEU C 519 4.04 -42.06 -54.92
C LEU C 519 3.84 -40.86 -54.02
N PRO C 520 3.18 -41.05 -52.87
CA PRO C 520 2.97 -39.92 -51.96
C PRO C 520 4.29 -39.23 -51.69
N PHE C 521 5.34 -40.03 -51.57
CA PHE C 521 6.67 -39.51 -51.31
C PHE C 521 7.70 -40.62 -51.45
N ASP C 522 8.87 -40.28 -51.98
CA ASP C 522 9.93 -41.26 -52.15
C ASP C 522 10.61 -41.52 -50.79
N PRO C 523 10.49 -42.74 -50.25
CA PRO C 523 11.09 -43.08 -48.96
C PRO C 523 12.54 -42.67 -48.84
N GLU C 524 13.24 -42.64 -49.97
CA GLU C 524 14.65 -42.25 -49.99
C GLU C 524 14.77 -40.80 -49.49
N LYS C 525 13.96 -39.91 -50.07
CA LYS C 525 13.98 -38.50 -49.71
C LYS C 525 13.38 -38.25 -48.32
N ALA C 526 12.21 -38.80 -48.06
CA ALA C 526 11.54 -38.62 -46.78
C ALA C 526 12.42 -39.09 -45.63
N ASN C 527 13.05 -40.24 -45.80
CA ASN C 527 13.91 -40.81 -44.76
C ASN C 527 15.12 -39.92 -44.50
N ALA C 528 15.58 -39.24 -45.54
CA ALA C 528 16.71 -38.33 -45.45
C ALA C 528 16.36 -37.15 -44.54
N TRP C 529 15.23 -36.51 -44.83
CA TRP C 529 14.77 -35.36 -44.07
C TRP C 529 14.15 -35.69 -42.72
N MET C 530 13.23 -36.64 -42.67
CA MET C 530 12.60 -36.99 -41.40
C MET C 530 13.63 -37.42 -40.36
N PRO C 531 13.29 -37.32 -39.07
CA PRO C 531 12.02 -36.83 -38.56
C PRO C 531 12.11 -35.30 -38.50
N VAL C 532 11.04 -34.65 -38.07
CA VAL C 532 11.05 -33.20 -37.95
C VAL C 532 11.85 -32.91 -36.67
N ASP C 533 12.84 -32.03 -36.79
CA ASP C 533 13.69 -31.68 -35.65
C ASP C 533 12.96 -30.76 -34.70
N GLN C 534 12.33 -29.73 -35.26
CA GLN C 534 11.57 -28.77 -34.46
C GLN C 534 10.20 -28.51 -35.06
N TYR C 535 9.15 -28.76 -34.28
CA TYR C 535 7.79 -28.55 -34.74
C TYR C 535 7.15 -27.48 -33.85
N ILE C 536 6.86 -26.33 -34.46
CA ILE C 536 6.25 -25.22 -33.74
C ILE C 536 4.75 -25.17 -33.99
N GLY C 537 3.98 -25.09 -32.91
CA GLY C 537 2.53 -25.07 -33.04
C GLY C 537 1.81 -24.93 -31.71
N GLY C 538 0.50 -25.21 -31.70
CA GLY C 538 -0.28 -25.05 -30.48
C GLY C 538 -0.79 -26.32 -29.81
N VAL C 539 -0.95 -26.26 -28.50
CA VAL C 539 -1.39 -27.40 -27.71
C VAL C 539 -2.82 -27.85 -28.03
N GLU C 540 -3.58 -27.04 -28.74
CA GLU C 540 -4.96 -27.41 -29.06
C GLU C 540 -5.06 -28.70 -29.86
N HIS C 541 -4.01 -29.03 -30.62
CA HIS C 541 -4.00 -30.23 -31.44
C HIS C 541 -3.55 -31.50 -30.70
N ALA C 542 -3.34 -31.39 -29.38
CA ALA C 542 -2.92 -32.52 -28.56
C ALA C 542 -3.52 -33.80 -29.06
N VAL C 543 -4.75 -34.10 -28.63
CA VAL C 543 -5.41 -35.31 -29.06
C VAL C 543 -6.11 -35.16 -30.41
N LEU C 544 -5.49 -34.43 -31.32
CA LEU C 544 -6.07 -34.26 -32.64
C LEU C 544 -4.99 -34.52 -33.68
N HIS C 545 -4.51 -33.45 -34.29
CA HIS C 545 -3.46 -33.55 -35.29
C HIS C 545 -2.22 -34.23 -34.73
N LEU C 546 -1.88 -33.93 -33.47
CA LEU C 546 -0.72 -34.52 -32.85
C LEU C 546 -0.98 -35.96 -32.46
N LEU C 547 -2.06 -36.51 -32.97
CA LEU C 547 -2.37 -37.91 -32.68
C LEU C 547 -2.55 -38.62 -34.01
N TYR C 548 -3.34 -38.04 -34.90
CA TYR C 548 -3.57 -38.61 -36.21
C TYR C 548 -2.26 -38.74 -37.01
N SER C 549 -1.31 -37.84 -36.74
CA SER C 549 -0.05 -37.86 -37.46
C SER C 549 0.81 -39.02 -37.00
N ARG C 550 0.85 -39.23 -35.69
CA ARG C 550 1.62 -40.33 -35.14
C ARG C 550 1.11 -41.59 -35.81
N PHE C 551 -0.18 -41.85 -35.67
CA PHE C 551 -0.79 -43.01 -36.30
C PHE C 551 -0.38 -43.09 -37.78
N PHE C 552 -0.82 -42.13 -38.59
CA PHE C 552 -0.48 -42.11 -40.01
C PHE C 552 0.99 -42.45 -40.24
N THR C 553 1.87 -41.95 -39.38
CA THR C 553 3.29 -42.24 -39.59
C THR C 553 3.52 -43.74 -39.41
N LYS C 554 3.21 -44.28 -38.23
CA LYS C 554 3.38 -45.71 -38.01
C LYS C 554 2.75 -46.55 -39.13
N PHE C 555 1.52 -46.24 -39.53
CA PHE C 555 0.93 -46.99 -40.61
C PHE C 555 1.85 -46.92 -41.82
N LEU C 556 2.35 -45.72 -42.12
CA LEU C 556 3.25 -45.56 -43.26
C LEU C 556 4.61 -46.20 -42.98
N HIS C 557 4.90 -46.48 -41.72
CA HIS C 557 6.16 -47.12 -41.37
C HIS C 557 5.98 -48.63 -41.54
N ASP C 558 4.79 -49.12 -41.23
CA ASP C 558 4.48 -50.54 -41.36
C ASP C 558 4.40 -50.98 -42.83
N LEU C 559 4.40 -50.03 -43.75
CA LEU C 559 4.38 -50.34 -45.17
C LEU C 559 5.80 -50.15 -45.62
N GLY C 560 6.68 -49.88 -44.65
CA GLY C 560 8.10 -49.69 -44.91
C GLY C 560 8.46 -48.49 -45.80
N MET C 561 7.67 -47.42 -45.69
CA MET C 561 7.93 -46.22 -46.47
C MET C 561 8.56 -45.12 -45.64
N VAL C 562 8.65 -45.34 -44.33
CA VAL C 562 9.24 -44.37 -43.44
C VAL C 562 9.95 -45.07 -42.29
N LYS C 563 11.25 -44.82 -42.14
CA LYS C 563 12.03 -45.44 -41.08
C LYS C 563 11.57 -45.03 -39.69
N VAL C 564 11.39 -43.73 -39.47
CA VAL C 564 10.96 -43.23 -38.16
C VAL C 564 9.51 -43.53 -37.83
N GLU C 565 9.23 -43.76 -36.55
CA GLU C 565 7.86 -44.04 -36.12
C GLU C 565 7.19 -42.80 -35.53
N GLU C 566 8.01 -41.93 -34.93
CA GLU C 566 7.56 -40.66 -34.35
C GLU C 566 8.04 -39.59 -35.33
N PRO C 567 7.11 -38.94 -36.05
CA PRO C 567 7.40 -37.89 -37.03
C PRO C 567 8.00 -36.59 -36.47
N PHE C 568 7.58 -36.20 -35.28
CA PHE C 568 8.06 -34.97 -34.69
C PHE C 568 8.95 -35.24 -33.51
N GLN C 569 10.24 -35.03 -33.70
CA GLN C 569 11.21 -35.27 -32.65
C GLN C 569 11.08 -34.22 -31.57
N GLY C 570 11.03 -32.97 -32.02
CA GLY C 570 10.91 -31.85 -31.11
C GLY C 570 9.62 -31.09 -31.38
N LEU C 571 8.85 -30.90 -30.33
CA LEU C 571 7.58 -30.22 -30.45
C LEU C 571 7.54 -29.02 -29.52
N PHE C 572 7.45 -27.82 -30.08
CA PHE C 572 7.39 -26.63 -29.24
C PHE C 572 6.07 -25.87 -29.44
N THR C 573 5.22 -25.87 -28.39
CA THR C 573 3.94 -25.18 -28.43
C THR C 573 4.04 -23.75 -27.90
N GLN C 574 3.73 -22.78 -28.75
CA GLN C 574 3.80 -21.37 -28.41
C GLN C 574 2.54 -20.86 -27.72
N GLY C 575 2.67 -19.75 -27.00
CA GLY C 575 1.52 -19.17 -26.34
C GLY C 575 0.79 -18.26 -27.32
N MET C 576 -0.40 -17.79 -26.95
CA MET C 576 -1.16 -16.91 -27.84
C MET C 576 -0.72 -15.46 -27.72
N VAL C 577 -0.92 -14.69 -28.78
CA VAL C 577 -0.55 -13.27 -28.79
C VAL C 577 -1.77 -12.44 -28.41
N LEU C 578 -1.79 -11.93 -27.19
CA LEU C 578 -2.90 -11.13 -26.71
C LEU C 578 -2.77 -9.63 -27.03
N ALA C 579 -3.93 -8.96 -27.06
CA ALA C 579 -4.01 -7.53 -27.33
C ALA C 579 -5.13 -6.99 -26.44
N TRP C 580 -5.01 -5.75 -25.99
CA TRP C 580 -6.04 -5.19 -25.14
C TRP C 580 -7.42 -5.21 -25.82
N THR C 581 -8.48 -5.22 -25.02
CA THR C 581 -9.83 -5.25 -25.57
C THR C 581 -10.89 -4.56 -24.68
N ASP C 582 -11.81 -3.85 -25.32
CA ASP C 582 -12.91 -3.15 -24.64
C ASP C 582 -14.04 -4.13 -24.32
N PHE C 583 -14.49 -4.15 -23.07
CA PHE C 583 -15.56 -5.07 -22.69
C PHE C 583 -16.95 -4.44 -22.51
N GLY C 584 -17.06 -3.12 -22.69
CA GLY C 584 -18.35 -2.46 -22.54
C GLY C 584 -18.39 -1.41 -21.44
N PRO C 585 -19.57 -0.80 -21.22
CA PRO C 585 -19.80 0.24 -20.20
C PRO C 585 -19.93 -0.29 -18.77
N VAL C 586 -19.52 0.54 -17.81
CA VAL C 586 -19.60 0.18 -16.39
C VAL C 586 -20.31 1.29 -15.64
N GLU C 587 -20.01 1.39 -14.34
CA GLU C 587 -20.63 2.40 -13.51
C GLU C 587 -19.85 2.45 -12.21
N VAL C 588 -18.83 3.30 -12.14
CA VAL C 588 -18.01 3.41 -10.94
C VAL C 588 -18.55 4.41 -9.92
N GLU C 589 -19.06 3.90 -8.81
CA GLU C 589 -19.60 4.74 -7.74
C GLU C 589 -18.62 4.70 -6.57
N GLY C 590 -17.49 5.39 -6.73
CA GLY C 590 -16.48 5.40 -5.68
C GLY C 590 -15.61 4.17 -5.82
N SER C 591 -15.85 3.17 -4.97
CA SER C 591 -15.09 1.92 -5.00
C SER C 591 -15.94 0.82 -5.66
N VAL C 592 -17.23 0.84 -5.38
CA VAL C 592 -18.19 -0.12 -5.94
C VAL C 592 -18.34 0.11 -7.45
N VAL C 593 -17.77 -0.77 -8.26
CA VAL C 593 -17.86 -0.66 -9.72
C VAL C 593 -18.87 -1.65 -10.31
N ARG C 594 -20.16 -1.36 -10.16
CA ARG C 594 -21.20 -2.24 -10.68
C ARG C 594 -21.06 -2.43 -12.19
N LEU C 595 -21.41 -3.62 -12.65
CA LEU C 595 -21.32 -3.95 -14.07
C LEU C 595 -22.68 -4.25 -14.66
N PRO C 596 -22.98 -3.69 -15.85
CA PRO C 596 -24.26 -3.94 -16.50
C PRO C 596 -24.33 -5.37 -17.03
N GLU C 597 -24.96 -5.56 -18.18
CA GLU C 597 -25.06 -6.89 -18.77
C GLU C 597 -24.22 -7.04 -20.02
N PRO C 598 -24.23 -6.04 -20.91
CA PRO C 598 -23.41 -6.14 -22.13
C PRO C 598 -21.92 -6.16 -21.80
N THR C 599 -21.60 -5.84 -20.54
CA THR C 599 -20.23 -5.80 -20.06
C THR C 599 -19.89 -6.94 -19.12
N ARG C 600 -20.88 -7.39 -18.36
CA ARG C 600 -20.66 -8.49 -17.40
C ARG C 600 -20.60 -9.86 -18.06
N ILE C 601 -21.57 -10.17 -18.90
CA ILE C 601 -21.62 -11.46 -19.58
C ILE C 601 -20.45 -11.63 -20.57
N ARG C 602 -19.86 -10.51 -20.99
CA ARG C 602 -18.72 -10.57 -21.90
C ARG C 602 -17.49 -11.02 -21.11
N LEU C 603 -17.34 -10.48 -19.90
CA LEU C 603 -16.21 -10.84 -19.04
C LEU C 603 -16.36 -12.26 -18.48
N GLU C 604 -17.50 -12.89 -18.75
CA GLU C 604 -17.76 -14.26 -18.29
C GLU C 604 -17.51 -14.42 -16.80
N ILE C 605 -17.77 -13.36 -16.03
CA ILE C 605 -17.58 -13.40 -14.58
C ILE C 605 -18.91 -13.37 -13.83
N PRO C 606 -18.99 -14.07 -12.68
CA PRO C 606 -20.21 -14.13 -11.87
C PRO C 606 -20.55 -12.78 -11.22
N GLU C 607 -19.54 -12.13 -10.65
CA GLU C 607 -19.71 -10.84 -9.99
C GLU C 607 -20.34 -9.78 -10.90
N SER C 608 -21.34 -9.08 -10.36
CA SER C 608 -22.05 -8.04 -11.09
C SER C 608 -21.70 -6.66 -10.53
N ALA C 609 -20.89 -6.64 -9.48
CA ALA C 609 -20.46 -5.41 -8.82
C ALA C 609 -19.09 -5.61 -8.16
N LEU C 610 -18.03 -5.27 -8.89
CA LEU C 610 -16.64 -5.40 -8.41
C LEU C 610 -16.19 -4.15 -7.65
N SER C 611 -14.88 -3.99 -7.51
CA SER C 611 -14.30 -2.84 -6.83
C SER C 611 -13.10 -2.33 -7.62
N LEU C 612 -12.62 -1.13 -7.30
CA LEU C 612 -11.48 -0.55 -8.01
C LEU C 612 -10.23 -1.42 -7.84
N GLU C 613 -10.31 -2.36 -6.90
CA GLU C 613 -9.20 -3.26 -6.62
C GLU C 613 -9.33 -4.51 -7.48
N ASP C 614 -10.48 -5.17 -7.36
CA ASP C 614 -10.76 -6.39 -8.11
C ASP C 614 -10.59 -6.19 -9.61
N VAL C 615 -10.92 -5.00 -10.10
CA VAL C 615 -10.79 -4.70 -11.53
C VAL C 615 -9.31 -4.63 -11.87
N ARG C 616 -8.50 -4.16 -10.92
CA ARG C 616 -7.07 -4.05 -11.13
C ARG C 616 -6.44 -5.43 -11.00
N LYS C 617 -6.78 -6.13 -9.92
CA LYS C 617 -6.25 -7.46 -9.67
C LYS C 617 -6.47 -8.43 -10.83
N MET C 618 -7.63 -8.34 -11.49
CA MET C 618 -7.91 -9.22 -12.62
C MET C 618 -7.22 -8.74 -13.89
N GLY C 619 -6.22 -7.88 -13.72
CA GLY C 619 -5.49 -7.36 -14.86
C GLY C 619 -6.36 -6.63 -15.88
N ALA C 620 -7.16 -5.69 -15.39
CA ALA C 620 -8.06 -4.91 -16.26
C ALA C 620 -8.10 -3.46 -15.79
N GLU C 621 -8.15 -2.54 -16.74
CA GLU C 621 -8.20 -1.12 -16.42
C GLU C 621 -9.44 -0.47 -17.02
N LEU C 622 -9.92 0.60 -16.37
CA LEU C 622 -11.11 1.32 -16.82
C LEU C 622 -10.71 2.51 -17.72
N ARG C 623 -11.36 2.64 -18.87
CA ARG C 623 -11.05 3.72 -19.81
C ARG C 623 -12.26 4.54 -20.19
N PRO C 624 -12.14 5.88 -20.13
CA PRO C 624 -13.27 6.75 -20.49
C PRO C 624 -13.51 6.68 -21.99
N HIS C 625 -14.50 5.90 -22.41
CA HIS C 625 -14.78 5.75 -23.83
C HIS C 625 -15.30 7.07 -24.43
N GLU C 626 -15.17 7.21 -25.75
CA GLU C 626 -15.58 8.40 -26.49
C GLU C 626 -17.10 8.62 -26.56
N ASP C 627 -17.84 7.86 -25.77
CA ASP C 627 -19.30 7.97 -25.74
C ASP C 627 -19.78 8.67 -24.47
N GLY C 628 -18.84 9.06 -23.61
CA GLY C 628 -19.19 9.73 -22.39
C GLY C 628 -19.28 8.84 -21.17
N THR C 629 -19.01 7.55 -21.34
CA THR C 629 -19.05 6.60 -20.22
C THR C 629 -17.73 5.89 -20.00
N LEU C 630 -17.67 5.08 -18.93
CA LEU C 630 -16.47 4.34 -18.61
C LEU C 630 -16.55 2.89 -19.10
N HIS C 631 -15.57 2.49 -19.90
CA HIS C 631 -15.50 1.13 -20.43
C HIS C 631 -14.31 0.38 -19.84
N LEU C 632 -14.52 -0.87 -19.44
CA LEU C 632 -13.47 -1.69 -18.85
C LEU C 632 -12.66 -2.45 -19.92
N TRP C 633 -11.34 -2.27 -19.89
CA TRP C 633 -10.44 -2.91 -20.85
C TRP C 633 -9.55 -3.98 -20.22
N LYS C 634 -9.47 -5.12 -20.90
CA LYS C 634 -8.69 -6.27 -20.46
C LYS C 634 -8.18 -7.03 -21.70
N PRO C 635 -6.94 -7.55 -21.65
CA PRO C 635 -6.37 -8.30 -22.78
C PRO C 635 -7.20 -9.53 -23.17
N ALA C 636 -6.99 -10.02 -24.40
CA ALA C 636 -7.70 -11.20 -24.89
C ALA C 636 -7.10 -11.66 -26.22
N VAL C 637 -7.38 -12.91 -26.59
CA VAL C 637 -6.86 -13.47 -27.83
C VAL C 637 -7.02 -12.51 -29.01
N MET C 638 -5.92 -12.00 -29.52
CA MET C 638 -5.98 -11.09 -30.65
C MET C 638 -6.52 -11.81 -31.87
N SER C 639 -7.83 -11.69 -32.11
CA SER C 639 -8.44 -12.36 -33.25
C SER C 639 -9.22 -11.40 -34.15
N LYS C 640 -9.94 -11.98 -35.12
CA LYS C 640 -10.74 -11.22 -36.06
C LYS C 640 -12.03 -10.85 -35.34
N SER C 641 -12.55 -11.80 -34.55
CA SER C 641 -13.78 -11.60 -33.79
C SER C 641 -13.72 -10.34 -32.91
N LYS C 642 -12.70 -10.26 -32.06
CA LYS C 642 -12.52 -9.10 -31.17
C LYS C 642 -12.22 -7.83 -31.94
N GLY C 643 -11.76 -7.99 -33.18
CA GLY C 643 -11.43 -6.84 -34.02
C GLY C 643 -10.12 -6.16 -33.66
N ASN C 644 -9.53 -6.55 -32.53
CA ASN C 644 -8.27 -5.99 -32.06
C ASN C 644 -7.07 -6.49 -32.85
N GLY C 645 -7.32 -7.29 -33.88
CA GLY C 645 -6.24 -7.82 -34.69
C GLY C 645 -5.38 -6.75 -35.35
N VAL C 646 -4.07 -6.91 -35.28
CA VAL C 646 -3.15 -5.96 -35.89
C VAL C 646 -2.66 -6.55 -37.20
N MET C 647 -3.14 -6.01 -38.32
CA MET C 647 -2.73 -6.54 -39.62
C MET C 647 -1.26 -6.30 -39.98
N VAL C 648 -0.63 -7.32 -40.58
CA VAL C 648 0.77 -7.25 -40.97
C VAL C 648 1.01 -6.15 -42.00
N GLY C 649 0.30 -6.24 -43.13
CA GLY C 649 0.44 -5.25 -44.17
C GLY C 649 0.47 -3.83 -43.61
N PRO C 650 -0.61 -3.39 -42.94
CA PRO C 650 -0.69 -2.05 -42.35
C PRO C 650 0.49 -1.71 -41.45
N PHE C 651 0.72 -2.55 -40.45
CA PHE C 651 1.79 -2.36 -39.48
C PHE C 651 3.18 -2.04 -40.06
N VAL C 652 3.68 -2.90 -40.95
CA VAL C 652 5.00 -2.67 -41.54
C VAL C 652 5.04 -1.39 -42.36
N LYS C 653 3.90 -1.01 -42.93
CA LYS C 653 3.81 0.21 -43.74
C LYS C 653 4.17 1.42 -42.89
N GLU C 654 3.86 1.35 -41.60
CA GLU C 654 4.14 2.43 -40.66
C GLU C 654 5.50 2.21 -39.99
N GLN C 655 5.68 1.03 -39.42
CA GLN C 655 6.92 0.70 -38.73
C GLN C 655 7.86 -0.08 -39.64
N GLY C 656 7.93 -1.39 -39.42
CA GLY C 656 8.80 -2.23 -40.23
C GLY C 656 8.75 -3.68 -39.82
N ALA C 657 9.35 -4.54 -40.65
CA ALA C 657 9.38 -5.96 -40.39
C ALA C 657 10.19 -6.25 -39.12
N ASP C 658 11.49 -5.97 -39.17
CA ASP C 658 12.35 -6.23 -38.03
C ASP C 658 11.82 -5.65 -36.73
N ILE C 659 11.06 -4.56 -36.81
CA ILE C 659 10.51 -3.96 -35.59
C ILE C 659 9.43 -4.87 -35.00
N ALA C 660 8.70 -5.56 -35.88
CA ALA C 660 7.63 -6.49 -35.48
C ALA C 660 8.24 -7.72 -34.84
N ARG C 661 9.17 -8.31 -35.58
CA ARG C 661 9.89 -9.50 -35.17
C ARG C 661 10.47 -9.32 -33.77
N ILE C 662 11.29 -8.30 -33.59
CA ILE C 662 11.89 -8.05 -32.28
C ILE C 662 10.80 -7.90 -31.23
N THR C 663 9.65 -7.37 -31.62
CA THR C 663 8.56 -7.14 -30.67
C THR C 663 7.97 -8.43 -30.16
N ILE C 664 7.69 -9.35 -31.09
CA ILE C 664 7.11 -10.64 -30.76
C ILE C 664 8.09 -11.52 -30.01
N LEU C 665 9.32 -11.57 -30.50
CA LEU C 665 10.36 -12.39 -29.89
C LEU C 665 10.82 -11.94 -28.50
N PHE C 666 10.82 -10.63 -28.24
CA PHE C 666 11.27 -10.12 -26.94
C PHE C 666 10.15 -9.93 -25.91
N ALA C 667 8.91 -9.85 -26.37
CA ALA C 667 7.76 -9.65 -25.47
C ALA C 667 7.84 -10.48 -24.18
N ALA C 668 7.81 -11.80 -24.30
CA ALA C 668 7.90 -12.68 -23.13
C ALA C 668 8.47 -14.06 -23.52
N PRO C 669 8.49 -15.00 -22.56
CA PRO C 669 9.02 -16.34 -22.86
C PRO C 669 8.13 -16.87 -23.98
N PRO C 670 8.73 -17.37 -25.07
CA PRO C 670 7.95 -17.89 -26.20
C PRO C 670 6.80 -18.83 -25.82
N GLU C 671 7.03 -19.71 -24.86
CA GLU C 671 6.01 -20.65 -24.42
C GLU C 671 4.80 -19.92 -23.85
N ASN C 672 5.05 -18.89 -23.04
CA ASN C 672 4.00 -18.07 -22.43
C ASN C 672 3.30 -17.20 -23.47
N GLU C 673 2.19 -16.60 -23.07
CA GLU C 673 1.47 -15.72 -23.97
C GLU C 673 1.93 -14.29 -23.76
N MET C 674 2.08 -13.57 -24.87
CA MET C 674 2.51 -12.19 -24.80
C MET C 674 1.31 -11.28 -25.00
N VAL C 675 1.53 -9.99 -24.77
CA VAL C 675 0.50 -8.96 -24.93
C VAL C 675 1.11 -7.89 -25.80
N TRP C 676 0.59 -7.74 -27.01
CA TRP C 676 1.09 -6.74 -27.95
C TRP C 676 0.81 -5.32 -27.46
N THR C 677 1.86 -4.51 -27.24
CA THR C 677 1.67 -3.14 -26.77
C THR C 677 2.42 -2.09 -27.60
N GLU C 678 2.01 -0.83 -27.49
CA GLU C 678 2.67 0.22 -28.24
C GLU C 678 4.07 0.42 -27.67
N GLU C 679 4.19 0.44 -26.34
CA GLU C 679 5.50 0.61 -25.72
C GLU C 679 6.44 -0.45 -26.26
N GLY C 680 5.89 -1.65 -26.45
CA GLY C 680 6.66 -2.75 -26.98
C GLY C 680 7.25 -2.37 -28.31
N VAL C 681 6.41 -1.94 -29.23
CA VAL C 681 6.91 -1.57 -30.54
C VAL C 681 7.91 -0.41 -30.46
N GLN C 682 7.82 0.38 -29.40
CA GLN C 682 8.72 1.53 -29.21
C GLN C 682 10.13 1.04 -28.87
N GLY C 683 10.24 0.39 -27.70
CA GLY C 683 11.52 -0.15 -27.27
C GLY C 683 12.17 -0.93 -28.39
N ALA C 684 11.34 -1.66 -29.14
CA ALA C 684 11.83 -2.42 -30.27
C ALA C 684 12.52 -1.48 -31.24
N TRP C 685 11.87 -0.36 -31.56
CA TRP C 685 12.44 0.62 -32.48
C TRP C 685 13.72 1.21 -31.89
N ARG C 686 13.65 1.61 -30.62
CA ARG C 686 14.79 2.19 -29.95
C ARG C 686 16.00 1.28 -30.03
N PHE C 687 15.78 -0.02 -29.80
CA PHE C 687 16.85 -1.03 -29.87
C PHE C 687 17.46 -1.09 -31.26
N LEU C 688 16.65 -1.36 -32.27
CA LEU C 688 17.14 -1.44 -33.65
C LEU C 688 17.78 -0.12 -34.02
N ASN C 689 17.28 0.94 -33.39
CA ASN C 689 17.78 2.28 -33.64
C ASN C 689 19.23 2.42 -33.22
N ARG C 690 19.49 2.27 -31.92
CA ARG C 690 20.86 2.38 -31.40
C ARG C 690 21.79 1.48 -32.19
N ILE C 691 21.34 0.26 -32.48
CA ILE C 691 22.16 -0.67 -33.25
C ILE C 691 22.62 0.01 -34.54
N TYR C 692 21.72 0.78 -35.16
CA TYR C 692 22.07 1.47 -36.41
C TYR C 692 23.03 2.61 -36.13
N ARG C 693 22.66 3.46 -35.18
CA ARG C 693 23.45 4.61 -34.80
C ARG C 693 24.90 4.20 -34.49
N ARG C 694 25.05 3.27 -33.55
CA ARG C 694 26.35 2.74 -33.14
C ARG C 694 27.29 2.42 -34.30
N VAL C 695 26.83 1.60 -35.24
CA VAL C 695 27.65 1.22 -36.39
C VAL C 695 27.72 2.33 -37.44
N ALA C 696 26.70 3.18 -37.48
CA ALA C 696 26.68 4.29 -38.43
C ALA C 696 27.77 5.31 -38.07
N GLU C 697 27.80 5.72 -36.81
CA GLU C 697 28.77 6.70 -36.35
C GLU C 697 30.22 6.31 -36.63
N ASP C 698 30.57 5.05 -36.46
CA ASP C 698 31.95 4.62 -36.70
C ASP C 698 32.12 4.00 -38.08
N ARG C 699 31.15 4.24 -38.96
CA ARG C 699 31.20 3.68 -40.30
C ARG C 699 32.54 3.87 -41.02
N GLU C 700 32.92 5.13 -41.24
CA GLU C 700 34.17 5.44 -41.92
C GLU C 700 35.37 4.92 -41.15
N ALA C 701 35.24 4.89 -39.82
CA ALA C 701 36.32 4.40 -38.97
C ALA C 701 36.60 2.92 -39.24
N LEU C 702 35.62 2.06 -38.98
CA LEU C 702 35.77 0.63 -39.20
C LEU C 702 36.22 0.36 -40.65
N LEU C 703 35.81 1.24 -41.56
CA LEU C 703 36.15 1.10 -42.96
C LEU C 703 37.64 0.99 -43.24
N GLU C 704 38.47 1.28 -42.25
CA GLU C 704 39.91 1.18 -42.44
C GLU C 704 40.61 0.42 -41.33
N THR C 705 39.85 -0.07 -40.37
CA THR C 705 40.41 -0.84 -39.27
C THR C 705 40.39 -2.31 -39.69
N SER C 706 41.35 -3.08 -39.20
CA SER C 706 41.40 -4.49 -39.53
C SER C 706 40.92 -5.33 -38.36
N GLY C 707 40.14 -6.35 -38.66
CA GLY C 707 39.60 -7.22 -37.63
C GLY C 707 40.54 -8.34 -37.23
N VAL C 708 41.74 -8.33 -37.78
CA VAL C 708 42.71 -9.35 -37.46
C VAL C 708 43.54 -8.89 -36.28
N PHE C 709 43.92 -9.83 -35.43
CA PHE C 709 44.73 -9.53 -34.25
C PHE C 709 44.91 -10.80 -33.44
N GLN C 710 45.74 -10.71 -32.40
CA GLN C 710 46.01 -11.85 -31.55
C GLN C 710 45.19 -11.75 -30.27
N ALA C 711 44.38 -12.76 -30.02
CA ALA C 711 43.51 -12.79 -28.85
C ALA C 711 44.21 -12.41 -27.55
N GLU C 712 45.07 -13.29 -27.03
CA GLU C 712 45.76 -13.05 -25.77
C GLU C 712 46.79 -11.91 -25.81
N ALA C 713 46.81 -11.15 -26.88
CA ALA C 713 47.73 -10.04 -27.01
C ALA C 713 47.05 -8.76 -26.55
N LEU C 714 45.75 -8.85 -26.30
CA LEU C 714 44.97 -7.68 -25.87
C LEU C 714 45.00 -7.52 -24.35
N GLU C 715 44.59 -6.34 -23.88
CA GLU C 715 44.57 -6.07 -22.44
C GLU C 715 43.76 -4.84 -22.10
N GLY C 716 43.25 -4.79 -20.87
CA GLY C 716 42.46 -3.66 -20.45
C GLY C 716 41.04 -3.70 -20.95
N LYS C 717 40.56 -2.58 -21.50
CA LYS C 717 39.20 -2.49 -22.04
C LYS C 717 39.08 -3.38 -23.27
N ASP C 718 40.15 -3.47 -24.05
CA ASP C 718 40.17 -4.29 -25.25
C ASP C 718 40.05 -5.77 -24.87
N ARG C 719 40.51 -6.11 -23.67
CA ARG C 719 40.47 -7.48 -23.19
C ARG C 719 39.07 -7.78 -22.69
N GLU C 720 38.55 -6.88 -21.85
CA GLU C 720 37.21 -7.03 -21.32
C GLU C 720 36.21 -7.18 -22.45
N LEU C 721 36.20 -6.22 -23.37
CA LEU C 721 35.26 -6.27 -24.48
C LEU C 721 35.25 -7.66 -25.08
N TYR C 722 36.44 -8.19 -25.38
CA TYR C 722 36.59 -9.52 -25.97
C TYR C 722 35.95 -10.60 -25.11
N GLY C 723 36.35 -10.68 -23.85
CA GLY C 723 35.79 -11.67 -22.97
C GLY C 723 34.29 -11.53 -22.82
N LYS C 724 33.79 -10.31 -23.04
CA LYS C 724 32.36 -10.03 -22.92
C LYS C 724 31.62 -10.47 -24.17
N LEU C 725 32.26 -10.25 -25.32
CA LEU C 725 31.71 -10.63 -26.61
C LEU C 725 31.47 -12.14 -26.64
N HIS C 726 32.47 -12.91 -26.25
CA HIS C 726 32.32 -14.36 -26.24
C HIS C 726 31.37 -14.81 -25.15
N GLU C 727 31.36 -14.06 -24.06
CA GLU C 727 30.46 -14.36 -22.95
C GLU C 727 29.03 -14.22 -23.49
N THR C 728 28.88 -13.29 -24.44
CA THR C 728 27.61 -13.01 -25.09
C THR C 728 27.30 -14.09 -26.10
N LEU C 729 28.15 -14.20 -27.11
CA LEU C 729 27.97 -15.22 -28.14
C LEU C 729 27.53 -16.54 -27.54
N LYS C 730 28.19 -16.97 -26.47
CA LYS C 730 27.86 -18.22 -25.81
C LYS C 730 26.38 -18.29 -25.45
N LYS C 731 25.91 -17.29 -24.71
CA LYS C 731 24.53 -17.18 -24.27
C LYS C 731 23.56 -17.05 -25.45
N VAL C 732 23.92 -16.28 -26.46
CA VAL C 732 23.04 -16.13 -27.61
C VAL C 732 22.86 -17.44 -28.37
N THR C 733 23.93 -18.23 -28.46
CA THR C 733 23.85 -19.49 -29.18
C THR C 733 23.08 -20.51 -28.37
N GLU C 734 23.46 -20.69 -27.10
CA GLU C 734 22.78 -21.65 -26.25
C GLU C 734 21.27 -21.42 -26.26
N ASP C 735 20.86 -20.17 -26.06
CA ASP C 735 19.44 -19.84 -26.05
C ASP C 735 18.82 -20.05 -27.41
N LEU C 736 19.51 -19.60 -28.45
CA LEU C 736 18.96 -19.77 -29.77
C LEU C 736 18.57 -21.22 -29.98
N GLU C 737 19.41 -22.14 -29.50
CA GLU C 737 19.17 -23.57 -29.64
C GLU C 737 18.03 -24.08 -28.79
N ALA C 738 17.97 -23.65 -27.53
CA ALA C 738 16.91 -24.07 -26.61
C ALA C 738 15.60 -23.31 -26.82
N LEU C 739 15.53 -22.57 -27.93
CA LEU C 739 14.37 -21.75 -28.27
C LEU C 739 13.96 -20.82 -27.12
N ARG C 740 14.82 -19.86 -26.84
CA ARG C 740 14.58 -18.87 -25.79
C ARG C 740 14.90 -17.50 -26.37
N PHE C 741 14.34 -17.25 -27.55
CA PHE C 741 14.51 -16.02 -28.31
C PHE C 741 14.48 -14.72 -27.51
N ASN C 742 13.75 -14.68 -26.40
CA ASN C 742 13.70 -13.46 -25.62
C ASN C 742 15.04 -13.22 -24.94
N THR C 743 15.41 -14.08 -24.01
CA THR C 743 16.68 -13.92 -23.32
C THR C 743 17.86 -13.86 -24.30
N ALA C 744 17.65 -14.32 -25.53
CA ALA C 744 18.73 -14.26 -26.52
C ALA C 744 18.86 -12.81 -26.98
N ILE C 745 17.72 -12.16 -27.16
CA ILE C 745 17.72 -10.77 -27.58
C ILE C 745 18.18 -9.91 -26.40
N ALA C 746 17.62 -10.18 -25.23
CA ALA C 746 18.00 -9.46 -24.04
C ALA C 746 19.52 -9.50 -23.90
N ALA C 747 20.14 -10.54 -24.43
CA ALA C 747 21.58 -10.67 -24.33
C ALA C 747 22.25 -9.74 -25.32
N LEU C 748 21.68 -9.62 -26.50
CA LEU C 748 22.21 -8.75 -27.56
C LEU C 748 22.06 -7.27 -27.18
N MET C 749 21.03 -6.96 -26.40
CA MET C 749 20.80 -5.60 -25.97
C MET C 749 21.91 -5.23 -25.01
N GLU C 750 22.08 -6.07 -23.99
CA GLU C 750 23.11 -5.84 -23.01
C GLU C 750 24.48 -5.64 -23.67
N PHE C 751 24.78 -6.42 -24.71
CA PHE C 751 26.08 -6.26 -25.35
C PHE C 751 26.13 -4.97 -26.14
N LEU C 752 24.96 -4.48 -26.56
CA LEU C 752 24.90 -3.22 -27.31
C LEU C 752 25.32 -2.09 -26.37
N ASN C 753 24.91 -2.20 -25.12
CA ASN C 753 25.24 -1.20 -24.10
C ASN C 753 26.75 -1.26 -23.86
N ALA C 754 27.31 -2.47 -23.82
CA ALA C 754 28.74 -2.66 -23.58
C ALA C 754 29.60 -2.05 -24.69
N LEU C 755 29.06 -2.03 -25.90
CA LEU C 755 29.76 -1.45 -27.04
C LEU C 755 29.82 0.07 -26.86
N TYR C 756 28.76 0.66 -26.31
CA TYR C 756 28.73 2.10 -26.08
C TYR C 756 29.73 2.46 -24.97
N GLU C 757 29.56 1.90 -23.78
CA GLU C 757 30.47 2.15 -22.67
C GLU C 757 31.93 1.99 -23.10
N TYR C 758 32.15 1.14 -24.11
CA TYR C 758 33.47 0.91 -24.62
C TYR C 758 33.92 2.14 -25.41
N ARG C 759 33.08 2.60 -26.33
CA ARG C 759 33.44 3.75 -27.13
C ARG C 759 33.66 5.04 -26.33
N LYS C 760 33.14 5.08 -25.10
CA LYS C 760 33.32 6.25 -24.24
C LYS C 760 34.81 6.43 -23.91
N ASP C 761 35.57 5.35 -24.05
CA ASP C 761 37.01 5.37 -23.76
C ASP C 761 37.81 5.02 -25.01
N ARG C 762 38.13 3.74 -25.17
CA ARG C 762 38.90 3.29 -26.32
C ARG C 762 38.21 3.66 -27.64
N PRO C 763 38.99 3.87 -28.70
CA PRO C 763 38.47 4.21 -30.04
C PRO C 763 38.03 3.00 -30.83
N VAL C 764 38.03 3.14 -32.15
CA VAL C 764 37.63 2.07 -33.04
C VAL C 764 38.81 1.13 -33.28
N THR C 765 38.98 0.19 -32.37
CA THR C 765 40.06 -0.79 -32.43
C THR C 765 39.69 -2.03 -33.25
N PRO C 766 40.68 -2.90 -33.52
CA PRO C 766 40.42 -4.13 -34.29
C PRO C 766 39.41 -5.02 -33.57
N VAL C 767 39.63 -5.26 -32.27
CA VAL C 767 38.72 -6.08 -31.51
C VAL C 767 37.33 -5.49 -31.69
N TYR C 768 37.24 -4.16 -31.69
CA TYR C 768 35.96 -3.51 -31.88
C TYR C 768 35.38 -3.88 -33.22
N ARG C 769 36.19 -3.80 -34.27
CA ARG C 769 35.70 -4.16 -35.59
C ARG C 769 35.16 -5.59 -35.53
N THR C 770 35.82 -6.44 -34.75
CA THR C 770 35.39 -7.82 -34.63
C THR C 770 34.06 -7.94 -33.91
N ALA C 771 33.87 -7.15 -32.85
CA ALA C 771 32.62 -7.17 -32.10
C ALA C 771 31.47 -6.76 -33.01
N ILE C 772 31.77 -5.95 -34.00
CA ILE C 772 30.72 -5.53 -34.90
C ILE C 772 30.42 -6.63 -35.90
N ARG C 773 31.46 -7.31 -36.37
CA ARG C 773 31.27 -8.41 -37.32
C ARG C 773 30.44 -9.51 -36.67
N TYR C 774 30.79 -9.85 -35.43
CA TYR C 774 30.10 -10.87 -34.67
C TYR C 774 28.66 -10.46 -34.35
N TYR C 775 28.50 -9.23 -33.86
CA TYR C 775 27.17 -8.73 -33.50
C TYR C 775 26.17 -8.79 -34.66
N LEU C 776 26.59 -8.33 -35.82
CA LEU C 776 25.70 -8.34 -36.98
C LEU C 776 25.30 -9.76 -37.30
N GLN C 777 26.18 -10.71 -37.00
CA GLN C 777 25.90 -12.11 -37.27
C GLN C 777 24.88 -12.65 -36.28
N MET C 778 25.13 -12.45 -34.99
CA MET C 778 24.21 -12.93 -33.97
C MET C 778 22.85 -12.28 -34.14
N LEU C 779 22.83 -11.14 -34.82
CA LEU C 779 21.61 -10.38 -35.04
C LEU C 779 20.73 -10.90 -36.18
N PHE C 780 21.38 -11.26 -37.26
CA PHE C 780 20.72 -11.77 -38.47
C PHE C 780 19.45 -12.59 -38.29
N PRO C 781 19.45 -13.56 -37.36
CA PRO C 781 18.25 -14.38 -37.14
C PRO C 781 17.02 -13.57 -36.73
N PHE C 782 17.22 -12.65 -35.78
CA PHE C 782 16.16 -11.80 -35.25
C PHE C 782 15.81 -10.62 -36.13
N ALA C 783 16.82 -9.84 -36.49
CA ALA C 783 16.64 -8.66 -37.32
C ALA C 783 17.51 -8.83 -38.56
N PRO C 784 17.08 -9.69 -39.48
CA PRO C 784 17.82 -9.95 -40.71
C PRO C 784 18.01 -8.77 -41.65
N HIS C 785 17.05 -7.86 -41.71
CA HIS C 785 17.18 -6.74 -42.64
C HIS C 785 18.25 -5.76 -42.21
N LEU C 786 18.05 -5.18 -41.05
CA LEU C 786 18.99 -4.21 -40.51
C LEU C 786 20.41 -4.78 -40.56
N ALA C 787 20.56 -6.03 -40.13
CA ALA C 787 21.86 -6.69 -40.11
C ALA C 787 22.49 -6.80 -41.49
N GLU C 788 21.75 -7.37 -42.43
CA GLU C 788 22.24 -7.54 -43.80
C GLU C 788 22.66 -6.18 -44.34
N GLU C 789 21.94 -5.14 -43.90
CA GLU C 789 22.21 -3.78 -44.33
C GLU C 789 23.59 -3.36 -43.85
N LEU C 790 23.71 -3.16 -42.55
CA LEU C 790 24.96 -2.77 -41.91
C LEU C 790 26.10 -3.67 -42.37
N TRP C 791 25.80 -4.96 -42.46
CA TRP C 791 26.81 -5.92 -42.87
C TRP C 791 27.43 -5.58 -44.21
N HIS C 792 26.61 -5.31 -45.21
CA HIS C 792 27.15 -5.00 -46.52
C HIS C 792 27.91 -3.68 -46.63
N TRP C 793 28.28 -3.12 -45.48
CA TRP C 793 29.05 -1.87 -45.46
C TRP C 793 30.52 -2.20 -45.40
N PHE C 794 30.84 -3.37 -44.88
CA PHE C 794 32.22 -3.78 -44.73
C PHE C 794 32.53 -5.14 -45.35
N TRP C 795 31.49 -5.83 -45.82
CA TRP C 795 31.66 -7.15 -46.42
C TRP C 795 30.76 -7.31 -47.65
N PRO C 796 31.20 -8.12 -48.64
CA PRO C 796 30.48 -8.40 -49.89
C PRO C 796 29.38 -9.47 -49.85
N ASP C 797 29.74 -10.65 -49.35
CA ASP C 797 28.82 -11.78 -49.27
C ASP C 797 27.68 -11.63 -48.26
N SER C 798 26.53 -12.23 -48.58
CA SER C 798 25.38 -12.19 -47.69
C SER C 798 25.72 -12.74 -46.33
N LEU C 799 24.89 -12.44 -45.34
CA LEU C 799 25.12 -12.92 -43.99
C LEU C 799 24.84 -14.41 -43.85
N PHE C 800 24.34 -15.02 -44.92
CA PHE C 800 24.07 -16.45 -44.91
C PHE C 800 25.39 -17.24 -45.02
N GLU C 801 26.28 -16.74 -45.88
CA GLU C 801 27.57 -17.36 -46.12
C GLU C 801 28.65 -16.91 -45.13
N ALA C 802 28.22 -16.20 -44.09
CA ALA C 802 29.13 -15.68 -43.09
C ALA C 802 29.42 -16.72 -42.01
N GLY C 803 28.54 -17.72 -41.92
CA GLY C 803 28.71 -18.75 -40.92
C GLY C 803 28.31 -18.24 -39.55
N TRP C 804 28.56 -19.03 -38.52
CA TRP C 804 28.20 -18.62 -37.17
C TRP C 804 29.42 -18.51 -36.26
N PRO C 805 29.67 -17.31 -35.72
CA PRO C 805 30.79 -17.01 -34.83
C PRO C 805 31.25 -18.17 -33.95
N GLU C 806 32.56 -18.44 -33.98
CA GLU C 806 33.13 -19.52 -33.20
C GLU C 806 33.45 -19.09 -31.78
N LEU C 807 32.91 -19.84 -30.82
CA LEU C 807 33.12 -19.53 -29.41
C LEU C 807 34.60 -19.63 -29.07
N ASP C 808 34.98 -19.15 -27.89
CA ASP C 808 36.37 -19.18 -27.45
C ASP C 808 36.42 -19.37 -25.94
N GLU C 809 36.38 -20.63 -25.53
CA GLU C 809 36.40 -21.03 -24.11
C GLU C 809 37.37 -20.23 -23.24
N LYS C 810 38.47 -19.79 -23.84
CA LYS C 810 39.49 -19.02 -23.12
C LYS C 810 38.98 -17.66 -22.68
N ALA C 811 38.30 -16.97 -23.59
CA ALA C 811 37.78 -15.63 -23.32
C ALA C 811 36.82 -15.61 -22.14
N LEU C 812 36.07 -16.70 -21.95
CA LEU C 812 35.10 -16.77 -20.87
C LEU C 812 35.75 -16.87 -19.50
N GLU C 813 37.06 -16.72 -19.46
CA GLU C 813 37.81 -16.80 -18.20
C GLU C 813 37.92 -15.43 -17.52
N LYS C 814 37.68 -15.40 -16.21
CA LYS C 814 37.75 -14.17 -15.44
C LYS C 814 39.03 -13.98 -14.63
N ASP C 815 39.34 -12.71 -14.39
CA ASP C 815 40.52 -12.31 -13.61
C ASP C 815 40.14 -11.03 -12.88
N VAL C 816 40.27 -11.05 -11.55
CA VAL C 816 39.91 -9.88 -10.75
C VAL C 816 38.42 -9.57 -10.93
N VAL C 817 37.58 -10.43 -10.35
CA VAL C 817 36.14 -10.26 -10.42
C VAL C 817 35.69 -9.52 -9.16
N GLU C 818 34.49 -8.95 -9.19
CA GLU C 818 33.99 -8.22 -8.04
C GLU C 818 33.46 -9.19 -6.98
N VAL C 819 34.24 -9.36 -5.92
CA VAL C 819 33.87 -10.25 -4.83
C VAL C 819 33.07 -9.51 -3.78
N ALA C 820 31.99 -10.14 -3.31
CA ALA C 820 31.15 -9.56 -2.29
C ALA C 820 31.72 -9.87 -0.93
N VAL C 821 31.83 -8.84 -0.11
CA VAL C 821 32.37 -9.00 1.24
C VAL C 821 31.25 -8.75 2.22
N GLN C 822 30.77 -9.80 2.84
CA GLN C 822 29.69 -9.68 3.80
C GLN C 822 30.21 -9.98 5.19
N VAL C 823 29.52 -9.46 6.20
CA VAL C 823 29.89 -9.72 7.58
C VAL C 823 28.73 -10.43 8.24
N ASN C 824 29.03 -11.58 8.85
CA ASN C 824 28.02 -12.40 9.50
C ASN C 824 26.88 -12.80 8.57
N GLY C 825 26.92 -12.32 7.32
CA GLY C 825 25.87 -12.65 6.37
C GLY C 825 25.40 -11.49 5.51
N ARG C 826 25.14 -10.33 6.11
CA ARG C 826 24.68 -9.16 5.35
C ARG C 826 25.84 -8.64 4.48
N VAL C 827 25.57 -8.55 3.17
CA VAL C 827 26.54 -8.05 2.20
C VAL C 827 26.67 -6.56 2.36
N ARG C 828 27.76 -6.12 2.98
CA ARG C 828 27.95 -4.69 3.18
C ARG C 828 29.08 -4.09 2.35
N GLY C 829 29.10 -4.36 1.05
CA GLY C 829 30.14 -3.82 0.19
C GLY C 829 30.83 -4.89 -0.63
N THR C 830 31.65 -4.45 -1.58
CA THR C 830 32.37 -5.36 -2.44
C THR C 830 33.77 -4.87 -2.77
N ILE C 831 34.60 -5.75 -3.32
CA ILE C 831 35.98 -5.44 -3.71
C ILE C 831 36.28 -5.97 -5.09
N HIS C 832 37.50 -5.73 -5.57
CA HIS C 832 37.89 -6.19 -6.91
C HIS C 832 39.22 -6.92 -6.95
N ILE C 833 39.30 -8.06 -6.29
CA ILE C 833 40.53 -8.82 -6.27
C ILE C 833 40.51 -9.94 -7.29
N PRO C 834 41.70 -10.46 -7.66
CA PRO C 834 41.76 -11.55 -8.64
C PRO C 834 40.96 -12.78 -8.25
N LYS C 835 40.53 -13.52 -9.26
CA LYS C 835 39.76 -14.73 -9.06
C LYS C 835 40.54 -15.70 -8.17
N ASP C 836 41.86 -15.56 -8.18
CA ASP C 836 42.76 -16.43 -7.42
C ASP C 836 43.17 -15.85 -6.06
N ALA C 837 43.16 -14.53 -5.95
CA ALA C 837 43.54 -13.83 -4.72
C ALA C 837 43.41 -14.67 -3.45
N PRO C 838 44.53 -14.88 -2.74
CA PRO C 838 44.54 -15.66 -1.49
C PRO C 838 43.79 -14.97 -0.35
N LEU C 839 43.34 -15.76 0.61
CA LEU C 839 42.59 -15.26 1.77
C LEU C 839 43.13 -13.92 2.27
N GLU C 840 44.45 -13.83 2.40
CA GLU C 840 45.10 -12.62 2.90
C GLU C 840 44.98 -11.41 2.00
N VAL C 841 45.05 -11.62 0.70
CA VAL C 841 44.94 -10.52 -0.24
C VAL C 841 43.50 -10.04 -0.26
N ALA C 842 42.58 -10.93 0.07
CA ALA C 842 41.17 -10.58 0.11
C ALA C 842 40.88 -9.98 1.47
N ARG C 843 41.35 -10.66 2.51
CA ARG C 843 41.15 -10.23 3.90
C ARG C 843 41.56 -8.78 4.08
N ALA C 844 42.74 -8.44 3.56
CA ALA C 844 43.27 -7.09 3.66
C ALA C 844 42.49 -6.13 2.78
N GLU C 845 42.38 -6.46 1.50
CA GLU C 845 41.65 -5.61 0.56
C GLU C 845 40.22 -5.35 1.02
N ALA C 846 39.70 -6.27 1.84
CA ALA C 846 38.35 -6.16 2.35
C ALA C 846 38.20 -4.98 3.28
N LEU C 847 38.86 -5.06 4.43
CA LEU C 847 38.81 -4.00 5.45
C LEU C 847 38.74 -2.62 4.80
N LYS C 848 39.67 -2.37 3.88
CA LYS C 848 39.76 -1.11 3.16
C LYS C 848 38.81 -1.01 1.96
N VAL C 849 37.56 -0.66 2.24
CA VAL C 849 36.56 -0.51 1.17
C VAL C 849 35.97 0.92 1.16
N ARG C 850 34.98 1.16 0.31
CA ARG C 850 34.36 2.48 0.25
C ARG C 850 33.93 2.91 1.65
N ASN C 851 32.79 2.39 2.08
CA ASN C 851 32.23 2.71 3.38
C ASN C 851 32.96 2.05 4.56
N VAL C 852 33.89 1.14 4.24
CA VAL C 852 34.66 0.44 5.27
C VAL C 852 33.71 -0.04 6.38
N ARG C 853 32.51 -0.44 5.99
CA ARG C 853 31.52 -0.93 6.94
C ARG C 853 32.00 -2.20 7.59
N ALA C 854 32.79 -2.97 6.84
CA ALA C 854 33.32 -4.23 7.36
C ALA C 854 34.18 -3.95 8.58
N HIS C 855 34.70 -2.72 8.68
CA HIS C 855 35.56 -2.28 9.78
C HIS C 855 34.72 -1.88 11.01
N LEU C 856 33.68 -1.11 10.79
CA LEU C 856 32.80 -0.68 11.87
C LEU C 856 31.84 -1.79 12.27
N GLU C 857 30.98 -2.20 11.33
CA GLU C 857 29.98 -3.25 11.59
C GLU C 857 30.56 -4.58 12.08
N GLY C 858 31.88 -4.70 12.09
CA GLY C 858 32.49 -5.93 12.56
C GLY C 858 33.80 -5.68 13.29
N LYS C 859 33.74 -5.53 14.61
CA LYS C 859 34.95 -5.27 15.40
C LYS C 859 35.35 -6.44 16.31
N GLU C 860 35.18 -7.67 15.82
CA GLU C 860 35.54 -8.87 16.58
C GLU C 860 36.14 -9.97 15.68
N VAL C 861 35.30 -10.54 14.82
CA VAL C 861 35.70 -11.61 13.89
C VAL C 861 36.26 -12.87 14.60
N VAL C 862 35.93 -14.04 14.04
CA VAL C 862 36.35 -15.33 14.58
C VAL C 862 36.64 -16.29 13.42
N LYS C 863 35.59 -16.63 12.67
CA LYS C 863 35.71 -17.52 11.53
C LYS C 863 35.65 -16.72 10.23
N GLU C 864 36.12 -17.31 9.13
CA GLU C 864 36.12 -16.63 7.84
C GLU C 864 35.79 -17.62 6.73
N ILE C 865 34.94 -17.19 5.80
CA ILE C 865 34.53 -18.03 4.68
C ILE C 865 34.86 -17.33 3.38
N TYR C 866 35.72 -17.94 2.57
CA TYR C 866 36.14 -17.34 1.32
C TYR C 866 35.86 -18.24 0.11
N VAL C 867 34.98 -17.77 -0.75
CA VAL C 867 34.60 -18.47 -1.97
C VAL C 867 35.27 -17.70 -3.10
N PRO C 868 36.54 -18.03 -3.38
CA PRO C 868 37.38 -17.42 -4.43
C PRO C 868 36.61 -16.73 -5.52
N GLY C 869 35.56 -17.38 -5.98
CA GLY C 869 34.76 -16.80 -7.04
C GLY C 869 34.21 -15.42 -6.72
N LYS C 870 33.46 -15.31 -5.63
CA LYS C 870 32.86 -14.02 -5.29
C LYS C 870 32.33 -13.78 -3.89
N ILE C 871 32.77 -14.55 -2.90
CA ILE C 871 32.27 -14.30 -1.56
C ILE C 871 33.31 -14.30 -0.47
N LEU C 872 33.16 -13.38 0.47
CA LEU C 872 34.07 -13.28 1.59
C LEU C 872 33.24 -12.91 2.80
N ASN C 873 33.01 -13.87 3.67
CA ASN C 873 32.22 -13.63 4.86
C ASN C 873 33.07 -13.60 6.12
N LEU C 874 32.86 -12.59 6.95
CA LEU C 874 33.60 -12.44 8.20
C LEU C 874 32.72 -12.81 9.39
N VAL C 875 32.72 -14.09 9.73
CA VAL C 875 31.92 -14.61 10.83
C VAL C 875 32.38 -14.03 12.16
N VAL C 876 31.84 -12.87 12.52
CA VAL C 876 32.17 -12.19 13.77
C VAL C 876 31.90 -13.08 14.99
#